data_6HX4
#
_entry.id   6HX4
#
_cell.length_a   247.480
_cell.length_b   36.750
_cell.length_c   201.780
_cell.angle_alpha   90.000
_cell.angle_beta   126.070
_cell.angle_gamma   90.000
#
_symmetry.space_group_name_H-M   'C 1 2 1'
#
loop_
_entity.id
_entity.type
_entity.pdbx_description
1 polymer Alpha-1-antitrypsin
2 polymer 'Fab 1D9 heavy chain'
3 polymer 'Fab 1D9 light chain'
4 water water
#
loop_
_entity_poly.entity_id
_entity_poly.type
_entity_poly.pdbx_seq_one_letter_code
_entity_poly.pdbx_strand_id
1 'polypeptide(L)'
;MRGSDPQGDAAQKTDTSHHDQDHPTFNKITPNLAEFAFSLYRQLAHQSNSTNIFFSPVSIATAFAMLSLGTKADTHDEIL
EGLNFNLTEIPEAQIHEGFQELLRTLNQPDSQLQLTTGNGLFLSEGLKLVDKFLEDVKKLYHSEAFTVNFGDTEEAKKQI
NDYVEKGTQGKIVDLVKELDRDTVFALVNYIFFKGKWERPFEVKDTEEEDFHVDQVTTVKVPMMKRLGMFNIQHCKKLSS
WVLLMKYLGNATAIFFLPDEGKLQHLENELTHDIITKFLENEDRRSASLHLPKLSITGTYDLKSVLGQLGITKVFSNGAD
LSGVTEEAPLKLSKAVHKAVLTIDEKGTEAAGAMFLEAIPMSIPPEVKFNKPFVFLMIEQNTKSPLFMGKVVNPTQK
;
A,B
2 'polypeptide(L)'
;DVQLVESGGGLVKPGGSLKLSCAASGFTFSSYTMSWVRQTPEKRLEWVATISSGGDYTYSPDSVKGRFTISRDNAKSTLY
LQMSSLKSEDTAMFYCSRAEFITTATWGVYAMDYWGQGTSVTVSSAKTTPPSVYPLAPGSAAQTNSMVTLGCLVKGYFPE
PVTVTWNSGSLSSGVHTFPAVLQSDLYTLSSSVTVPSSTWPSETVTCNVAHPASSTKVDKKIVPRDCD
;
H,I
3 'polypeptide(L)'
;DIVLTQSPDSLAVSLGQRATISCRASESVDNYGISFMNWFQQKPGQPPKLLIYAASNQGSGVPARFSGSGSGTDFSLNIH
PMEEDDTAMYFCQQSKEVPWTFGGGTKLEIKRADAAPTVSIFPPSSEQLTSGGASVVCFLNNFYPKDINVKWKIDGSERQ
NGVLNSWTDQDSKDSTYSMSSTLTLTKDEYERHNSYTCEATHKTSTSPIVKSFNRNE
;
L,M
#
# COMPACT_ATOMS: atom_id res chain seq x y z
N LYS A 28 -16.04 66.82 -12.58
CA LYS A 28 -15.88 68.17 -12.06
C LYS A 28 -15.97 68.18 -10.54
N ILE A 29 -16.63 67.17 -9.98
CA ILE A 29 -16.76 67.04 -8.53
C ILE A 29 -15.83 66.00 -7.94
N THR A 30 -15.23 65.14 -8.78
CA THR A 30 -14.35 64.09 -8.25
C THR A 30 -13.09 64.62 -7.56
N PRO A 31 -12.41 65.66 -8.05
CA PRO A 31 -11.27 66.17 -7.28
C PRO A 31 -11.66 66.67 -5.89
N ASN A 32 -12.86 67.23 -5.75
CA ASN A 32 -13.32 67.66 -4.42
C ASN A 32 -13.72 66.46 -3.57
N LEU A 33 -14.34 65.45 -4.18
CA LEU A 33 -14.75 64.26 -3.44
C LEU A 33 -13.58 63.34 -3.14
N ALA A 34 -12.58 63.29 -4.02
CA ALA A 34 -11.40 62.46 -3.76
C ALA A 34 -10.59 63.03 -2.60
N GLU A 35 -10.47 64.36 -2.53
CA GLU A 35 -9.80 64.97 -1.38
C GLU A 35 -10.58 64.72 -0.10
N PHE A 36 -11.91 64.63 -0.20
CA PHE A 36 -12.72 64.25 0.96
C PHE A 36 -12.48 62.81 1.36
N ALA A 37 -12.19 61.94 0.39
CA ALA A 37 -11.93 60.53 0.69
C ALA A 37 -10.66 60.38 1.51
N PHE A 38 -9.60 61.09 1.15
CA PHE A 38 -8.34 60.99 1.89
C PHE A 38 -8.46 61.62 3.28
N SER A 39 -9.06 62.82 3.34
CA SER A 39 -9.23 63.47 4.64
C SER A 39 -10.12 62.67 5.57
N LEU A 40 -11.07 61.92 5.03
CA LEU A 40 -11.88 61.03 5.84
C LEU A 40 -11.14 59.74 6.17
N TYR A 41 -10.31 59.26 5.25
CA TYR A 41 -9.53 58.05 5.51
C TYR A 41 -8.41 58.33 6.50
N ARG A 42 -7.62 59.38 6.25
CA ARG A 42 -6.54 59.74 7.16
C ARG A 42 -7.05 60.05 8.56
N GLN A 43 -8.26 60.60 8.65
CA GLN A 43 -8.88 60.81 9.95
C GLN A 43 -9.19 59.49 10.63
N LEU A 44 -9.43 58.43 9.86
CA LEU A 44 -9.74 57.12 10.43
C LEU A 44 -8.50 56.32 10.79
N ALA A 45 -7.34 56.66 10.23
CA ALA A 45 -6.10 56.00 10.64
C ALA A 45 -5.75 56.36 12.08
N HIS A 46 -5.89 57.64 12.44
CA HIS A 46 -5.64 58.06 13.81
C HIS A 46 -6.64 57.40 14.77
N GLN A 47 -7.92 57.50 14.46
CA GLN A 47 -8.95 56.87 15.29
C GLN A 47 -8.89 55.35 15.17
N ASN A 49 -6.54 52.38 14.90
CA ASN A 49 -5.09 52.44 14.84
C ASN A 49 -4.52 51.20 14.13
N SER A 50 -4.93 50.03 14.59
CA SER A 50 -4.57 48.75 13.98
C SER A 50 -5.83 47.95 13.65
N THR A 51 -6.86 48.64 13.19
CA THR A 51 -8.13 48.01 12.84
C THR A 51 -8.34 48.08 11.33
N ASN A 52 -9.21 47.20 10.84
CA ASN A 52 -9.56 47.21 9.43
C ASN A 52 -10.35 48.45 9.07
N ILE A 53 -10.00 49.07 7.95
CA ILE A 53 -10.68 50.25 7.45
C ILE A 53 -11.39 49.87 6.15
N PHE A 54 -12.65 50.29 6.03
CA PHE A 54 -13.38 50.13 4.78
C PHE A 54 -14.62 51.00 4.84
N PHE A 55 -14.73 51.94 3.90
CA PHE A 55 -15.88 52.83 3.84
C PHE A 55 -16.07 53.28 2.39
N SER A 56 -17.24 53.85 2.11
CA SER A 56 -17.55 54.37 0.79
C SER A 56 -17.56 55.89 0.84
N PRO A 57 -16.57 56.56 0.25
CA PRO A 57 -16.59 58.04 0.26
C PRO A 57 -17.77 58.63 -0.49
N VAL A 58 -18.17 58.01 -1.60
CA VAL A 58 -19.31 58.54 -2.36
C VAL A 58 -20.60 58.35 -1.59
N SER A 59 -20.74 57.25 -0.85
CA SER A 59 -21.96 57.02 -0.10
C SER A 59 -22.09 57.97 1.08
N ILE A 60 -20.98 58.20 1.79
CA ILE A 60 -20.99 59.16 2.89
C ILE A 60 -21.21 60.57 2.35
N ALA A 61 -20.62 60.88 1.19
CA ALA A 61 -20.78 62.21 0.61
C ALA A 61 -22.20 62.44 0.13
N THR A 62 -22.79 61.45 -0.54
CA THR A 62 -24.17 61.59 -1.02
C THR A 62 -25.16 61.65 0.13
N ALA A 63 -24.88 60.95 1.23
CA ALA A 63 -25.81 60.93 2.35
C ALA A 63 -25.93 62.31 3.00
N PHE A 64 -24.81 63.01 3.18
CA PHE A 64 -24.86 64.32 3.81
C PHE A 64 -25.17 65.43 2.81
N ALA A 65 -24.84 65.24 1.53
CA ALA A 65 -25.34 66.14 0.51
C ALA A 65 -26.85 66.07 0.42
N MET A 66 -27.41 64.86 0.54
CA MET A 66 -28.86 64.72 0.64
C MET A 66 -29.40 65.40 1.89
N LEU A 67 -28.71 65.23 3.02
CA LEU A 67 -29.16 65.83 4.27
C LEU A 67 -29.13 67.35 4.20
N SER A 68 -28.26 67.92 3.37
CA SER A 68 -28.16 69.37 3.27
C SER A 68 -29.45 70.01 2.74
N LEU A 69 -30.29 69.23 2.06
CA LEU A 69 -31.52 69.78 1.49
C LEU A 69 -32.47 70.31 2.55
N GLY A 70 -32.37 69.82 3.78
CA GLY A 70 -33.26 70.28 4.84
C GLY A 70 -32.58 71.10 5.91
N THR A 71 -31.58 71.88 5.51
CA THR A 71 -30.79 72.68 6.43
C THR A 71 -30.87 74.16 6.06
N LYS A 72 -30.59 75.02 7.04
CA LYS A 72 -30.60 76.47 6.86
C LYS A 72 -29.17 76.98 6.67
N ALA A 73 -29.07 78.30 6.41
CA ALA A 73 -27.85 78.89 5.89
C ALA A 73 -26.59 78.46 6.62
N ASP A 74 -26.51 78.76 7.92
CA ASP A 74 -25.31 78.42 8.69
C ASP A 74 -25.14 76.90 8.77
N THR A 75 -26.23 76.18 8.98
CA THR A 75 -26.15 74.72 9.06
C THR A 75 -25.89 74.10 7.69
N HIS A 76 -26.46 74.68 6.64
CA HIS A 76 -26.24 74.16 5.30
C HIS A 76 -24.81 74.41 4.83
N ASP A 77 -24.22 75.53 5.23
CA ASP A 77 -22.89 75.90 4.75
C ASP A 77 -21.83 74.93 5.28
N GLU A 78 -21.97 74.49 6.53
CA GLU A 78 -20.97 73.60 7.11
C GLU A 78 -20.90 72.27 6.39
N ILE A 79 -22.05 71.71 6.01
CA ILE A 79 -22.07 70.40 5.38
C ILE A 79 -21.34 70.44 4.04
N LEU A 80 -21.71 71.38 3.18
CA LEU A 80 -21.06 71.47 1.87
C LEU A 80 -19.60 71.85 1.99
N GLU A 81 -19.28 72.80 2.87
CA GLU A 81 -17.89 73.16 3.11
C GLU A 81 -17.12 71.99 3.69
N GLY A 82 -17.75 71.21 4.57
CA GLY A 82 -17.14 70.02 5.12
C GLY A 82 -16.91 68.91 4.12
N LEU A 83 -17.52 69.00 2.93
CA LEU A 83 -17.30 68.04 1.85
C LEU A 83 -16.35 68.58 0.79
N ASN A 84 -15.47 69.52 1.18
CA ASN A 84 -14.46 70.09 0.28
C ASN A 84 -15.09 70.87 -0.86
N PHE A 85 -16.18 71.57 -0.57
CA PHE A 85 -16.80 72.46 -1.55
C PHE A 85 -16.65 73.91 -1.14
N ILE A 90 -16.12 78.66 -6.23
CA ILE A 90 -17.30 78.72 -5.39
C ILE A 90 -18.30 77.65 -5.83
N PRO A 91 -18.82 76.88 -4.87
CA PRO A 91 -19.72 75.77 -5.21
C PRO A 91 -20.91 76.21 -6.06
N GLU A 92 -21.29 75.34 -6.99
CA GLU A 92 -22.39 75.62 -7.90
C GLU A 92 -23.74 75.22 -7.33
N ALA A 93 -23.77 74.26 -6.41
CA ALA A 93 -24.95 73.61 -5.86
C ALA A 93 -25.69 72.75 -6.89
N GLN A 94 -25.18 72.66 -8.12
CA GLN A 94 -25.57 71.60 -9.03
C GLN A 94 -24.93 70.28 -8.67
N ILE A 95 -24.21 70.24 -7.54
CA ILE A 95 -23.58 69.04 -7.03
C ILE A 95 -24.60 67.92 -6.85
N HIS A 96 -25.84 68.29 -6.52
CA HIS A 96 -26.90 67.28 -6.40
C HIS A 96 -27.11 66.55 -7.71
N GLU A 97 -27.08 67.28 -8.83
CA GLU A 97 -27.16 66.63 -10.13
C GLU A 97 -25.92 65.80 -10.41
N GLY A 98 -24.74 66.34 -10.09
CA GLY A 98 -23.52 65.55 -10.20
C GLY A 98 -23.54 64.33 -9.32
N PHE A 99 -24.10 64.46 -8.10
CA PHE A 99 -24.31 63.30 -7.25
C PHE A 99 -25.41 62.42 -7.81
N GLN A 100 -26.47 63.02 -8.37
CA GLN A 100 -27.53 62.22 -8.98
C GLN A 100 -27.01 61.53 -10.24
N GLU A 101 -26.21 62.22 -11.05
CA GLU A 101 -25.62 61.59 -12.23
C GLU A 101 -24.69 60.45 -11.84
N LEU A 102 -23.91 60.64 -10.78
CA LEU A 102 -23.07 59.55 -10.27
C LEU A 102 -23.94 58.41 -9.74
N LEU A 103 -24.97 58.75 -8.95
CA LEU A 103 -25.86 57.73 -8.43
C LEU A 103 -26.64 57.04 -9.55
N ARG A 104 -26.99 57.80 -10.60
CA ARG A 104 -27.65 57.20 -11.75
C ARG A 104 -26.69 56.34 -12.56
N THR A 105 -25.43 56.78 -12.67
CA THR A 105 -24.41 55.92 -13.27
C THR A 105 -24.24 54.63 -12.48
N LEU A 106 -24.37 54.71 -11.15
CA LEU A 106 -24.31 53.53 -10.30
C LEU A 106 -25.66 52.85 -10.13
N ASN A 107 -26.71 53.38 -10.74
CA ASN A 107 -28.04 52.79 -10.59
C ASN A 107 -28.08 51.40 -11.21
N GLN A 108 -28.93 50.54 -10.66
CA GLN A 108 -29.06 49.16 -11.12
C GLN A 108 -29.60 49.08 -12.54
CA SER A 111 -26.38 48.60 -13.93
C SER A 111 -25.64 47.32 -14.27
N GLN A 112 -24.40 47.21 -13.79
CA GLN A 112 -23.51 46.14 -14.18
C GLN A 112 -22.69 45.52 -13.05
N LEU A 113 -22.91 45.92 -11.79
CA LEU A 113 -22.17 45.30 -10.69
C LEU A 113 -23.09 45.18 -9.48
N GLN A 114 -22.96 44.06 -8.76
CA GLN A 114 -23.81 43.86 -7.60
C GLN A 114 -23.37 44.79 -6.48
N LEU A 115 -24.00 45.97 -6.40
CA LEU A 115 -23.65 47.01 -5.43
C LEU A 115 -24.90 47.38 -4.66
N THR A 116 -24.90 47.12 -3.36
CA THR A 116 -26.01 47.45 -2.49
C THR A 116 -25.68 48.71 -1.72
N THR A 117 -26.49 49.76 -1.90
CA THR A 117 -26.29 51.03 -1.22
C THR A 117 -27.64 51.63 -0.89
N GLY A 118 -27.72 52.30 0.25
CA GLY A 118 -28.96 52.94 0.66
C GLY A 118 -28.74 53.87 1.82
N ASN A 119 -29.71 54.76 2.01
CA ASN A 119 -29.70 55.72 3.11
C ASN A 119 -31.04 55.68 3.81
N GLY A 120 -31.01 55.50 5.13
CA GLY A 120 -32.24 55.47 5.90
C GLY A 120 -32.34 56.62 6.89
N LEU A 121 -33.44 57.37 6.82
CA LEU A 121 -33.70 58.46 7.74
C LEU A 121 -34.78 58.02 8.71
N PHE A 122 -34.45 58.01 10.00
CA PHE A 122 -35.36 57.54 11.04
C PHE A 122 -35.64 58.68 12.00
N LEU A 123 -36.91 59.09 12.06
CA LEU A 123 -37.36 60.17 12.94
C LEU A 123 -38.35 59.62 13.95
N SER A 124 -38.54 60.35 15.04
CA SER A 124 -39.47 59.96 16.07
C SER A 124 -40.90 60.28 15.66
N GLU A 125 -41.83 59.38 16.02
CA GLU A 125 -43.23 59.60 15.70
C GLU A 125 -43.74 60.87 16.37
N GLY A 126 -44.84 61.39 15.84
CA GLY A 126 -45.15 62.79 16.09
C GLY A 126 -44.17 63.63 15.31
N LEU A 127 -43.73 64.74 15.92
CA LEU A 127 -42.65 65.56 15.37
C LEU A 127 -42.96 65.96 13.93
N LYS A 128 -43.93 66.88 13.81
CA LYS A 128 -44.50 67.28 12.52
C LYS A 128 -43.45 67.46 11.44
N LEU A 129 -43.49 66.61 10.41
CA LEU A 129 -42.47 66.59 9.38
C LEU A 129 -42.87 67.47 8.20
N VAL A 130 -41.86 67.84 7.41
CA VAL A 130 -42.05 68.61 6.19
C VAL A 130 -42.07 67.63 5.02
N ASP A 131 -43.19 67.59 4.30
CA ASP A 131 -43.34 66.61 3.22
C ASP A 131 -42.53 66.98 1.98
N LYS A 132 -42.16 68.24 1.81
CA LYS A 132 -41.31 68.61 0.68
C LYS A 132 -39.92 68.00 0.80
N PHE A 133 -39.47 67.67 2.02
CA PHE A 133 -38.16 67.08 2.21
C PHE A 133 -38.16 65.59 1.85
N LEU A 134 -39.17 64.85 2.32
CA LEU A 134 -39.22 63.42 2.09
C LEU A 134 -39.33 63.07 0.60
N GLU A 135 -39.82 64.00 -0.22
CA GLU A 135 -39.94 63.75 -1.65
C GLU A 135 -38.59 63.84 -2.34
N ASP A 136 -37.83 64.91 -2.08
CA ASP A 136 -36.52 65.06 -2.69
C ASP A 136 -35.55 63.99 -2.20
N VAL A 137 -35.73 63.49 -0.98
CA VAL A 137 -34.86 62.46 -0.44
C VAL A 137 -35.00 61.16 -1.23
N LYS A 138 -36.16 60.92 -1.84
CA LYS A 138 -36.39 59.71 -2.61
C LYS A 138 -36.27 59.92 -4.12
N LYS A 139 -36.56 61.14 -4.61
CA LYS A 139 -36.46 61.40 -6.05
C LYS A 139 -35.01 61.66 -6.47
N LEU A 140 -34.24 62.33 -5.63
CA LEU A 140 -32.87 62.69 -5.97
C LEU A 140 -31.85 61.65 -5.52
N TYR A 141 -32.06 61.03 -4.35
CA TYR A 141 -31.09 60.11 -3.78
C TYR A 141 -31.65 58.74 -3.46
N HIS A 142 -32.92 58.47 -3.79
CA HIS A 142 -33.53 57.15 -3.65
C HIS A 142 -33.45 56.62 -2.23
N SER A 143 -33.49 57.52 -1.24
CA SER A 143 -33.47 57.13 0.16
C SER A 143 -34.89 57.07 0.71
N GLU A 144 -35.04 56.42 1.86
CA GLU A 144 -36.33 56.20 2.49
C GLU A 144 -36.33 56.79 3.89
N ALA A 145 -37.47 57.34 4.29
CA ALA A 145 -37.66 57.93 5.61
C ALA A 145 -38.71 57.15 6.38
N PHE A 146 -38.45 56.90 7.66
CA PHE A 146 -39.32 56.11 8.50
C PHE A 146 -39.57 56.84 9.82
N THR A 147 -40.80 56.73 10.32
CA THR A 147 -41.15 57.22 11.64
C THR A 147 -41.09 56.05 12.62
N VAL A 148 -40.26 56.17 13.65
CA VAL A 148 -40.09 55.14 14.65
C VAL A 148 -40.30 55.75 16.03
N ASN A 149 -40.27 54.90 17.05
CA ASN A 149 -40.45 55.32 18.44
C ASN A 149 -39.14 55.10 19.18
N PHE A 150 -38.33 56.16 19.28
CA PHE A 150 -37.08 56.07 20.01
C PHE A 150 -37.28 55.95 21.52
N GLY A 151 -38.51 56.15 22.01
CA GLY A 151 -38.77 55.91 23.42
C GLY A 151 -38.51 54.48 23.83
N ASP A 152 -38.72 53.54 22.90
CA ASP A 152 -38.35 52.14 23.09
C ASP A 152 -37.05 51.92 22.33
N THR A 153 -35.93 52.03 23.06
CA THR A 153 -34.61 51.97 22.41
C THR A 153 -34.35 50.58 21.81
N GLU A 154 -34.89 49.52 22.41
CA GLU A 154 -34.63 48.18 21.90
C GLU A 154 -35.46 47.88 20.67
N GLU A 155 -36.70 48.39 20.62
CA GLU A 155 -37.55 48.17 19.46
C GLU A 155 -37.13 49.05 18.28
N ALA A 156 -36.70 50.29 18.57
CA ALA A 156 -36.25 51.17 17.49
C ALA A 156 -34.98 50.62 16.84
N LYS A 157 -34.06 50.09 17.65
CA LYS A 157 -32.86 49.47 17.10
C LYS A 157 -33.20 48.27 16.22
N LYS A 158 -34.24 47.53 16.57
CA LYS A 158 -34.63 46.36 15.78
C LYS A 158 -35.20 46.77 14.43
N GLN A 159 -36.00 47.83 14.39
CA GLN A 159 -36.59 48.28 13.13
C GLN A 159 -35.54 48.84 12.19
N ILE A 160 -34.53 49.53 12.74
CA ILE A 160 -33.47 50.08 11.90
C ILE A 160 -32.59 48.97 11.33
N ASN A 161 -32.19 48.02 12.19
CA ASN A 161 -31.37 46.91 11.72
C ASN A 161 -32.12 46.05 10.72
N ASP A 162 -33.42 45.84 10.93
CA ASP A 162 -34.20 45.03 10.00
C ASP A 162 -34.37 45.71 8.64
N TYR A 163 -34.44 47.04 8.62
CA TYR A 163 -34.51 47.75 7.35
C TYR A 163 -33.20 47.60 6.57
N VAL A 164 -32.07 47.78 7.26
CA VAL A 164 -30.78 47.58 6.60
C VAL A 164 -30.57 46.12 6.24
N GLU A 165 -30.97 45.21 7.14
CA GLU A 165 -30.89 43.79 6.81
C GLU A 165 -31.78 43.43 5.64
N LYS A 166 -32.92 44.11 5.49
CA LYS A 166 -33.75 43.92 4.31
C LYS A 166 -33.07 44.47 3.06
N GLY A 167 -32.46 45.65 3.17
CA GLY A 167 -31.78 46.22 2.02
C GLY A 167 -30.56 45.43 1.60
N THR A 168 -29.79 44.93 2.57
CA THR A 168 -28.59 44.16 2.30
C THR A 168 -28.85 42.66 2.19
N GLN A 169 -30.05 42.21 2.53
CA GLN A 169 -30.46 40.81 2.35
C GLN A 169 -29.50 39.86 3.06
N GLY A 170 -29.26 40.13 4.35
CA GLY A 170 -28.39 39.31 5.16
C GLY A 170 -26.92 39.63 5.05
N LYS A 171 -26.52 40.53 4.15
CA LYS A 171 -25.11 40.89 4.05
C LYS A 171 -24.65 41.68 5.27
N ILE A 172 -25.50 42.57 5.78
CA ILE A 172 -25.21 43.37 6.96
C ILE A 172 -26.25 43.03 8.02
N VAL A 173 -25.78 42.46 9.13
CA VAL A 173 -26.65 42.06 10.23
C VAL A 173 -26.24 42.84 11.48
N ASP A 174 -27.22 43.41 12.17
CA ASP A 174 -27.03 44.18 13.40
C ASP A 174 -26.05 45.34 13.15
N LEU A 175 -26.52 46.28 12.32
CA LEU A 175 -25.72 47.46 12.02
C LEU A 175 -25.60 48.37 13.24
N VAL A 176 -26.68 48.53 13.99
CA VAL A 176 -26.72 49.42 15.15
C VAL A 176 -26.50 48.58 16.40
N LYS A 177 -25.44 48.91 17.15
CA LYS A 177 -25.13 48.23 18.40
C LYS A 177 -25.67 48.95 19.61
N GLU A 178 -25.50 50.28 19.67
CA GLU A 178 -25.97 51.09 20.77
C GLU A 178 -26.81 52.24 20.23
N LEU A 179 -27.98 52.44 20.80
CA LEU A 179 -28.89 53.52 20.43
C LEU A 179 -29.10 54.40 21.65
N ASP A 180 -28.71 55.67 21.54
CA ASP A 180 -28.76 56.57 22.68
C ASP A 180 -30.21 56.82 23.12
N ARG A 181 -30.36 57.18 24.39
CA ARG A 181 -31.69 57.37 24.96
C ARG A 181 -32.41 58.56 24.33
N ASP A 182 -31.68 59.64 24.07
CA ASP A 182 -32.27 60.89 23.60
C ASP A 182 -32.22 61.03 22.08
N THR A 183 -32.33 59.92 21.35
CA THR A 183 -32.28 59.96 19.90
C THR A 183 -33.60 60.49 19.34
N VAL A 184 -33.50 61.47 18.44
CA VAL A 184 -34.67 62.01 17.76
C VAL A 184 -34.57 61.91 16.25
N PHE A 185 -33.38 61.83 15.69
CA PHE A 185 -33.19 61.76 14.23
C PHE A 185 -31.91 61.00 13.97
N ALA A 186 -32.03 59.90 13.22
CA ALA A 186 -30.89 59.04 12.91
C ALA A 186 -30.77 58.84 11.41
N LEU A 187 -29.52 58.84 10.93
CA LEU A 187 -29.22 58.60 9.52
C LEU A 187 -28.30 57.40 9.43
N VAL A 188 -28.73 56.38 8.70
CA VAL A 188 -27.95 55.16 8.51
C VAL A 188 -27.57 55.05 7.03
N ASN A 189 -26.29 54.77 6.78
CA ASN A 189 -25.77 54.65 5.42
C ASN A 189 -25.04 53.31 5.32
N TYR A 190 -25.54 52.42 4.47
CA TYR A 190 -24.96 51.10 4.29
C TYR A 190 -24.52 50.91 2.85
N ILE A 191 -23.47 50.10 2.67
CA ILE A 191 -23.00 49.76 1.33
C ILE A 191 -22.31 48.40 1.38
N PHE A 192 -22.69 47.53 0.45
CA PHE A 192 -22.10 46.20 0.32
C PHE A 192 -21.64 46.00 -1.10
N PHE A 193 -20.44 45.43 -1.25
CA PHE A 193 -19.80 45.30 -2.56
C PHE A 193 -19.32 43.87 -2.77
N LYS A 194 -19.76 43.26 -3.86
CA LYS A 194 -19.23 41.98 -4.33
C LYS A 194 -18.90 42.17 -5.81
N GLY A 195 -17.60 42.17 -6.14
CA GLY A 195 -17.18 42.50 -7.47
C GLY A 195 -17.02 41.30 -8.39
N LYS A 196 -16.96 41.59 -9.69
CA LYS A 196 -16.75 40.59 -10.73
C LYS A 196 -15.43 40.91 -11.42
N TRP A 197 -14.44 40.04 -11.26
CA TRP A 197 -13.13 40.27 -11.85
C TRP A 197 -13.19 40.13 -13.37
N GLU A 198 -12.60 41.12 -14.06
CA GLU A 198 -12.44 40.98 -15.51
C GLU A 198 -11.54 39.81 -15.85
N ARG A 199 -10.46 39.64 -15.09
CA ARG A 199 -9.63 38.44 -15.17
C ARG A 199 -10.10 37.45 -14.12
N PRO A 200 -10.59 36.26 -14.52
CA PRO A 200 -11.37 35.44 -13.58
C PRO A 200 -10.57 34.78 -12.47
N PHE A 201 -9.26 35.02 -12.39
CA PHE A 201 -8.41 34.42 -11.35
C PHE A 201 -8.50 32.90 -11.36
N ASP A 205 -6.61 26.06 -7.57
CA ASP A 205 -6.92 27.46 -7.81
C ASP A 205 -6.23 28.38 -6.80
N THR A 206 -6.80 28.47 -5.61
CA THR A 206 -6.32 29.34 -4.54
C THR A 206 -6.14 28.52 -3.28
N GLU A 207 -5.13 28.88 -2.49
CA GLU A 207 -4.71 28.08 -1.35
C GLU A 207 -4.64 28.95 -0.09
N GLU A 208 -4.20 28.34 1.00
CA GLU A 208 -3.99 29.04 2.27
C GLU A 208 -2.56 29.55 2.36
N GLU A 209 -2.38 30.52 3.25
CA GLU A 209 -1.06 31.12 3.45
C GLU A 209 -1.06 31.89 4.76
N ASP A 210 0.12 32.36 5.15
CA ASP A 210 0.25 33.19 6.33
C ASP A 210 -0.03 34.65 6.00
N PHE A 211 -0.36 35.42 7.04
CA PHE A 211 -0.54 36.85 6.93
C PHE A 211 0.22 37.51 8.06
N HIS A 212 1.20 38.35 7.71
CA HIS A 212 2.08 38.97 8.70
C HIS A 212 1.47 40.30 9.11
N VAL A 213 0.69 40.29 10.19
CA VAL A 213 0.04 41.52 10.64
C VAL A 213 1.06 42.56 11.08
N ASP A 214 2.07 42.13 11.85
CA ASP A 214 3.15 43.03 12.24
C ASP A 214 4.43 42.22 12.40
N GLN A 215 5.54 42.94 12.51
CA GLN A 215 6.86 42.31 12.61
C GLN A 215 7.01 41.43 13.85
N THR A 217 3.89 38.57 14.33
CA THR A 217 2.51 38.35 14.77
C THR A 217 1.91 37.15 14.04
N THR A 218 1.89 37.20 12.70
CA THR A 218 1.72 36.01 11.88
C THR A 218 0.41 35.27 12.10
N VAL A 219 -0.66 35.70 11.43
CA VAL A 219 -1.91 34.95 11.38
C VAL A 219 -2.03 34.30 9.99
N LYS A 220 -2.89 33.29 9.89
CA LYS A 220 -3.10 32.57 8.65
C LYS A 220 -4.40 33.02 7.98
N VAL A 221 -4.48 32.77 6.66
CA VAL A 221 -5.64 33.18 5.85
C VAL A 221 -5.59 32.53 4.47
N PRO A 222 -6.71 32.40 3.77
CA PRO A 222 -6.69 31.90 2.38
C PRO A 222 -6.14 32.97 1.44
N MET A 223 -5.25 32.54 0.55
CA MET A 223 -4.53 33.45 -0.33
C MET A 223 -4.72 33.00 -1.78
N MET A 224 -5.27 33.88 -2.61
CA MET A 224 -5.42 33.59 -4.03
C MET A 224 -4.11 33.86 -4.76
N LYS A 225 -3.85 33.05 -5.80
CA LYS A 225 -2.59 33.13 -6.53
C LYS A 225 -2.85 33.08 -8.02
N ARG A 226 -2.01 33.79 -8.77
CA ARG A 226 -2.07 33.81 -10.22
C ARG A 226 -0.80 34.41 -10.81
N LEU A 227 -0.13 33.68 -11.70
CA LEU A 227 1.09 34.14 -12.35
C LEU A 227 0.75 34.50 -13.79
N GLY A 228 1.04 35.74 -14.17
CA GLY A 228 0.79 36.20 -15.52
C GLY A 228 1.18 37.65 -15.74
N MET A 229 0.50 38.32 -16.66
CA MET A 229 0.75 39.73 -16.94
C MET A 229 -0.26 40.56 -16.16
N PHE A 230 0.24 41.47 -15.33
CA PHE A 230 -0.59 42.35 -14.53
C PHE A 230 -0.23 43.80 -14.80
N ASN A 231 -1.17 44.69 -14.51
CA ASN A 231 -0.92 46.14 -14.56
C ASN A 231 -0.31 46.57 -13.23
N ILE A 232 0.93 46.16 -13.03
CA ILE A 232 1.62 46.32 -11.75
C ILE A 232 2.96 46.99 -11.97
N GLN A 233 3.36 47.82 -11.00
CA GLN A 233 4.65 48.48 -11.01
C GLN A 233 4.97 48.92 -9.58
N HIS A 234 6.23 49.27 -9.36
CA HIS A 234 6.65 49.84 -8.10
C HIS A 234 6.64 51.36 -8.20
N CYS A 235 6.58 52.02 -7.04
CA CYS A 235 6.53 53.48 -6.97
C CYS A 235 7.63 53.97 -6.05
N LYS A 236 8.60 54.69 -6.61
CA LYS A 236 9.67 55.25 -5.79
C LYS A 236 9.15 56.32 -4.86
N LYS A 237 8.15 57.10 -5.29
CA LYS A 237 7.61 58.16 -4.45
C LYS A 237 6.82 57.58 -3.28
N LEU A 238 5.92 56.64 -3.55
CA LEU A 238 5.11 56.04 -2.50
C LEU A 238 5.83 54.91 -1.78
N SER A 239 6.91 54.39 -2.35
CA SER A 239 7.64 53.25 -1.78
C SER A 239 6.71 52.06 -1.55
N SER A 240 5.93 51.74 -2.58
CA SER A 240 4.92 50.69 -2.46
C SER A 240 4.69 50.05 -3.82
N TRP A 241 4.18 48.83 -3.80
CA TRP A 241 3.72 48.18 -5.01
C TRP A 241 2.34 48.71 -5.39
N VAL A 242 2.14 48.95 -6.68
CA VAL A 242 0.88 49.50 -7.20
C VAL A 242 0.31 48.49 -8.19
N LEU A 243 -0.81 47.87 -7.84
CA LEU A 243 -1.48 46.89 -8.68
C LEU A 243 -2.86 47.42 -9.07
N LEU A 244 -3.20 47.25 -10.35
CA LEU A 244 -4.49 47.69 -10.88
C LEU A 244 -5.20 46.50 -11.51
N MET A 245 -6.37 46.17 -11.00
CA MET A 245 -7.23 45.15 -11.57
C MET A 245 -8.62 45.71 -11.76
N LYS A 246 -9.17 45.56 -12.96
CA LYS A 246 -10.47 46.13 -13.29
C LYS A 246 -11.58 45.15 -12.97
N TYR A 247 -12.71 45.68 -12.51
CA TYR A 247 -13.91 44.88 -12.28
C TYR A 247 -14.76 44.83 -13.54
N LEU A 248 -15.51 43.74 -13.69
CA LEU A 248 -16.41 43.58 -14.83
C LEU A 248 -17.62 44.51 -14.78
N GLY A 249 -17.71 45.38 -13.77
CA GLY A 249 -18.80 46.33 -13.68
C GLY A 249 -18.35 47.76 -13.88
N ASN A 250 -17.29 47.95 -14.67
CA ASN A 250 -16.72 49.25 -14.99
C ASN A 250 -16.11 49.94 -13.78
N ALA A 251 -15.69 49.18 -12.78
CA ALA A 251 -14.92 49.71 -11.66
C ALA A 251 -13.52 49.11 -11.69
N THR A 252 -12.57 49.80 -11.07
CA THR A 252 -11.19 49.36 -11.04
C THR A 252 -10.64 49.46 -9.63
N ALA A 253 -10.02 48.38 -9.15
CA ALA A 253 -9.47 48.31 -7.82
C ALA A 253 -7.96 48.54 -7.87
N ILE A 254 -7.48 49.45 -7.03
CA ILE A 254 -6.06 49.78 -6.95
C ILE A 254 -5.55 49.31 -5.60
N PHE A 255 -4.57 48.40 -5.61
CA PHE A 255 -3.99 47.84 -4.40
C PHE A 255 -2.59 48.42 -4.20
N PHE A 256 -2.34 48.92 -3.00
CA PHE A 256 -1.05 49.50 -2.63
C PHE A 256 -0.39 48.61 -1.58
N LEU A 257 0.68 47.93 -1.96
CA LEU A 257 1.44 47.10 -1.02
C LEU A 257 2.67 47.88 -0.58
N PRO A 258 2.70 48.44 0.63
CA PRO A 258 3.86 49.22 1.06
C PRO A 258 5.08 48.34 1.25
N ASP A 259 6.24 49.01 1.36
CA ASP A 259 7.49 48.30 1.56
C ASP A 259 7.62 47.89 3.03
N GLU A 260 8.84 47.54 3.45
CA GLU A 260 9.10 46.91 4.74
C GLU A 260 8.33 47.53 5.89
N GLY A 261 8.60 48.81 6.18
CA GLY A 261 7.93 49.47 7.28
C GLY A 261 7.49 50.89 6.96
N LYS A 262 7.11 51.13 5.70
CA LYS A 262 6.76 52.46 5.24
C LYS A 262 5.28 52.58 4.89
N LEU A 263 4.42 51.88 5.63
CA LEU A 263 2.98 51.99 5.39
C LEU A 263 2.46 53.37 5.78
N GLN A 264 3.01 53.96 6.83
CA GLN A 264 2.58 55.30 7.26
C GLN A 264 2.99 56.35 6.23
N HIS A 265 4.16 56.18 5.60
CA HIS A 265 4.57 57.11 4.55
C HIS A 265 3.67 57.02 3.33
N LEU A 266 3.15 55.82 3.03
CA LEU A 266 2.27 55.67 1.88
C LEU A 266 0.94 56.41 2.09
N GLU A 267 0.36 56.28 3.28
CA GLU A 267 -0.93 56.91 3.53
C GLU A 267 -0.82 58.43 3.59
N ASN A 268 0.34 58.95 3.99
CA ASN A 268 0.53 60.40 4.04
C ASN A 268 0.82 60.98 2.67
N GLU A 269 1.46 60.21 1.78
CA GLU A 269 1.85 60.71 0.47
C GLU A 269 0.78 60.53 -0.60
N LEU A 270 -0.31 59.82 -0.29
CA LEU A 270 -1.37 59.61 -1.26
C LEU A 270 -2.10 60.90 -1.57
N THR A 271 -2.18 61.26 -2.85
CA THR A 271 -2.93 62.42 -3.31
C THR A 271 -3.80 62.02 -4.48
N HIS A 272 -4.70 62.92 -4.87
CA HIS A 272 -5.57 62.66 -6.01
C HIS A 272 -4.79 62.68 -7.32
N ASP A 273 -3.78 63.55 -7.42
CA ASP A 273 -3.02 63.66 -8.66
C ASP A 273 -2.15 62.44 -8.89
N ILE A 274 -1.63 61.82 -7.82
CA ILE A 274 -0.81 60.64 -7.97
C ILE A 274 -1.62 59.47 -8.51
N ILE A 275 -2.86 59.33 -8.05
CA ILE A 275 -3.68 58.20 -8.46
C ILE A 275 -4.15 58.37 -9.91
N THR A 276 -4.44 59.61 -10.33
CA THR A 276 -4.80 59.84 -11.71
C THR A 276 -3.66 59.46 -12.66
N LYS A 277 -2.41 59.66 -12.23
CA LYS A 277 -1.28 59.23 -13.04
C LYS A 277 -1.23 57.72 -13.16
N PHE A 278 -1.49 57.00 -12.06
CA PHE A 278 -1.57 55.55 -12.13
C PHE A 278 -2.78 55.09 -12.93
N LEU A 279 -3.88 55.85 -12.89
CA LEU A 279 -5.05 55.50 -13.68
C LEU A 279 -4.79 55.71 -15.16
N GLU A 280 -4.02 56.75 -15.51
CA GLU A 280 -3.62 56.99 -16.89
C GLU A 280 -2.52 56.03 -17.35
N ASN A 281 -1.87 55.32 -16.42
CA ASN A 281 -0.80 54.42 -16.78
C ASN A 281 -1.36 53.21 -17.53
N GLU A 282 -0.78 52.92 -18.69
CA GLU A 282 -1.14 51.75 -19.49
C GLU A 282 0.14 50.94 -19.70
N ASP A 283 0.28 49.85 -18.94
CA ASP A 283 1.46 49.01 -19.01
C ASP A 283 1.08 47.58 -18.67
N ARG A 284 2.05 46.68 -18.82
CA ARG A 284 1.84 45.27 -18.52
C ARG A 284 3.20 44.63 -18.25
N ARG A 285 3.31 43.94 -17.12
CA ARG A 285 4.55 43.29 -16.72
C ARG A 285 4.24 41.95 -16.10
N SER A 286 5.22 41.05 -16.14
CA SER A 286 5.07 39.69 -15.62
C SER A 286 5.35 39.66 -14.13
N ALA A 287 4.51 38.93 -13.40
CA ALA A 287 4.65 38.81 -11.95
C ALA A 287 3.79 37.66 -11.46
N SER A 288 4.19 37.10 -10.31
CA SER A 288 3.43 36.06 -9.63
C SER A 288 2.68 36.72 -8.48
N LEU A 289 1.37 36.92 -8.66
CA LEU A 289 0.57 37.71 -7.73
C LEU A 289 -0.06 36.81 -6.66
N HIS A 290 0.05 37.24 -5.41
CA HIS A 290 -0.63 36.60 -4.28
C HIS A 290 -1.55 37.63 -3.65
N LEU A 291 -2.85 37.49 -3.89
CA LEU A 291 -3.86 38.40 -3.37
C LEU A 291 -4.81 37.66 -2.45
N PRO A 292 -5.02 38.12 -1.22
CA PRO A 292 -5.85 37.36 -0.29
C PRO A 292 -7.33 37.48 -0.60
N LYS A 293 -8.04 36.36 -0.40
CA LYS A 293 -9.50 36.34 -0.46
C LYS A 293 -10.02 36.68 0.93
N LEU A 294 -10.66 37.84 1.07
CA LEU A 294 -11.02 38.36 2.37
C LEU A 294 -12.49 38.78 2.38
N SER A 295 -12.98 39.07 3.59
CA SER A 295 -14.32 39.63 3.79
C SER A 295 -14.22 40.55 5.00
N ILE A 296 -14.11 41.85 4.75
CA ILE A 296 -13.89 42.84 5.80
C ILE A 296 -15.13 43.71 5.92
N THR A 297 -15.33 44.24 7.13
CA THR A 297 -16.45 45.10 7.44
C THR A 297 -15.97 46.35 8.15
N GLY A 298 -16.67 47.46 7.92
CA GLY A 298 -16.34 48.72 8.58
C GLY A 298 -17.56 49.43 9.10
N THR A 299 -17.58 49.70 10.41
CA THR A 299 -18.68 50.41 11.06
C THR A 299 -18.12 51.66 11.74
N TYR A 300 -18.72 52.81 11.44
CA TYR A 300 -18.21 54.08 11.93
C TYR A 300 -19.36 54.97 12.38
N ASP A 301 -19.13 55.70 13.46
CA ASP A 301 -20.06 56.73 13.93
C ASP A 301 -19.69 58.04 13.25
N LEU A 302 -20.48 58.45 12.26
CA LEU A 302 -20.13 59.60 11.44
C LEU A 302 -20.15 60.91 12.22
N LYS A 303 -20.81 60.95 13.39
CA LYS A 303 -20.83 62.18 14.17
C LYS A 303 -19.44 62.54 14.67
N SER A 304 -18.66 61.54 15.09
CA SER A 304 -17.33 61.81 15.63
C SER A 304 -16.30 62.06 14.53
N VAL A 305 -16.34 61.26 13.47
CA VAL A 305 -15.30 61.36 12.44
C VAL A 305 -15.53 62.57 11.56
N LEU A 306 -16.78 62.90 11.25
CA LEU A 306 -17.07 64.11 10.49
C LEU A 306 -17.08 65.36 11.36
N GLY A 307 -17.23 65.20 12.67
CA GLY A 307 -17.11 66.34 13.56
C GLY A 307 -15.70 66.92 13.56
N GLN A 308 -14.70 66.06 13.47
CA GLN A 308 -13.32 66.50 13.35
C GLN A 308 -12.98 67.02 11.96
N LEU A 309 -13.90 66.91 11.00
CA LEU A 309 -13.71 67.45 9.66
C LEU A 309 -14.49 68.73 9.42
N GLY A 310 -15.13 69.28 10.45
CA GLY A 310 -15.80 70.55 10.36
C GLY A 310 -17.32 70.48 10.30
N ILE A 311 -17.91 69.30 10.19
CA ILE A 311 -19.36 69.15 10.11
C ILE A 311 -19.86 68.89 11.53
N THR A 312 -20.24 69.97 12.22
CA THR A 312 -20.70 69.88 13.60
C THR A 312 -22.05 70.53 13.87
N LYS A 313 -22.55 71.36 12.96
CA LYS A 313 -23.79 72.09 13.23
C LYS A 313 -24.98 71.16 13.32
N VAL A 314 -25.08 70.20 12.39
CA VAL A 314 -26.23 69.29 12.37
C VAL A 314 -26.28 68.41 13.61
N PHE A 315 -25.16 68.22 14.30
CA PHE A 315 -25.12 67.38 15.48
C PHE A 315 -25.24 68.16 16.79
N SER A 316 -24.92 69.45 16.78
CA SER A 316 -24.94 70.24 17.99
C SER A 316 -26.38 70.59 18.39
N ASN A 317 -26.52 71.19 19.58
CA ASN A 317 -27.82 71.58 20.08
C ASN A 317 -28.38 72.81 19.39
N GLY A 318 -27.52 73.59 18.73
CA GLY A 318 -27.97 74.76 18.01
C GLY A 318 -28.22 74.48 16.53
N ALA A 319 -28.54 73.23 16.21
CA ALA A 319 -28.76 72.84 14.84
C ALA A 319 -29.99 73.54 14.25
N ASP A 320 -29.95 73.75 12.94
CA ASP A 320 -31.05 74.37 12.20
C ASP A 320 -31.44 73.42 11.07
N LEU A 321 -32.33 72.48 11.37
CA LEU A 321 -32.87 71.54 10.38
C LEU A 321 -34.29 71.93 9.97
N SER A 322 -34.52 73.23 9.75
CA SER A 322 -35.87 73.72 9.48
C SER A 322 -36.48 73.05 8.25
N GLY A 323 -35.66 72.62 7.30
CA GLY A 323 -36.18 71.91 6.15
C GLY A 323 -36.77 70.56 6.47
N VAL A 324 -36.35 69.94 7.58
CA VAL A 324 -36.90 68.67 8.01
C VAL A 324 -38.13 68.86 8.89
N THR A 325 -38.03 69.76 9.86
CA THR A 325 -39.14 70.05 10.76
C THR A 325 -39.08 71.51 11.16
N GLU A 326 -40.20 72.22 10.98
CA GLU A 326 -40.29 73.64 11.29
C GLU A 326 -41.14 73.94 12.52
N GLU A 327 -41.48 72.91 13.29
CA GLU A 327 -42.31 73.10 14.48
C GLU A 327 -41.52 73.09 15.78
N ALA A 328 -40.27 72.63 15.75
CA ALA A 328 -39.45 72.52 16.95
C ALA A 328 -38.00 72.37 16.51
N PRO A 329 -37.05 72.70 17.39
CA PRO A 329 -35.63 72.49 17.04
C PRO A 329 -35.32 71.01 16.85
N LEU A 330 -34.43 70.72 15.91
CA LEU A 330 -34.08 69.36 15.57
C LEU A 330 -32.59 69.27 15.29
N LYS A 331 -31.98 68.18 15.76
CA LYS A 331 -30.56 67.91 15.54
C LYS A 331 -30.39 66.47 15.09
N LEU A 332 -29.29 66.21 14.39
CA LEU A 332 -28.97 64.86 13.93
C LEU A 332 -28.32 64.12 15.08
N SER A 333 -29.09 63.24 15.72
CA SER A 333 -28.61 62.53 16.90
C SER A 333 -27.52 61.52 16.56
N LYS A 334 -27.81 60.62 15.62
CA LYS A 334 -26.92 59.53 15.28
C LYS A 334 -26.72 59.48 13.77
N ALA A 335 -25.49 59.17 13.35
CA ALA A 335 -25.15 59.01 11.94
C ALA A 335 -24.10 57.90 11.86
N VAL A 336 -24.47 56.76 11.28
CA VAL A 336 -23.61 55.59 11.24
C VAL A 336 -23.44 55.14 9.80
N HIS A 337 -22.22 54.77 9.44
CA HIS A 337 -21.89 54.26 8.11
C HIS A 337 -21.32 52.85 8.23
N LYS A 338 -21.89 51.91 7.49
CA LYS A 338 -21.43 50.53 7.47
C LYS A 338 -21.07 50.12 6.06
N ALA A 339 -19.86 49.59 5.89
CA ALA A 339 -19.38 49.15 4.58
C ALA A 339 -18.78 47.75 4.72
N VAL A 340 -19.26 46.83 3.88
CA VAL A 340 -18.82 45.43 3.92
C VAL A 340 -18.27 45.07 2.55
N LEU A 341 -17.11 44.41 2.53
CA LEU A 341 -16.43 44.04 1.30
C LEU A 341 -16.27 42.52 1.25
N THR A 342 -16.42 41.95 0.05
CA THR A 342 -16.19 40.54 -0.19
C THR A 342 -15.28 40.40 -1.41
N ILE A 343 -14.06 39.91 -1.19
CA ILE A 343 -13.09 39.68 -2.25
C ILE A 343 -12.99 38.18 -2.48
N ASP A 344 -13.15 37.78 -3.74
CA ASP A 344 -13.11 36.36 -4.09
C ASP A 344 -12.61 36.23 -5.52
N GLU A 345 -12.56 34.99 -6.00
CA GLU A 345 -12.27 34.70 -7.40
C GLU A 345 -13.57 34.68 -8.18
N LYS A 346 -13.59 35.39 -9.30
CA LYS A 346 -14.81 35.52 -10.09
C LYS A 346 -14.81 34.57 -11.28
N MET A 361 11.08 33.41 -20.23
CA MET A 361 12.07 32.56 -19.57
C MET A 361 12.85 33.41 -18.55
N SER A 362 12.13 33.86 -17.53
CA SER A 362 12.71 34.72 -16.51
C SER A 362 11.91 34.56 -15.23
N ILE A 363 12.60 34.58 -14.09
CA ILE A 363 11.97 34.45 -12.79
C ILE A 363 11.25 35.75 -12.43
N PRO A 364 9.93 35.75 -12.33
CA PRO A 364 9.21 36.98 -12.03
C PRO A 364 9.24 37.30 -10.55
N PRO A 365 8.96 38.55 -10.17
CA PRO A 365 8.87 38.86 -8.74
C PRO A 365 7.58 38.33 -8.15
N GLU A 366 7.65 37.91 -6.89
CA GLU A 366 6.48 37.45 -6.15
C GLU A 366 5.92 38.64 -5.37
N VAL A 367 4.77 39.13 -5.79
CA VAL A 367 4.12 40.27 -5.14
C VAL A 367 3.06 39.67 -4.22
N LYS A 368 3.42 39.48 -2.96
CA LYS A 368 2.56 38.82 -1.98
C LYS A 368 1.92 39.88 -1.09
N PHE A 369 0.59 40.00 -1.19
CA PHE A 369 -0.18 40.85 -0.28
C PHE A 369 -0.46 40.11 1.03
N ASN A 370 0.62 39.69 1.67
CA ASN A 370 0.57 38.92 2.91
C ASN A 370 0.77 39.79 4.14
N LYS A 371 0.79 41.10 3.98
CA LYS A 371 0.95 42.04 5.10
C LYS A 371 -0.03 43.18 4.90
N PRO A 372 -0.23 44.07 5.88
CA PRO A 372 -1.17 45.17 5.71
C PRO A 372 -0.92 45.98 4.44
N PHE A 373 -2.00 46.26 3.72
CA PHE A 373 -1.94 47.02 2.48
C PHE A 373 -3.16 47.91 2.38
N VAL A 374 -3.04 48.96 1.56
CA VAL A 374 -4.11 49.91 1.30
C VAL A 374 -4.65 49.67 -0.09
N PHE A 375 -5.98 49.65 -0.22
CA PHE A 375 -6.63 49.43 -1.50
C PHE A 375 -7.65 50.53 -1.76
N LEU A 376 -8.06 50.64 -3.02
CA LEU A 376 -8.94 51.72 -3.45
C LEU A 376 -9.73 51.27 -4.67
N MET A 377 -11.05 51.40 -4.61
CA MET A 377 -11.93 51.11 -5.74
C MET A 377 -12.33 52.42 -6.41
N ILE A 378 -12.14 52.49 -7.73
CA ILE A 378 -12.45 53.69 -8.51
C ILE A 378 -13.47 53.30 -9.57
N GLU A 379 -14.54 54.09 -9.67
CA GLU A 379 -15.48 53.96 -10.76
C GLU A 379 -14.85 54.50 -12.03
N GLN A 380 -14.59 53.62 -13.00
CA GLN A 380 -13.86 54.03 -14.20
C GLN A 380 -14.58 55.14 -14.97
N ASN A 381 -15.91 55.17 -14.90
CA ASN A 381 -16.67 56.17 -15.64
C ASN A 381 -16.41 57.57 -15.09
N THR A 382 -16.65 57.77 -13.79
CA THR A 382 -16.56 59.09 -13.18
C THR A 382 -15.21 59.36 -12.52
N LYS A 383 -14.39 58.33 -12.30
CA LYS A 383 -13.13 58.41 -11.57
C LYS A 383 -13.32 58.80 -10.11
N SER A 384 -14.50 58.51 -9.54
CA SER A 384 -14.76 58.79 -8.14
C SER A 384 -14.23 57.66 -7.26
N PRO A 385 -13.76 57.98 -6.05
CA PRO A 385 -13.39 56.92 -5.11
C PRO A 385 -14.62 56.21 -4.57
N LEU A 386 -14.92 55.03 -5.11
CA LEU A 386 -16.08 54.29 -4.66
C LEU A 386 -15.84 53.66 -3.29
N PHE A 387 -14.63 53.14 -3.08
CA PHE A 387 -14.26 52.55 -1.79
C PHE A 387 -12.81 52.90 -1.48
N MET A 388 -12.50 52.94 -0.19
CA MET A 388 -11.13 53.08 0.28
C MET A 388 -11.00 52.34 1.59
N GLY A 389 -9.90 51.62 1.75
CA GLY A 389 -9.72 50.84 2.96
C GLY A 389 -8.30 50.38 3.15
N LYS A 390 -8.08 49.71 4.27
CA LYS A 390 -6.78 49.15 4.62
C LYS A 390 -7.02 47.82 5.33
N VAL A 391 -6.41 46.75 4.80
CA VAL A 391 -6.59 45.41 5.34
C VAL A 391 -5.41 45.12 6.27
N VAL A 392 -5.68 45.04 7.57
CA VAL A 392 -4.63 44.76 8.54
C VAL A 392 -4.69 43.29 8.91
N ASN A 393 -5.90 42.73 8.94
CA ASN A 393 -6.06 41.32 9.31
C ASN A 393 -7.36 40.77 8.72
N PRO A 394 -7.29 39.85 7.76
CA PRO A 394 -8.52 39.31 7.16
C PRO A 394 -9.30 38.38 8.09
N THR A 395 -8.81 38.09 9.28
CA THR A 395 -9.51 37.16 10.17
C THR A 395 -10.62 37.84 10.96
N GLN A 396 -10.50 39.13 11.23
CA GLN A 396 -11.45 39.87 12.04
C GLN A 396 -12.88 39.77 11.50
N PHE B 26 -8.69 -0.83 27.02
CA PHE B 26 -8.24 -1.56 25.84
C PHE B 26 -9.15 -2.77 25.58
N ASN B 27 -9.74 -3.31 26.64
CA ASN B 27 -10.62 -4.46 26.56
C ASN B 27 -12.05 -4.08 26.15
N LYS B 28 -12.25 -2.89 25.60
CA LYS B 28 -13.57 -2.43 25.20
C LYS B 28 -13.67 -2.03 23.73
N ILE B 29 -12.56 -1.72 23.08
CA ILE B 29 -12.58 -1.27 21.68
C ILE B 29 -12.23 -2.39 20.69
N THR B 30 -11.68 -3.51 21.17
CA THR B 30 -11.27 -4.58 20.26
C THR B 30 -12.44 -5.28 19.57
N PRO B 31 -13.59 -5.48 20.23
CA PRO B 31 -14.76 -5.96 19.47
C PRO B 31 -15.20 -4.99 18.39
N ASN B 32 -14.97 -3.69 18.59
CA ASN B 32 -15.33 -2.70 17.58
C ASN B 32 -14.34 -2.70 16.43
N LEU B 33 -13.03 -2.81 16.73
CA LEU B 33 -12.03 -2.84 15.67
C LEU B 33 -12.08 -4.15 14.88
N ALA B 34 -12.51 -5.24 15.53
CA ALA B 34 -12.70 -6.48 14.79
C ALA B 34 -13.81 -6.35 13.77
N GLU B 35 -14.92 -5.72 14.15
CA GLU B 35 -15.98 -5.44 13.18
C GLU B 35 -15.51 -4.46 12.11
N PHE B 36 -14.62 -3.54 12.48
CA PHE B 36 -14.01 -2.67 11.47
C PHE B 36 -13.11 -3.47 10.54
N ALA B 37 -12.40 -4.46 11.07
CA ALA B 37 -11.55 -5.30 10.24
C ALA B 37 -12.37 -6.10 9.24
N PHE B 38 -13.47 -6.71 9.70
CA PHE B 38 -14.32 -7.50 8.80
C PHE B 38 -15.04 -6.60 7.80
N SER B 39 -15.50 -5.43 8.23
CA SER B 39 -16.16 -4.51 7.32
C SER B 39 -15.20 -4.00 6.27
N LEU B 40 -13.94 -3.78 6.64
CA LEU B 40 -12.95 -3.36 5.66
C LEU B 40 -12.55 -4.51 4.75
N TYR B 41 -12.41 -5.72 5.30
CA TYR B 41 -12.03 -6.87 4.50
C TYR B 41 -13.11 -7.21 3.49
N ARG B 42 -14.37 -7.27 3.93
CA ARG B 42 -15.48 -7.57 3.02
C ARG B 42 -15.57 -6.54 1.91
N GLN B 43 -15.24 -5.27 2.20
CA GLN B 43 -15.22 -4.27 1.15
C GLN B 43 -14.11 -4.53 0.14
N LEU B 44 -12.94 -4.96 0.62
CA LEU B 44 -11.84 -5.31 -0.29
C LEU B 44 -12.11 -6.61 -1.02
N ALA B 45 -12.78 -7.56 -0.37
CA ALA B 45 -13.10 -8.82 -1.04
C ALA B 45 -14.10 -8.63 -2.17
N HIS B 46 -14.93 -7.58 -2.08
CA HIS B 46 -15.86 -7.29 -3.17
C HIS B 46 -15.17 -6.54 -4.31
N GLN B 47 -14.23 -5.67 -3.98
CA GLN B 47 -13.51 -4.87 -4.97
C GLN B 47 -12.34 -5.64 -5.60
N SER B 48 -12.26 -6.95 -5.41
CA SER B 48 -11.20 -7.76 -6.00
C SER B 48 -11.54 -9.24 -5.90
N ASN B 49 -11.37 -9.98 -7.00
CA ASN B 49 -11.75 -11.39 -7.05
C ASN B 49 -10.55 -12.33 -6.95
N SER B 50 -9.52 -12.14 -7.78
CA SER B 50 -8.41 -13.08 -7.88
C SER B 50 -7.09 -12.51 -7.38
N THR B 51 -7.13 -11.39 -6.66
CA THR B 51 -5.93 -10.80 -6.09
C THR B 51 -5.82 -11.11 -4.61
N ASN B 52 -4.59 -11.19 -4.12
CA ASN B 52 -4.37 -11.42 -2.70
C ASN B 52 -4.73 -10.18 -1.89
N ILE B 53 -5.36 -10.40 -0.74
CA ILE B 53 -5.72 -9.34 0.19
C ILE B 53 -4.83 -9.45 1.41
N PHE B 54 -4.33 -8.32 1.88
CA PHE B 54 -3.56 -8.27 3.12
C PHE B 54 -3.46 -6.83 3.58
N PHE B 55 -3.88 -6.56 4.80
CA PHE B 55 -3.86 -5.20 5.35
C PHE B 55 -3.78 -5.29 6.87
N SER B 56 -3.52 -4.15 7.49
CA SER B 56 -3.44 -4.07 8.94
C SER B 56 -4.56 -3.19 9.47
N PRO B 57 -5.59 -3.76 10.10
CA PRO B 57 -6.67 -2.92 10.64
C PRO B 57 -6.21 -1.96 11.73
N VAL B 58 -5.23 -2.36 12.54
CA VAL B 58 -4.79 -1.49 13.63
C VAL B 58 -3.98 -0.32 13.10
N SER B 59 -3.20 -0.54 12.03
CA SER B 59 -2.38 0.55 11.50
C SER B 59 -3.24 1.59 10.80
N ILE B 60 -4.28 1.16 10.11
CA ILE B 60 -5.23 2.10 9.51
C ILE B 60 -6.01 2.82 10.60
N ALA B 61 -6.35 2.10 11.68
CA ALA B 61 -7.11 2.72 12.76
C ALA B 61 -6.27 3.76 13.50
N THR B 62 -5.00 3.46 13.75
CA THR B 62 -4.13 4.42 14.44
C THR B 62 -3.95 5.69 13.61
N ALA B 63 -3.77 5.54 12.29
CA ALA B 63 -3.53 6.71 11.45
C ALA B 63 -4.74 7.64 11.43
N PHE B 64 -5.94 7.07 11.33
CA PHE B 64 -7.14 7.91 11.26
C PHE B 64 -7.61 8.37 12.63
N ALA B 65 -7.32 7.60 13.69
CA ALA B 65 -7.59 8.09 15.04
C ALA B 65 -6.72 9.28 15.37
N MET B 66 -5.43 9.22 14.99
CA MET B 66 -4.56 10.38 15.16
C MET B 66 -4.98 11.52 14.26
N LEU B 67 -5.36 11.22 13.02
CA LEU B 67 -5.74 12.27 12.07
C LEU B 67 -7.01 12.99 12.50
N SER B 68 -7.87 12.32 13.27
CA SER B 68 -9.15 12.92 13.64
C SER B 68 -8.97 14.14 14.56
N LEU B 69 -7.86 14.21 15.29
CA LEU B 69 -7.68 15.30 16.24
C LEU B 69 -7.48 16.64 15.54
N GLY B 70 -7.00 16.63 14.30
CA GLY B 70 -6.78 17.87 13.57
C GLY B 70 -7.94 18.24 12.66
N THR B 71 -9.12 17.73 12.96
CA THR B 71 -10.31 17.94 12.15
C THR B 71 -11.38 18.67 12.96
N LYS B 72 -12.44 19.06 12.27
CA LYS B 72 -13.54 19.80 12.88
C LYS B 72 -14.47 18.84 13.62
N ALA B 73 -15.55 19.39 14.17
CA ALA B 73 -16.42 18.63 15.07
C ALA B 73 -17.05 17.44 14.36
N ASP B 74 -17.87 17.69 13.33
CA ASP B 74 -18.53 16.60 12.64
C ASP B 74 -17.54 15.73 11.88
N THR B 75 -16.48 16.33 11.33
CA THR B 75 -15.44 15.55 10.67
C THR B 75 -14.73 14.63 11.64
N HIS B 76 -14.56 15.07 12.89
CA HIS B 76 -13.97 14.21 13.92
C HIS B 76 -14.90 13.06 14.27
N ASP B 77 -16.21 13.32 14.37
CA ASP B 77 -17.15 12.28 14.75
C ASP B 77 -17.36 11.27 13.63
N GLU B 78 -17.29 11.72 12.38
CA GLU B 78 -17.50 10.80 11.25
C GLU B 78 -16.38 9.77 11.16
N ILE B 79 -15.15 10.15 11.51
CA ILE B 79 -14.03 9.20 11.44
C ILE B 79 -14.22 8.08 12.45
N LEU B 80 -14.44 8.44 13.72
CA LEU B 80 -14.49 7.43 14.78
C LEU B 80 -15.70 6.52 14.64
N GLU B 81 -16.83 7.05 14.15
CA GLU B 81 -17.99 6.20 13.90
C GLU B 81 -17.69 5.19 12.80
N GLY B 82 -16.97 5.61 11.75
CA GLY B 82 -16.54 4.69 10.72
C GLY B 82 -15.54 3.66 11.19
N LEU B 83 -14.94 3.87 12.36
CA LEU B 83 -14.13 2.85 13.02
C LEU B 83 -14.95 2.04 14.02
N ASN B 84 -16.28 2.19 13.99
CA ASN B 84 -17.21 1.42 14.82
C ASN B 84 -17.06 1.73 16.30
N PHE B 85 -16.62 2.93 16.64
CA PHE B 85 -16.47 3.34 18.02
C PHE B 85 -17.77 3.89 18.59
N ASN B 86 -17.92 3.74 19.90
CA ASN B 86 -18.93 4.45 20.69
C ASN B 86 -18.16 5.26 21.73
N LEU B 87 -18.06 6.57 21.51
CA LEU B 87 -17.19 7.40 22.33
C LEU B 87 -17.61 7.44 23.79
N THR B 88 -18.89 7.18 24.08
CA THR B 88 -19.29 7.21 25.49
C THR B 88 -18.68 6.03 26.25
N GLU B 89 -18.53 4.88 25.60
CA GLU B 89 -17.90 3.73 26.24
C GLU B 89 -16.43 4.01 26.54
N ILE B 90 -15.65 4.27 25.51
CA ILE B 90 -14.23 4.58 25.65
C ILE B 90 -14.00 6.00 25.18
N PRO B 91 -13.45 6.87 26.03
CA PRO B 91 -13.22 8.26 25.62
C PRO B 91 -11.91 8.43 24.88
N GLU B 92 -11.56 9.67 24.55
CA GLU B 92 -10.32 9.96 23.82
C GLU B 92 -9.11 9.33 24.51
N ALA B 93 -9.06 9.41 25.83
CA ALA B 93 -7.92 8.87 26.58
C ALA B 93 -7.76 7.38 26.35
N GLN B 94 -8.81 6.59 26.58
CA GLN B 94 -8.72 5.15 26.46
C GLN B 94 -8.34 4.72 25.06
N ILE B 95 -8.85 5.41 24.04
CA ILE B 95 -8.59 5.02 22.66
C ILE B 95 -7.11 5.21 22.32
N HIS B 96 -6.62 6.45 22.39
CA HIS B 96 -5.27 6.77 21.97
C HIS B 96 -4.23 5.99 22.75
N GLU B 97 -4.26 6.13 24.08
CA GLU B 97 -3.27 5.48 24.94
C GLU B 97 -3.18 3.99 24.64
N GLY B 98 -4.31 3.34 24.39
CA GLY B 98 -4.28 1.94 24.00
C GLY B 98 -3.51 1.71 22.72
N PHE B 99 -3.76 2.56 21.72
CA PHE B 99 -3.03 2.45 20.45
C PHE B 99 -1.55 2.76 20.64
N GLN B 100 -1.22 3.81 21.42
CA GLN B 100 0.17 4.16 21.65
C GLN B 100 0.89 3.05 22.41
N GLU B 101 0.27 2.56 23.49
CA GLU B 101 0.88 1.46 24.25
C GLU B 101 0.98 0.20 23.39
N LEU B 102 -0.02 -0.04 22.54
CA LEU B 102 0.07 -1.18 21.62
C LEU B 102 1.15 -0.97 20.57
N LEU B 103 1.17 0.22 19.95
CA LEU B 103 2.17 0.49 18.92
C LEU B 103 3.57 0.52 19.50
N ARG B 104 3.73 1.08 20.70
CA ARG B 104 5.05 1.10 21.33
C ARG B 104 5.55 -0.29 21.66
N THR B 105 4.63 -1.21 21.96
CA THR B 105 5.02 -2.60 22.22
C THR B 105 5.63 -3.26 21.00
N LEU B 106 5.31 -2.78 19.80
CA LEU B 106 5.87 -3.32 18.58
C LEU B 106 7.01 -2.46 18.06
N SER B 111 9.30 -6.51 21.42
CA SER B 111 8.82 -7.84 21.02
C SER B 111 9.83 -8.54 20.13
N GLN B 112 9.62 -9.84 19.90
CA GLN B 112 10.40 -10.61 18.96
C GLN B 112 9.72 -10.73 17.60
N LEU B 113 8.72 -9.89 17.34
CA LEU B 113 7.96 -9.99 16.11
C LEU B 113 8.75 -9.52 14.90
N GLN B 114 9.67 -8.57 15.09
CA GLN B 114 10.32 -7.86 13.99
C GLN B 114 9.27 -7.17 13.12
N LEU B 115 8.50 -6.28 13.75
CA LEU B 115 7.41 -5.57 13.11
C LEU B 115 7.75 -4.09 13.07
N THR B 116 7.84 -3.53 11.86
CA THR B 116 8.09 -2.11 11.67
C THR B 116 6.86 -1.46 11.05
N THR B 117 6.41 -0.37 11.64
CA THR B 117 5.24 0.35 11.15
C THR B 117 5.43 1.84 11.43
N GLY B 118 4.74 2.66 10.65
CA GLY B 118 4.85 4.10 10.79
C GLY B 118 3.89 4.79 9.87
N ASN B 119 3.78 6.11 10.06
CA ASN B 119 2.88 6.95 9.29
C ASN B 119 3.62 8.17 8.80
N GLY B 120 3.46 8.49 7.51
CA GLY B 120 4.10 9.66 6.94
C GLY B 120 3.10 10.70 6.47
N LEU B 121 3.14 11.88 7.08
CA LEU B 121 2.25 12.98 6.72
C LEU B 121 3.01 13.94 5.81
N PHE B 122 2.47 14.18 4.62
CA PHE B 122 3.11 15.04 3.64
C PHE B 122 2.14 16.14 3.23
N LEU B 123 2.59 17.38 3.35
CA LEU B 123 1.75 18.57 3.20
C LEU B 123 0.67 18.59 4.28
N PHE B 133 -2.41 20.12 14.56
CA PHE B 133 -2.16 19.31 15.75
C PHE B 133 -0.91 18.45 15.57
N LEU B 134 0.20 19.08 15.25
CA LEU B 134 1.47 18.38 15.10
C LEU B 134 2.01 17.86 16.42
N GLU B 135 1.41 18.25 17.55
CA GLU B 135 1.88 17.77 18.84
C GLU B 135 1.54 16.30 19.05
N ASP B 136 0.32 15.89 18.66
CA ASP B 136 -0.09 14.50 18.84
C ASP B 136 0.57 13.56 17.85
N VAL B 137 1.11 14.08 16.75
CA VAL B 137 1.80 13.24 15.76
C VAL B 137 3.01 12.55 16.38
N LYS B 138 3.56 13.10 17.46
CA LYS B 138 4.58 12.44 18.25
C LYS B 138 4.07 12.28 19.68
N LYS B 139 4.58 11.26 20.36
CA LYS B 139 4.19 10.95 21.74
C LYS B 139 2.68 10.78 21.87
N SER B 143 4.96 9.38 14.56
CA SER B 143 4.94 9.60 13.11
C SER B 143 5.78 10.82 12.74
N GLU B 144 6.11 10.93 11.46
CA GLU B 144 6.92 12.03 10.94
C GLU B 144 6.11 12.82 9.91
N ALA B 145 6.32 14.12 9.88
CA ALA B 145 5.60 15.03 9.00
C ALA B 145 6.56 15.79 8.12
N PHE B 146 6.34 15.76 6.81
CA PHE B 146 7.16 16.46 5.83
C PHE B 146 6.27 17.43 5.08
N THR B 147 6.65 18.71 5.07
CA THR B 147 5.88 19.73 4.34
C THR B 147 6.41 19.80 2.91
N VAL B 148 5.60 19.32 1.96
CA VAL B 148 5.91 19.44 0.54
C VAL B 148 4.71 20.03 -0.17
N ASN B 149 4.97 20.80 -1.21
CA ASN B 149 3.97 21.20 -2.20
C ASN B 149 4.63 21.00 -3.56
N PHE B 150 4.66 19.75 -4.01
CA PHE B 150 5.37 19.39 -5.23
C PHE B 150 4.44 18.60 -6.15
N GLY B 151 4.43 18.98 -7.42
CA GLY B 151 3.77 18.18 -8.44
C GLY B 151 4.81 17.51 -9.31
N ASP B 152 4.88 16.18 -9.24
CA ASP B 152 5.90 15.45 -9.98
C ASP B 152 5.47 13.99 -10.20
N LYS B 157 4.87 13.06 -5.96
CA LYS B 157 6.25 13.51 -5.82
C LYS B 157 7.21 12.32 -5.84
N LYS B 158 6.87 11.29 -5.07
CA LYS B 158 7.58 10.02 -5.04
C LYS B 158 9.02 10.16 -4.50
N GLN B 159 9.31 11.27 -3.81
CA GLN B 159 10.37 11.22 -2.81
C GLN B 159 9.88 10.57 -1.54
N ILE B 160 8.55 10.43 -1.42
CA ILE B 160 7.92 9.66 -0.36
C ILE B 160 8.58 8.28 -0.25
N ASN B 161 8.69 7.58 -1.38
CA ASN B 161 9.23 6.22 -1.40
C ASN B 161 10.68 6.16 -0.95
N ASP B 162 11.42 7.26 -1.06
CA ASP B 162 12.76 7.31 -0.47
C ASP B 162 12.68 7.61 1.02
N TYR B 163 11.73 8.46 1.42
CA TYR B 163 11.53 8.72 2.85
C TYR B 163 10.96 7.50 3.56
N VAL B 164 10.08 6.76 2.88
CA VAL B 164 9.55 5.54 3.47
C VAL B 164 10.63 4.47 3.56
N GLU B 165 11.39 4.27 2.48
CA GLU B 165 12.45 3.27 2.49
C GLU B 165 13.49 3.56 3.55
N LYS B 166 13.76 4.83 3.84
CA LYS B 166 14.70 5.17 4.90
C LYS B 166 14.14 4.80 6.27
N GLY B 167 12.88 5.15 6.52
CA GLY B 167 12.26 4.81 7.80
C GLY B 167 12.01 3.32 7.96
N THR B 168 11.70 2.63 6.87
CA THR B 168 11.46 1.19 6.90
C THR B 168 12.72 0.37 6.72
N GLN B 169 13.88 1.03 6.62
CA GLN B 169 15.15 0.36 6.32
C GLN B 169 15.08 -0.41 5.00
N GLY B 170 14.26 0.07 4.08
CA GLY B 170 14.08 -0.57 2.79
C GLY B 170 13.06 -1.69 2.75
N LYS B 171 12.36 -1.96 3.86
CA LYS B 171 11.39 -3.04 3.89
C LYS B 171 10.20 -2.74 2.98
N ILE B 172 9.70 -1.50 3.00
CA ILE B 172 8.65 -1.06 2.11
C ILE B 172 9.29 -0.19 1.03
N VAL B 173 9.10 -0.56 -0.23
CA VAL B 173 9.89 -0.01 -1.33
C VAL B 173 9.07 0.73 -2.37
N ASP B 174 7.75 0.84 -2.19
CA ASP B 174 6.94 1.49 -3.23
C ASP B 174 5.63 1.98 -2.64
N LEU B 175 5.29 3.23 -2.97
CA LEU B 175 3.96 3.79 -2.70
C LEU B 175 3.63 4.74 -3.84
N VAL B 176 2.35 4.77 -4.21
CA VAL B 176 1.87 5.56 -5.35
C VAL B 176 2.58 5.12 -6.63
N ASP B 182 -4.04 17.21 -7.81
CA ASP B 182 -3.23 18.20 -7.10
C ASP B 182 -3.12 17.85 -5.62
N THR B 183 -1.89 17.90 -5.10
CA THR B 183 -1.64 17.51 -3.71
C THR B 183 -1.94 18.65 -2.77
N VAL B 184 -2.66 18.36 -1.68
CA VAL B 184 -2.89 19.32 -0.61
C VAL B 184 -2.52 18.67 0.72
N PHE B 185 -2.64 17.35 0.78
CA PHE B 185 -2.32 16.58 1.99
C PHE B 185 -2.28 15.10 1.65
N ALA B 186 -1.15 14.44 1.95
CA ALA B 186 -0.98 13.03 1.63
C ALA B 186 -0.59 12.27 2.89
N LEU B 187 -1.23 11.13 3.11
CA LEU B 187 -0.95 10.27 4.25
C LEU B 187 -0.61 8.88 3.75
N VAL B 188 0.50 8.31 4.25
CA VAL B 188 0.93 6.97 3.89
C VAL B 188 1.06 6.16 5.17
N ASN B 189 0.52 4.94 5.14
CA ASN B 189 0.53 4.04 6.30
C ASN B 189 1.13 2.72 5.88
N TYR B 190 2.28 2.38 6.45
CA TYR B 190 3.00 1.17 6.10
C TYR B 190 3.20 0.29 7.33
N ILE B 191 3.36 -1.01 7.09
CA ILE B 191 3.64 -1.96 8.15
C ILE B 191 4.24 -3.21 7.51
N PHE B 192 5.28 -3.75 8.15
CA PHE B 192 5.99 -4.93 7.67
C PHE B 192 6.13 -5.93 8.80
N PHE B 193 5.82 -7.19 8.51
CA PHE B 193 5.80 -8.24 9.53
C PHE B 193 6.58 -9.45 9.03
N LYS B 194 7.57 -9.89 9.81
CA LYS B 194 8.34 -11.09 9.54
C LYS B 194 8.40 -11.87 10.85
N GLY B 195 7.39 -12.72 11.08
CA GLY B 195 7.27 -13.40 12.34
C GLY B 195 8.00 -14.74 12.39
N LYS B 196 8.20 -15.22 13.61
CA LYS B 196 8.83 -16.51 13.85
C LYS B 196 7.87 -17.41 14.61
N TRP B 197 7.67 -18.63 14.11
CA TRP B 197 6.77 -19.57 14.76
C TRP B 197 7.41 -20.11 16.04
N GLU B 198 6.60 -20.31 17.07
CA GLU B 198 7.08 -20.99 18.26
C GLU B 198 7.45 -22.44 17.95
N ARG B 199 6.56 -23.15 17.26
CA ARG B 199 6.83 -24.50 16.80
C ARG B 199 7.19 -24.45 15.33
N PRO B 200 8.47 -24.49 14.97
CA PRO B 200 8.87 -24.32 13.57
C PRO B 200 8.63 -25.58 12.76
N PHE B 201 8.75 -25.43 11.44
CA PHE B 201 8.62 -26.53 10.51
C PHE B 201 9.99 -27.12 10.18
N GLU B 202 9.98 -28.31 9.59
CA GLU B 202 11.19 -28.98 9.16
C GLU B 202 11.48 -28.62 7.70
N VAL B 203 12.64 -28.00 7.47
CA VAL B 203 13.01 -27.60 6.11
C VAL B 203 13.15 -28.81 5.20
N LYS B 204 13.61 -29.93 5.74
CA LYS B 204 13.75 -31.15 4.94
C LYS B 204 12.40 -31.69 4.49
N ASP B 205 11.32 -31.37 5.18
CA ASP B 205 9.99 -31.80 4.80
C ASP B 205 9.28 -30.81 3.88
N THR B 206 9.83 -29.62 3.69
CA THR B 206 9.22 -28.61 2.84
C THR B 206 9.55 -28.89 1.38
N GLU B 207 8.51 -29.08 0.56
CA GLU B 207 8.69 -29.35 -0.85
C GLU B 207 7.64 -28.60 -1.64
N GLU B 208 7.81 -28.58 -2.97
CA GLU B 208 6.86 -27.92 -3.84
C GLU B 208 5.60 -28.77 -4.01
N GLU B 209 4.44 -28.12 -3.99
CA GLU B 209 3.17 -28.81 -4.13
C GLU B 209 2.23 -27.94 -4.96
N ASP B 210 1.15 -28.56 -5.43
CA ASP B 210 0.17 -27.86 -6.26
C ASP B 210 -0.71 -26.94 -5.41
N PHE B 211 -1.10 -25.81 -6.00
CA PHE B 211 -2.00 -24.86 -5.37
C PHE B 211 -3.15 -24.59 -6.32
N HIS B 212 -4.34 -25.02 -5.96
CA HIS B 212 -5.53 -24.87 -6.81
C HIS B 212 -6.10 -23.46 -6.62
N VAL B 213 -5.64 -22.54 -7.46
CA VAL B 213 -6.18 -21.18 -7.41
C VAL B 213 -7.65 -21.16 -7.81
N ASP B 214 -8.06 -22.08 -8.68
CA ASP B 214 -9.46 -22.26 -9.06
C ASP B 214 -9.71 -23.76 -9.21
N GLN B 215 -10.95 -24.10 -9.57
CA GLN B 215 -11.30 -25.51 -9.74
C GLN B 215 -10.68 -26.13 -10.99
N VAL B 216 -10.15 -25.31 -11.90
CA VAL B 216 -9.56 -25.79 -13.14
C VAL B 216 -8.07 -25.46 -13.23
N THR B 217 -7.68 -24.27 -12.78
CA THR B 217 -6.31 -23.81 -12.89
C THR B 217 -5.52 -24.14 -11.64
N THR B 218 -4.21 -24.38 -11.82
CA THR B 218 -3.32 -24.76 -10.73
C THR B 218 -1.97 -24.10 -10.94
N VAL B 219 -1.25 -23.88 -9.83
CA VAL B 219 0.10 -23.36 -9.85
C VAL B 219 0.94 -24.10 -8.82
N LYS B 220 2.25 -24.09 -9.03
CA LYS B 220 3.18 -24.74 -8.12
C LYS B 220 3.68 -23.75 -7.07
N VAL B 221 3.89 -24.25 -5.85
CA VAL B 221 4.28 -23.41 -4.73
C VAL B 221 4.96 -24.28 -3.67
N PRO B 222 6.04 -23.81 -3.03
CA PRO B 222 6.62 -24.58 -1.92
C PRO B 222 5.65 -24.70 -0.76
N MET B 223 5.55 -25.90 -0.20
CA MET B 223 4.56 -26.22 0.81
C MET B 223 5.26 -26.80 2.04
N MET B 224 5.13 -26.13 3.17
CA MET B 224 5.65 -26.65 4.43
C MET B 224 4.71 -27.72 4.97
N LYS B 225 5.28 -28.67 5.72
CA LYS B 225 4.51 -29.79 6.23
C LYS B 225 4.94 -30.10 7.65
N ARG B 226 3.99 -30.60 8.44
CA ARG B 226 4.25 -31.07 9.80
C ARG B 226 3.08 -31.89 10.32
N LEU B 227 3.37 -33.07 10.86
CA LEU B 227 2.35 -33.94 11.44
C LEU B 227 2.53 -33.95 12.96
N GLY B 228 1.51 -33.54 13.67
CA GLY B 228 1.57 -33.51 15.12
C GLY B 228 0.25 -33.10 15.72
N MET B 229 0.32 -32.59 16.95
CA MET B 229 -0.85 -32.13 17.68
C MET B 229 -0.98 -30.62 17.49
N PHE B 230 -2.10 -30.18 16.90
CA PHE B 230 -2.33 -28.78 16.61
C PHE B 230 -3.55 -28.28 17.34
N ASN B 231 -3.65 -26.95 17.46
CA ASN B 231 -4.85 -26.29 17.94
C ASN B 231 -5.79 -26.07 16.75
N ILE B 232 -6.34 -27.19 16.27
CA ILE B 232 -7.10 -27.21 15.02
C ILE B 232 -8.44 -27.89 15.26
N GLN B 233 -9.45 -27.42 14.52
CA GLN B 233 -10.79 -27.97 14.58
C GLN B 233 -11.56 -27.52 13.36
N HIS B 234 -12.62 -28.26 13.04
CA HIS B 234 -13.51 -27.86 11.97
C HIS B 234 -14.68 -27.04 12.53
N CYS B 235 -15.28 -26.23 11.66
CA CYS B 235 -16.37 -25.34 12.07
C CYS B 235 -17.58 -25.61 11.19
N LYS B 236 -18.66 -26.11 11.79
CA LYS B 236 -19.90 -26.27 11.05
C LYS B 236 -20.48 -24.92 10.64
N LYS B 237 -20.31 -23.89 11.50
CA LYS B 237 -20.84 -22.57 11.19
C LYS B 237 -20.09 -21.93 10.03
N LEU B 238 -18.76 -21.93 10.09
CA LEU B 238 -17.94 -21.32 9.04
C LEU B 238 -17.72 -22.25 7.85
N SER B 239 -18.04 -23.54 7.98
CA SER B 239 -17.79 -24.54 6.94
C SER B 239 -16.32 -24.52 6.52
N SER B 240 -15.43 -24.45 7.52
CA SER B 240 -14.01 -24.28 7.26
C SER B 240 -13.20 -24.93 8.37
N TRP B 241 -11.94 -25.26 8.02
CA TRP B 241 -10.97 -25.65 9.03
C TRP B 241 -10.42 -24.42 9.74
N VAL B 242 -10.27 -24.51 11.05
CA VAL B 242 -9.78 -23.41 11.86
C VAL B 242 -8.48 -23.84 12.54
N LEU B 243 -7.38 -23.19 12.17
CA LEU B 243 -6.06 -23.49 12.71
C LEU B 243 -5.53 -22.28 13.47
N LEU B 244 -4.91 -22.54 14.62
CA LEU B 244 -4.30 -21.50 15.45
C LEU B 244 -2.84 -21.85 15.69
N MET B 245 -1.94 -20.97 15.26
CA MET B 245 -0.52 -21.12 15.49
C MET B 245 0.03 -19.82 16.06
N LYS B 246 0.81 -19.92 17.14
CA LYS B 246 1.32 -18.76 17.84
C LYS B 246 2.65 -18.31 17.25
N TYR B 247 2.85 -17.00 17.18
CA TYR B 247 4.12 -16.41 16.77
C TYR B 247 5.02 -16.18 17.98
N LEU B 248 6.32 -16.11 17.71
CA LEU B 248 7.29 -15.77 18.75
C LEU B 248 7.06 -14.33 19.16
N GLY B 249 6.42 -14.13 20.32
CA GLY B 249 6.06 -12.80 20.77
C GLY B 249 4.68 -12.77 21.37
N ASN B 250 3.85 -11.82 20.94
CA ASN B 250 2.49 -11.66 21.46
C ASN B 250 1.45 -11.72 20.34
N ALA B 251 1.76 -12.44 19.27
CA ALA B 251 0.85 -12.57 18.13
C ALA B 251 0.43 -14.02 17.95
N THR B 252 -0.74 -14.22 17.38
CA THR B 252 -1.29 -15.54 17.10
C THR B 252 -2.03 -15.49 15.76
N ALA B 253 -1.73 -16.44 14.89
CA ALA B 253 -2.30 -16.49 13.55
C ALA B 253 -3.45 -17.50 13.50
N ILE B 254 -4.57 -17.09 12.91
CA ILE B 254 -5.74 -17.95 12.74
C ILE B 254 -5.94 -18.15 11.25
N PHE B 255 -5.88 -19.41 10.80
CA PHE B 255 -6.03 -19.76 9.39
C PHE B 255 -7.39 -20.42 9.17
N PHE B 256 -8.09 -19.98 8.13
CA PHE B 256 -9.40 -20.51 7.78
C PHE B 256 -9.32 -21.14 6.40
N LEU B 257 -9.47 -22.46 6.33
CA LEU B 257 -9.50 -23.16 5.06
C LEU B 257 -10.94 -23.52 4.73
N PRO B 258 -11.60 -22.82 3.81
CA PRO B 258 -13.01 -23.11 3.53
C PRO B 258 -13.18 -24.44 2.82
N ASP B 259 -14.34 -25.06 3.03
CA ASP B 259 -14.65 -26.31 2.36
C ASP B 259 -14.88 -26.07 0.87
N GLU B 260 -15.24 -27.13 0.16
CA GLU B 260 -15.42 -27.06 -1.29
C GLU B 260 -16.49 -26.04 -1.67
N GLY B 261 -16.07 -24.94 -2.29
CA GLY B 261 -17.00 -23.92 -2.73
C GLY B 261 -17.65 -23.13 -1.61
N LYS B 262 -16.96 -22.97 -0.48
CA LYS B 262 -17.52 -22.26 0.67
C LYS B 262 -16.70 -21.03 1.04
N LEU B 263 -15.91 -20.50 0.10
CA LEU B 263 -15.10 -19.32 0.40
C LEU B 263 -15.96 -18.09 0.66
N GLN B 264 -16.98 -17.88 -0.17
CA GLN B 264 -17.87 -16.73 0.03
C GLN B 264 -18.66 -16.88 1.32
N HIS B 265 -19.09 -18.10 1.64
CA HIS B 265 -19.83 -18.31 2.88
C HIS B 265 -18.96 -18.06 4.10
N LEU B 266 -17.66 -18.40 4.02
CA LEU B 266 -16.76 -18.17 5.13
C LEU B 266 -16.56 -16.68 5.39
N GLU B 267 -16.45 -15.88 4.33
CA GLU B 267 -16.20 -14.46 4.49
C GLU B 267 -17.38 -13.75 5.13
N ASN B 268 -18.60 -14.17 4.79
CA ASN B 268 -19.79 -13.51 5.33
C ASN B 268 -20.07 -13.91 6.78
N GLU B 269 -19.65 -15.10 7.19
CA GLU B 269 -19.99 -15.62 8.50
C GLU B 269 -19.03 -15.19 9.60
N LEU B 270 -17.88 -14.61 9.24
CA LEU B 270 -16.87 -14.24 10.24
C LEU B 270 -17.35 -13.06 11.06
N THR B 271 -17.40 -13.24 12.38
CA THR B 271 -17.69 -12.18 13.33
C THR B 271 -16.68 -12.23 14.46
N HIS B 272 -16.70 -11.20 15.31
CA HIS B 272 -15.75 -11.17 16.43
C HIS B 272 -16.15 -12.18 17.51
N ASP B 273 -17.45 -12.38 17.73
CA ASP B 273 -17.88 -13.34 18.72
C ASP B 273 -17.48 -14.77 18.36
N ILE B 274 -17.41 -15.07 17.06
CA ILE B 274 -16.96 -16.39 16.63
C ILE B 274 -15.46 -16.52 16.79
N ILE B 275 -14.71 -15.43 16.58
CA ILE B 275 -13.25 -15.47 16.69
C ILE B 275 -12.84 -15.69 18.15
N THR B 276 -13.52 -15.03 19.08
CA THR B 276 -13.14 -15.16 20.49
C THR B 276 -13.34 -16.57 21.00
N LYS B 277 -14.36 -17.27 20.50
CA LYS B 277 -14.58 -18.66 20.93
C LYS B 277 -13.42 -19.55 20.49
N PHE B 278 -12.89 -19.33 19.28
CA PHE B 278 -11.77 -20.13 18.81
C PHE B 278 -10.50 -19.82 19.59
N LEU B 279 -10.32 -18.57 20.02
CA LEU B 279 -9.13 -18.20 20.79
C LEU B 279 -9.15 -18.84 22.17
N GLU B 280 -10.34 -18.99 22.77
CA GLU B 280 -10.43 -19.58 24.10
C GLU B 280 -10.17 -21.08 24.07
N ASN B 281 -10.39 -21.73 22.93
CA ASN B 281 -10.22 -23.17 22.83
C ASN B 281 -8.74 -23.54 23.00
N GLU B 282 -8.47 -24.41 23.96
CA GLU B 282 -7.11 -24.88 24.23
C GLU B 282 -6.93 -26.35 23.90
N ASP B 283 -7.88 -26.96 23.20
CA ASP B 283 -7.79 -28.37 22.87
C ASP B 283 -6.67 -28.62 21.87
N ARG B 284 -6.30 -29.89 21.73
CA ARG B 284 -5.23 -30.29 20.82
C ARG B 284 -5.63 -31.59 20.14
N ARG B 285 -5.46 -31.63 18.81
CA ARG B 285 -5.83 -32.79 18.02
C ARG B 285 -4.76 -33.06 16.97
N SER B 286 -4.66 -34.30 16.54
CA SER B 286 -3.65 -34.71 15.58
C SER B 286 -4.11 -34.46 14.15
N ALA B 287 -3.21 -33.95 13.32
CA ALA B 287 -3.51 -33.65 11.94
C ALA B 287 -2.23 -33.49 11.15
N SER B 288 -2.31 -33.77 9.84
CA SER B 288 -1.19 -33.60 8.93
C SER B 288 -1.37 -32.27 8.23
N LEU B 289 -0.60 -31.26 8.65
CA LEU B 289 -0.79 -29.90 8.19
C LEU B 289 0.13 -29.58 7.01
N HIS B 290 -0.45 -29.00 5.96
CA HIS B 290 0.30 -28.51 4.81
C HIS B 290 0.04 -27.02 4.69
N LEU B 291 1.06 -26.22 5.00
CA LEU B 291 0.94 -24.76 4.97
C LEU B 291 1.96 -24.19 4.00
N PRO B 292 1.56 -23.40 3.01
CA PRO B 292 2.53 -22.87 2.05
C PRO B 292 3.34 -21.71 2.63
N LYS B 293 4.60 -21.66 2.24
CA LYS B 293 5.46 -20.52 2.56
C LYS B 293 5.29 -19.46 1.47
N LEU B 294 4.79 -18.29 1.85
CA LEU B 294 4.41 -17.27 0.89
C LEU B 294 4.92 -15.91 1.34
N SER B 295 4.81 -14.94 0.43
CA SER B 295 5.15 -13.55 0.72
C SER B 295 4.22 -12.68 -0.13
N ILE B 296 3.22 -12.10 0.51
CA ILE B 296 2.20 -11.32 -0.19
C ILE B 296 2.33 -9.86 0.24
N THR B 297 1.73 -8.98 -0.58
CA THR B 297 1.77 -7.54 -0.35
C THR B 297 0.43 -6.95 -0.73
N GLY B 298 0.00 -5.93 0.01
CA GLY B 298 -1.24 -5.25 -0.28
C GLY B 298 -1.13 -3.74 -0.24
N THR B 299 -1.46 -3.09 -1.35
CA THR B 299 -1.47 -1.63 -1.44
C THR B 299 -2.87 -1.17 -1.80
N TYR B 300 -3.42 -0.25 -1.01
CA TYR B 300 -4.80 0.17 -1.17
C TYR B 300 -4.92 1.68 -1.05
N ASP B 301 -5.79 2.26 -1.87
CA ASP B 301 -6.11 3.69 -1.79
C ASP B 301 -7.26 3.84 -0.80
N LEU B 302 -6.94 4.29 0.41
CA LEU B 302 -7.94 4.33 1.48
C LEU B 302 -9.05 5.32 1.21
N LYS B 303 -8.87 6.26 0.30
CA LYS B 303 -9.92 7.24 0.01
C LYS B 303 -11.17 6.55 -0.54
N SER B 304 -10.99 5.56 -1.41
CA SER B 304 -12.14 4.89 -2.01
C SER B 304 -12.77 3.89 -1.05
N VAL B 305 -11.96 3.05 -0.42
CA VAL B 305 -12.51 1.95 0.37
C VAL B 305 -13.10 2.46 1.68
N LEU B 306 -12.47 3.46 2.30
CA LEU B 306 -13.02 4.04 3.52
C LEU B 306 -14.14 5.03 3.24
N GLY B 307 -14.20 5.58 2.02
CA GLY B 307 -15.34 6.41 1.66
C GLY B 307 -16.63 5.61 1.60
N GLN B 308 -16.55 4.35 1.18
CA GLN B 308 -17.72 3.49 1.17
C GLN B 308 -18.12 3.03 2.55
N LEU B 309 -17.31 3.31 3.58
CA LEU B 309 -17.63 2.98 4.95
C LEU B 309 -18.10 4.18 5.76
N GLY B 310 -18.32 5.31 5.10
CA GLY B 310 -18.81 6.51 5.75
C GLY B 310 -17.76 7.56 6.06
N ILE B 311 -16.50 7.31 5.74
CA ILE B 311 -15.42 8.27 6.01
C ILE B 311 -15.23 9.07 4.73
N THR B 312 -15.93 10.20 4.63
CA THR B 312 -15.88 11.05 3.45
C THR B 312 -15.57 12.51 3.74
N LYS B 313 -15.72 12.98 4.98
CA LYS B 313 -15.53 14.40 5.27
C LYS B 313 -14.08 14.83 5.08
N VAL B 314 -13.14 13.98 5.50
CA VAL B 314 -11.73 14.33 5.38
C VAL B 314 -11.27 14.33 3.93
N PHE B 315 -12.02 13.67 3.05
CA PHE B 315 -11.66 13.65 1.64
C PHE B 315 -12.47 14.67 0.84
N LEU B 330 -9.54 21.30 7.08
CA LEU B 330 -8.53 20.27 6.88
C LEU B 330 -9.08 19.12 6.04
N LYS B 331 -8.39 18.80 4.96
CA LYS B 331 -8.83 17.75 4.03
C LYS B 331 -7.66 16.85 3.69
N LEU B 332 -7.98 15.58 3.43
CA LEU B 332 -7.01 14.55 3.07
C LEU B 332 -7.16 14.25 1.59
N SER B 333 -6.12 14.59 0.80
CA SER B 333 -6.19 14.37 -0.64
C SER B 333 -6.02 12.90 -0.99
N LYS B 334 -4.97 12.28 -0.50
CA LYS B 334 -4.66 10.89 -0.80
C LYS B 334 -4.30 10.15 0.48
N ALA B 335 -4.73 8.89 0.57
CA ALA B 335 -4.41 8.03 1.71
C ALA B 335 -4.14 6.63 1.17
N VAL B 336 -2.89 6.18 1.32
CA VAL B 336 -2.46 4.89 0.79
C VAL B 336 -1.92 4.04 1.94
N HIS B 337 -2.32 2.78 1.98
CA HIS B 337 -1.87 1.83 2.99
C HIS B 337 -1.17 0.67 2.31
N LYS B 338 0.02 0.31 2.81
CA LYS B 338 0.78 -0.81 2.28
C LYS B 338 1.19 -1.73 3.43
N ALA B 339 0.89 -3.02 3.29
CA ALA B 339 1.24 -4.02 4.28
C ALA B 339 1.96 -5.17 3.59
N VAL B 340 3.08 -5.60 4.17
CA VAL B 340 3.93 -6.63 3.59
C VAL B 340 4.03 -7.78 4.58
N LEU B 341 3.87 -9.01 4.10
CA LEU B 341 3.91 -10.20 4.93
C LEU B 341 4.90 -11.21 4.36
N THR B 342 5.61 -11.90 5.25
CA THR B 342 6.50 -12.99 4.87
C THR B 342 6.22 -14.18 5.78
N ILE B 343 5.76 -15.28 5.19
CA ILE B 343 5.44 -16.50 5.92
C ILE B 343 6.37 -17.61 5.43
N ASP B 344 7.18 -18.15 6.34
CA ASP B 344 8.03 -19.30 6.04
C ASP B 344 8.45 -19.93 7.37
N GLU B 345 9.15 -21.05 7.29
CA GLU B 345 9.52 -21.81 8.48
C GLU B 345 10.70 -21.15 9.16
N LYS B 346 10.54 -20.83 10.45
CA LYS B 346 11.59 -20.24 11.26
C LYS B 346 11.11 -20.17 12.71
N GLY B 347 12.02 -20.44 13.64
CA GLY B 347 11.69 -20.39 15.05
C GLY B 347 12.75 -21.01 15.93
N THR B 348 12.96 -20.45 17.12
CA THR B 348 13.94 -20.97 18.06
C THR B 348 13.45 -22.23 18.75
N LEU B 356 8.08 -34.39 17.20
CA LEU B 356 8.66 -35.03 18.37
C LEU B 356 7.58 -35.37 19.40
N GLU B 357 6.34 -35.44 18.94
CA GLU B 357 5.21 -35.74 19.80
C GLU B 357 4.76 -37.19 19.57
N ALA B 358 3.73 -37.59 20.32
CA ALA B 358 3.19 -38.94 20.21
C ALA B 358 2.24 -39.01 19.01
N ILE B 359 2.45 -40.02 18.16
CA ILE B 359 1.63 -40.21 16.97
C ILE B 359 0.58 -41.28 17.28
N PRO B 360 -0.70 -40.93 17.32
CA PRO B 360 -1.73 -41.93 17.59
C PRO B 360 -1.81 -42.97 16.49
N MET B 361 -2.34 -44.14 16.86
CA MET B 361 -2.54 -45.24 15.92
C MET B 361 -3.81 -45.03 15.10
N SER B 362 -3.85 -43.89 14.41
CA SER B 362 -5.01 -43.51 13.61
C SER B 362 -4.55 -42.63 12.46
N ILE B 363 -5.24 -42.74 11.34
CA ILE B 363 -4.95 -41.91 10.18
C ILE B 363 -5.50 -40.50 10.44
N PRO B 364 -4.64 -39.49 10.53
CA PRO B 364 -5.12 -38.14 10.81
C PRO B 364 -5.66 -37.48 9.56
N PRO B 365 -6.48 -36.45 9.69
CA PRO B 365 -6.92 -35.70 8.51
C PRO B 365 -5.78 -34.85 7.97
N GLU B 366 -5.75 -34.71 6.64
CA GLU B 366 -4.77 -33.87 5.97
C GLU B 366 -5.43 -32.52 5.69
N VAL B 367 -4.97 -31.49 6.39
CA VAL B 367 -5.48 -30.13 6.21
C VAL B 367 -4.47 -29.42 5.31
N LYS B 368 -4.74 -29.43 4.01
CA LYS B 368 -3.84 -28.90 3.00
C LYS B 368 -4.31 -27.51 2.60
N PHE B 369 -3.49 -26.49 2.90
CA PHE B 369 -3.77 -25.12 2.48
C PHE B 369 -3.26 -24.90 1.05
N ASN B 370 -3.83 -25.68 0.12
CA ASN B 370 -3.48 -25.63 -1.28
C ASN B 370 -4.55 -24.95 -2.13
N LYS B 371 -5.49 -24.27 -1.50
CA LYS B 371 -6.56 -23.57 -2.21
C LYS B 371 -6.83 -22.25 -1.49
N PRO B 372 -7.60 -21.33 -2.06
CA PRO B 372 -7.82 -20.03 -1.42
C PRO B 372 -8.29 -20.16 0.03
N PHE B 373 -7.67 -19.40 0.92
CA PHE B 373 -7.98 -19.43 2.33
C PHE B 373 -7.84 -18.03 2.91
N VAL B 374 -8.53 -17.81 4.03
CA VAL B 374 -8.52 -16.54 4.75
C VAL B 374 -7.77 -16.74 6.05
N PHE B 375 -6.94 -15.76 6.42
CA PHE B 375 -6.19 -15.81 7.66
C PHE B 375 -6.33 -14.50 8.41
N LEU B 376 -5.94 -14.52 9.68
CA LEU B 376 -6.13 -13.40 10.59
C LEU B 376 -5.09 -13.45 11.69
N MET B 377 -4.40 -12.35 11.92
CA MET B 377 -3.41 -12.23 12.99
C MET B 377 -4.03 -11.50 14.17
N ILE B 378 -3.91 -12.09 15.36
CA ILE B 378 -4.48 -11.54 16.58
C ILE B 378 -3.34 -11.33 17.57
N GLU B 379 -3.29 -10.14 18.17
CA GLU B 379 -2.33 -9.86 19.23
C GLU B 379 -2.83 -10.43 20.54
N GLN B 380 -1.99 -11.23 21.20
CA GLN B 380 -2.44 -11.98 22.37
C GLN B 380 -2.81 -11.08 23.53
N ASN B 381 -2.19 -9.89 23.63
CA ASN B 381 -2.44 -9.01 24.76
C ASN B 381 -3.83 -8.38 24.67
N THR B 382 -4.11 -7.66 23.59
CA THR B 382 -5.36 -6.93 23.46
C THR B 382 -6.44 -7.69 22.69
N LYS B 383 -6.07 -8.73 21.95
CA LYS B 383 -6.99 -9.48 21.09
C LYS B 383 -7.51 -8.63 19.93
N SER B 384 -6.69 -7.67 19.46
CA SER B 384 -7.04 -6.81 18.33
C SER B 384 -6.57 -7.42 17.02
N PRO B 385 -7.29 -7.18 15.93
CA PRO B 385 -6.89 -7.73 14.62
C PRO B 385 -5.67 -7.02 14.04
N LEU B 386 -4.48 -7.53 14.37
CA LEU B 386 -3.24 -6.94 13.86
C LEU B 386 -3.18 -7.02 12.33
N PHE B 387 -3.48 -8.19 11.77
CA PHE B 387 -3.47 -8.38 10.33
C PHE B 387 -4.66 -9.24 9.91
N MET B 388 -5.09 -9.05 8.67
CA MET B 388 -6.11 -9.89 8.07
C MET B 388 -5.81 -10.00 6.57
N GLY B 389 -6.06 -11.18 6.01
CA GLY B 389 -5.73 -11.38 4.62
C GLY B 389 -6.43 -12.57 4.01
N LYS B 390 -6.24 -12.70 2.70
CA LYS B 390 -6.79 -13.82 1.94
C LYS B 390 -5.80 -14.18 0.84
N VAL B 391 -5.40 -15.44 0.77
CA VAL B 391 -4.41 -15.91 -0.19
C VAL B 391 -5.14 -16.61 -1.32
N VAL B 392 -5.18 -15.97 -2.49
CA VAL B 392 -5.73 -16.57 -3.69
C VAL B 392 -4.66 -17.23 -4.54
N ASN B 393 -3.46 -16.63 -4.59
CA ASN B 393 -2.34 -17.17 -5.35
C ASN B 393 -1.04 -16.77 -4.67
N PRO B 394 -0.32 -17.73 -4.09
CA PRO B 394 0.92 -17.37 -3.36
C PRO B 394 2.01 -16.77 -4.24
N THR B 395 1.95 -16.96 -5.55
CA THR B 395 2.96 -16.44 -6.46
C THR B 395 2.72 -14.98 -6.83
N GLN B 396 1.90 -14.25 -6.05
CA GLN B 396 1.62 -12.84 -6.29
C GLN B 396 1.10 -12.58 -7.69
N ASP C 1 -18.59 -37.58 -12.12
CA ASP C 1 -18.49 -39.03 -12.09
C ASP C 1 -17.09 -39.49 -11.70
N VAL C 2 -16.95 -39.91 -10.45
CA VAL C 2 -15.71 -40.54 -9.99
C VAL C 2 -15.66 -41.97 -10.53
N GLN C 3 -14.48 -42.38 -10.99
CA GLN C 3 -14.32 -43.71 -11.57
C GLN C 3 -13.01 -44.32 -11.13
N LEU C 4 -13.07 -45.56 -10.64
CA LEU C 4 -11.90 -46.32 -10.21
C LEU C 4 -11.93 -47.66 -10.93
N VAL C 5 -10.80 -48.01 -11.56
CA VAL C 5 -10.69 -49.23 -12.35
C VAL C 5 -9.49 -50.03 -11.85
N GLU C 6 -9.73 -51.20 -11.28
CA GLU C 6 -8.67 -52.07 -10.81
C GLU C 6 -8.17 -52.96 -11.93
N SER C 7 -6.92 -53.39 -11.81
CA SER C 7 -6.30 -54.28 -12.80
C SER C 7 -5.05 -54.88 -12.19
N GLY C 8 -4.56 -55.94 -12.84
CA GLY C 8 -3.34 -56.61 -12.42
C GLY C 8 -3.55 -57.95 -11.75
N GLY C 9 -4.78 -58.29 -11.38
CA GLY C 9 -5.02 -59.56 -10.73
C GLY C 9 -4.96 -60.73 -11.68
N GLY C 10 -4.73 -61.91 -11.12
CA GLY C 10 -4.65 -63.11 -11.92
C GLY C 10 -4.37 -64.32 -11.06
N LEU C 11 -3.89 -65.38 -11.71
CA LEU C 11 -3.54 -66.63 -11.05
C LEU C 11 -2.03 -66.70 -10.86
N VAL C 12 -1.60 -66.97 -9.63
CA VAL C 12 -0.19 -67.04 -9.30
C VAL C 12 0.02 -68.13 -8.27
N LYS C 13 1.20 -68.76 -8.31
CA LYS C 13 1.55 -69.79 -7.35
C LYS C 13 1.81 -69.17 -5.98
N PRO C 14 1.67 -69.95 -4.90
CA PRO C 14 2.03 -69.46 -3.58
C PRO C 14 3.50 -69.04 -3.53
N GLY C 15 3.76 -67.92 -2.87
CA GLY C 15 5.08 -67.33 -2.85
C GLY C 15 5.38 -66.40 -4.00
N GLY C 16 4.50 -66.33 -5.00
CA GLY C 16 4.71 -65.47 -6.15
C GLY C 16 4.42 -64.01 -5.83
N SER C 17 4.62 -63.17 -6.85
CA SER C 17 4.41 -61.74 -6.73
C SER C 17 3.30 -61.29 -7.68
N LEU C 18 2.73 -60.13 -7.37
CA LEU C 18 1.61 -59.59 -8.13
C LEU C 18 1.50 -58.11 -7.82
N LYS C 19 1.31 -57.29 -8.86
CA LYS C 19 1.20 -55.85 -8.71
C LYS C 19 -0.15 -55.39 -9.25
N LEU C 20 -0.94 -54.76 -8.39
CA LEU C 20 -2.26 -54.27 -8.75
C LEU C 20 -2.24 -52.77 -9.01
N SER C 21 -3.05 -52.33 -9.96
CA SER C 21 -3.17 -50.93 -10.33
C SER C 21 -4.60 -50.47 -10.18
N CYS C 22 -4.78 -49.17 -9.93
CA CYS C 22 -6.10 -48.57 -9.71
C CYS C 22 -6.11 -47.23 -10.43
N ALA C 23 -6.66 -47.21 -11.64
CA ALA C 23 -6.75 -46.00 -12.43
C ALA C 23 -7.90 -45.14 -11.94
N ALA C 24 -7.60 -43.90 -11.56
CA ALA C 24 -8.60 -42.97 -11.06
C ALA C 24 -8.89 -41.89 -12.10
N SER C 25 -10.11 -41.39 -12.07
CA SER C 25 -10.54 -40.36 -13.01
C SER C 25 -11.79 -39.69 -12.48
N GLY C 26 -12.05 -38.49 -12.99
CA GLY C 26 -13.22 -37.73 -12.61
C GLY C 26 -13.06 -36.84 -11.40
N PHE C 27 -11.84 -36.68 -10.88
CA PHE C 27 -11.59 -35.86 -9.72
C PHE C 27 -10.09 -35.63 -9.60
N THR C 28 -9.71 -34.73 -8.70
CA THR C 28 -8.30 -34.45 -8.43
C THR C 28 -7.74 -35.57 -7.57
N PHE C 29 -7.03 -36.50 -8.23
CA PHE C 29 -6.51 -37.67 -7.53
C PHE C 29 -5.51 -37.30 -6.45
N SER C 30 -4.69 -36.27 -6.71
CA SER C 30 -3.63 -35.90 -5.79
C SER C 30 -4.12 -35.23 -4.51
N SER C 31 -5.43 -35.05 -4.35
CA SER C 31 -5.99 -34.40 -3.17
C SER C 31 -6.70 -35.37 -2.24
N TYR C 32 -6.80 -36.64 -2.58
CA TYR C 32 -7.59 -37.60 -1.83
C TYR C 32 -6.72 -38.74 -1.31
N THR C 33 -7.07 -39.21 -0.12
CA THR C 33 -6.46 -40.41 0.45
C THR C 33 -7.06 -41.65 -0.21
N MET C 34 -6.20 -42.60 -0.57
CA MET C 34 -6.62 -43.80 -1.28
C MET C 34 -6.35 -45.03 -0.42
N SER C 35 -7.16 -46.08 -0.65
CA SER C 35 -7.09 -47.28 0.16
C SER C 35 -7.29 -48.52 -0.71
N TRP C 36 -6.74 -49.64 -0.26
CA TRP C 36 -6.98 -50.96 -0.84
C TRP C 36 -7.72 -51.81 0.17
N VAL C 37 -8.79 -52.47 -0.27
CA VAL C 37 -9.58 -53.37 0.57
C VAL C 37 -9.82 -54.65 -0.21
N ARG C 38 -9.64 -55.79 0.46
CA ARG C 38 -9.86 -57.09 -0.16
C ARG C 38 -11.08 -57.76 0.46
N GLN C 39 -11.72 -58.63 -0.31
CA GLN C 39 -12.88 -59.38 0.14
C GLN C 39 -12.67 -60.85 -0.19
N THR C 40 -12.60 -61.68 0.86
CA THR C 40 -12.35 -63.10 0.69
C THR C 40 -13.52 -63.77 -0.03
N PRO C 41 -13.30 -64.99 -0.55
CA PRO C 41 -14.42 -65.72 -1.17
C PRO C 41 -15.62 -65.91 -0.25
N GLU C 42 -15.42 -65.88 1.07
CA GLU C 42 -16.51 -65.98 2.02
C GLU C 42 -17.14 -64.63 2.33
N LYS C 43 -16.90 -63.62 1.49
CA LYS C 43 -17.53 -62.31 1.58
C LYS C 43 -17.15 -61.58 2.88
N ARG C 44 -15.87 -61.67 3.25
CA ARG C 44 -15.35 -60.97 4.42
C ARG C 44 -14.47 -59.82 3.96
N LEU C 45 -14.78 -58.61 4.43
CA LEU C 45 -14.02 -57.42 4.08
C LEU C 45 -12.85 -57.25 5.04
N GLU C 46 -11.66 -57.01 4.48
CA GLU C 46 -10.46 -56.80 5.27
C GLU C 46 -9.67 -55.64 4.68
N TRP C 47 -9.37 -54.64 5.50
CA TRP C 47 -8.57 -53.51 5.06
C TRP C 47 -7.13 -53.95 4.83
N VAL C 48 -6.55 -53.53 3.70
CA VAL C 48 -5.21 -53.94 3.28
C VAL C 48 -4.21 -52.81 3.47
N ALA C 49 -4.44 -51.66 2.85
CA ALA C 49 -3.50 -50.56 2.93
C ALA C 49 -4.21 -49.25 2.67
N THR C 50 -3.55 -48.16 3.07
CA THR C 50 -4.06 -46.80 2.87
C THR C 50 -2.88 -45.85 2.79
N ILE C 51 -2.93 -44.94 1.81
CA ILE C 51 -1.83 -44.03 1.54
C ILE C 51 -2.36 -42.60 1.55
N SER C 52 -1.53 -41.67 2.01
CA SER C 52 -1.92 -40.27 2.10
C SER C 52 -2.01 -39.65 0.71
N SER C 53 -2.41 -38.38 0.66
CA SER C 53 -2.67 -37.72 -0.62
C SER C 53 -1.41 -37.64 -1.48
N GLY C 54 -0.31 -37.20 -0.88
CA GLY C 54 0.94 -37.07 -1.59
C GLY C 54 1.82 -38.30 -1.60
N GLY C 55 1.40 -39.37 -0.92
CA GLY C 55 2.21 -40.57 -0.81
C GLY C 55 3.21 -40.55 0.31
N ASP C 56 3.22 -39.51 1.15
CA ASP C 56 4.21 -39.40 2.21
C ASP C 56 3.93 -40.34 3.38
N TYR C 57 2.69 -40.80 3.54
CA TYR C 57 2.33 -41.68 4.64
C TYR C 57 1.56 -42.88 4.11
N THR C 58 1.92 -44.07 4.61
CA THR C 58 1.24 -45.30 4.28
C THR C 58 0.81 -46.01 5.56
N TYR C 59 -0.28 -46.76 5.46
CA TYR C 59 -0.83 -47.46 6.61
C TYR C 59 -1.28 -48.85 6.17
N SER C 60 -1.08 -49.83 7.07
CA SER C 60 -1.44 -51.22 6.80
C SER C 60 -1.35 -52.02 8.10
N PRO C 61 -2.10 -53.12 8.21
CA PRO C 61 -1.98 -53.96 9.40
C PRO C 61 -0.66 -54.72 9.41
N ASP C 62 -0.30 -55.23 10.59
CA ASP C 62 0.96 -55.94 10.76
C ASP C 62 1.00 -57.26 10.00
N SER C 63 -0.16 -57.83 9.67
CA SER C 63 -0.20 -59.11 8.97
C SER C 63 0.29 -59.00 7.53
N VAL C 64 0.28 -57.80 6.95
CA VAL C 64 0.69 -57.59 5.57
C VAL C 64 1.86 -56.64 5.44
N LYS C 65 2.39 -56.13 6.54
CA LYS C 65 3.49 -55.17 6.47
C LYS C 65 4.76 -55.87 5.98
N GLY C 66 5.40 -55.28 4.99
CA GLY C 66 6.57 -55.86 4.35
C GLY C 66 6.24 -56.71 3.14
N ARG C 67 5.12 -57.44 3.19
CA ARG C 67 4.69 -58.26 2.07
C ARG C 67 3.92 -57.43 1.04
N PHE C 68 2.97 -56.61 1.50
CA PHE C 68 2.22 -55.74 0.63
C PHE C 68 2.71 -54.30 0.79
N THR C 69 2.79 -53.58 -0.33
CA THR C 69 3.30 -52.22 -0.34
C THR C 69 2.40 -51.36 -1.21
N ILE C 70 1.88 -50.27 -0.64
CA ILE C 70 0.99 -49.36 -1.35
C ILE C 70 1.80 -48.13 -1.77
N SER C 71 1.54 -47.66 -3.00
CA SER C 71 2.20 -46.48 -3.53
C SER C 71 1.28 -45.84 -4.55
N ARG C 72 1.60 -44.61 -4.94
CA ARG C 72 0.77 -43.88 -5.88
C ARG C 72 1.64 -42.98 -6.75
N ASP C 73 1.20 -42.78 -7.99
CA ASP C 73 1.83 -41.88 -8.94
C ASP C 73 0.78 -40.83 -9.31
N ASN C 74 0.84 -39.68 -8.65
CA ASN C 74 -0.15 -38.62 -8.88
C ASN C 74 -0.10 -38.09 -10.31
N ALA C 75 1.05 -38.22 -10.99
CA ALA C 75 1.14 -37.77 -12.37
C ALA C 75 0.31 -38.65 -13.29
N LYS C 76 0.14 -39.93 -12.95
CA LYS C 76 -0.63 -40.85 -13.75
C LYS C 76 -2.03 -41.10 -13.19
N SER C 77 -2.35 -40.53 -12.03
CA SER C 77 -3.63 -40.76 -11.35
C SER C 77 -3.89 -42.25 -11.16
N THR C 78 -2.90 -42.93 -10.58
CA THR C 78 -2.96 -44.38 -10.44
C THR C 78 -2.48 -44.78 -9.04
N LEU C 79 -3.22 -45.71 -8.44
CA LEU C 79 -2.86 -46.28 -7.14
C LEU C 79 -2.32 -47.69 -7.35
N TYR C 80 -1.29 -48.03 -6.59
CA TYR C 80 -0.61 -49.32 -6.74
C TYR C 80 -0.61 -50.09 -5.42
N LEU C 81 -0.60 -51.42 -5.54
CA LEU C 81 -0.43 -52.31 -4.40
C LEU C 81 0.52 -53.43 -4.84
N GLN C 82 1.76 -53.38 -4.35
CA GLN C 82 2.77 -54.38 -4.67
C GLN C 82 2.62 -55.54 -3.69
N MET C 83 2.33 -56.73 -4.21
CA MET C 83 2.13 -57.91 -3.38
C MET C 83 3.24 -58.92 -3.65
N SER C 84 3.83 -59.45 -2.58
CA SER C 84 4.89 -60.44 -2.67
C SER C 84 4.71 -61.44 -1.53
N SER C 85 5.34 -62.61 -1.70
CA SER C 85 5.24 -63.71 -0.75
C SER C 85 3.78 -64.08 -0.50
N LEU C 86 3.02 -64.18 -1.58
CA LEU C 86 1.58 -64.44 -1.49
C LEU C 86 1.32 -65.83 -0.96
N LYS C 87 0.29 -65.95 -0.14
CA LYS C 87 -0.18 -67.23 0.38
C LYS C 87 -1.53 -67.57 -0.22
N SER C 88 -1.93 -68.84 -0.04
CA SER C 88 -3.23 -69.27 -0.55
C SER C 88 -4.37 -68.50 0.08
N GLU C 89 -4.21 -68.11 1.35
CA GLU C 89 -5.26 -67.35 2.03
C GLU C 89 -5.44 -65.94 1.46
N ASP C 90 -4.46 -65.44 0.71
CA ASP C 90 -4.55 -64.12 0.10
C ASP C 90 -5.48 -64.07 -1.10
N THR C 91 -6.04 -65.21 -1.52
CA THR C 91 -7.00 -65.22 -2.62
C THR C 91 -8.25 -64.44 -2.23
N ALA C 92 -8.50 -63.35 -2.94
CA ALA C 92 -9.63 -62.49 -2.63
C ALA C 92 -9.88 -61.54 -3.79
N MET C 93 -10.96 -60.76 -3.68
CA MET C 93 -11.29 -59.71 -4.63
C MET C 93 -10.79 -58.38 -4.07
N PHE C 94 -9.84 -57.76 -4.76
CA PHE C 94 -9.19 -56.56 -4.26
C PHE C 94 -9.88 -55.33 -4.83
N TYR C 95 -10.44 -54.51 -3.94
CA TYR C 95 -11.05 -53.23 -4.31
C TYR C 95 -10.13 -52.08 -3.91
N CYS C 96 -10.10 -51.05 -4.74
CA CYS C 96 -9.54 -49.76 -4.33
C CYS C 96 -10.67 -48.76 -4.18
N SER C 97 -10.52 -47.86 -3.20
CA SER C 97 -11.57 -46.92 -2.87
C SER C 97 -10.95 -45.58 -2.50
N ARG C 98 -11.76 -44.54 -2.60
CA ARG C 98 -11.37 -43.20 -2.22
C ARG C 98 -11.72 -42.97 -0.74
N ALA C 99 -10.72 -42.63 0.06
CA ALA C 99 -10.94 -42.31 1.47
C ALA C 99 -11.13 -40.80 1.58
N GLU C 100 -12.36 -40.37 1.84
CA GLU C 100 -12.71 -38.96 1.96
C GLU C 100 -12.97 -38.62 3.42
N PHE C 101 -12.42 -37.50 3.87
CA PHE C 101 -12.62 -37.01 5.23
C PHE C 101 -13.85 -36.11 5.21
N ILE C 102 -14.97 -36.64 5.72
CA ILE C 102 -16.24 -35.92 5.74
C ILE C 102 -16.42 -35.30 7.12
N THR C 103 -16.48 -33.98 7.16
CA THR C 103 -16.50 -33.26 8.43
C THR C 103 -17.88 -33.32 9.07
N THR C 104 -17.90 -33.44 10.40
CA THR C 104 -19.15 -33.54 11.14
C THR C 104 -18.89 -33.09 12.58
N ALA C 105 -19.42 -31.93 12.96
CA ALA C 105 -19.42 -31.46 14.35
C ALA C 105 -17.99 -31.35 14.91
N THR C 106 -17.29 -30.33 14.42
CA THR C 106 -15.96 -29.89 14.84
C THR C 106 -14.86 -30.86 14.46
N TRP C 107 -15.15 -31.93 13.73
CA TRP C 107 -14.16 -32.87 13.24
C TRP C 107 -14.81 -33.68 12.12
N GLY C 108 -14.16 -34.77 11.72
CA GLY C 108 -14.70 -35.58 10.66
C GLY C 108 -14.23 -37.02 10.75
N VAL C 109 -14.64 -37.82 9.77
CA VAL C 109 -14.28 -39.23 9.71
C VAL C 109 -13.86 -39.58 8.29
N TYR C 110 -12.97 -40.56 8.17
CA TYR C 110 -12.59 -41.09 6.87
C TYR C 110 -13.62 -42.11 6.42
N ALA C 111 -14.19 -41.92 5.24
CA ALA C 111 -15.21 -42.81 4.71
C ALA C 111 -14.86 -43.16 3.27
N MET C 112 -14.78 -44.46 3.00
CA MET C 112 -14.52 -44.96 1.65
C MET C 112 -15.82 -44.84 0.85
N ASP C 113 -15.99 -43.70 0.19
CA ASP C 113 -17.26 -43.34 -0.43
C ASP C 113 -17.44 -43.86 -1.84
N TYR C 114 -16.35 -43.98 -2.61
CA TYR C 114 -16.42 -44.47 -3.98
C TYR C 114 -15.51 -45.68 -4.12
N TRP C 115 -16.04 -46.75 -4.70
CA TRP C 115 -15.33 -48.02 -4.83
C TRP C 115 -15.29 -48.44 -6.30
N GLY C 116 -14.22 -49.17 -6.66
CA GLY C 116 -14.12 -49.72 -8.00
C GLY C 116 -14.73 -51.11 -8.10
N GLN C 117 -14.76 -51.63 -9.33
CA GLN C 117 -15.33 -52.95 -9.56
C GLN C 117 -14.45 -54.06 -9.00
N GLY C 118 -13.17 -53.81 -8.79
CA GLY C 118 -12.31 -54.80 -8.18
C GLY C 118 -11.60 -55.68 -9.19
N THR C 119 -10.43 -56.17 -8.79
CA THR C 119 -9.66 -57.12 -9.58
C THR C 119 -9.47 -58.39 -8.76
N SER C 120 -9.67 -59.54 -9.40
CA SER C 120 -9.64 -60.82 -8.72
C SER C 120 -8.21 -61.35 -8.64
N VAL C 121 -7.81 -61.79 -7.46
CA VAL C 121 -6.50 -62.36 -7.22
C VAL C 121 -6.68 -63.80 -6.75
N THR C 122 -6.06 -64.74 -7.45
CA THR C 122 -6.14 -66.16 -7.11
C THR C 122 -4.73 -66.67 -6.86
N VAL C 123 -4.50 -67.20 -5.66
CA VAL C 123 -3.22 -67.80 -5.28
C VAL C 123 -3.48 -69.27 -4.97
N SER C 124 -3.02 -70.15 -5.85
CA SER C 124 -3.25 -71.57 -5.67
C SER C 124 -2.12 -72.36 -6.34
N SER C 125 -2.04 -73.63 -5.99
CA SER C 125 -1.08 -74.55 -6.59
C SER C 125 -1.64 -75.27 -7.80
N ALA C 126 -2.87 -74.99 -8.20
CA ALA C 126 -3.49 -75.62 -9.35
C ALA C 126 -3.19 -74.82 -10.62
N LYS C 127 -3.08 -75.54 -11.73
CA LYS C 127 -2.84 -74.93 -13.02
C LYS C 127 -4.16 -74.58 -13.69
N THR C 128 -4.08 -73.69 -14.67
CA THR C 128 -5.26 -73.32 -15.46
C THR C 128 -5.78 -74.55 -16.21
N THR C 129 -7.08 -74.82 -16.04
CA THR C 129 -7.70 -76.01 -16.63
C THR C 129 -9.00 -75.62 -17.29
N PRO C 130 -9.22 -75.98 -18.55
CA PRO C 130 -10.49 -75.67 -19.23
C PRO C 130 -11.61 -76.52 -18.67
N PRO C 131 -12.86 -76.06 -18.81
CA PRO C 131 -13.98 -76.80 -18.22
C PRO C 131 -14.45 -77.94 -19.11
N SER C 132 -15.15 -78.87 -18.46
CA SER C 132 -15.84 -79.96 -19.14
C SER C 132 -17.34 -79.68 -19.07
N VAL C 133 -17.97 -79.56 -20.23
CA VAL C 133 -19.37 -79.16 -20.33
C VAL C 133 -20.20 -80.39 -20.66
N TYR C 134 -21.17 -80.70 -19.81
CA TYR C 134 -22.03 -81.85 -20.01
C TYR C 134 -23.49 -81.42 -20.04
N PRO C 135 -24.28 -81.94 -20.96
CA PRO C 135 -25.69 -81.55 -21.04
C PRO C 135 -26.54 -82.28 -20.02
N LEU C 136 -27.56 -81.58 -19.53
CA LEU C 136 -28.55 -82.12 -18.61
C LEU C 136 -29.91 -82.02 -19.29
N ALA C 137 -30.38 -83.13 -19.86
CA ALA C 137 -31.60 -83.15 -20.62
C ALA C 137 -32.66 -84.03 -19.96
N PRO C 138 -33.94 -83.66 -20.05
CA PRO C 138 -35.04 -84.47 -19.50
C PRO C 138 -35.31 -85.72 -20.32
N ASN C 145 -45.76 -81.57 -18.10
CA ASN C 145 -45.83 -80.23 -17.53
C ASN C 145 -45.85 -79.16 -18.62
N SER C 146 -46.38 -77.99 -18.27
CA SER C 146 -46.46 -76.90 -19.25
C SER C 146 -45.07 -76.41 -19.64
N MET C 147 -44.15 -76.31 -18.67
CA MET C 147 -42.79 -75.89 -18.93
C MET C 147 -41.82 -77.02 -18.63
N VAL C 148 -40.67 -76.99 -19.29
CA VAL C 148 -39.66 -78.02 -19.14
C VAL C 148 -38.34 -77.35 -18.76
N THR C 149 -37.56 -78.05 -17.95
CA THR C 149 -36.30 -77.52 -17.42
C THR C 149 -35.12 -78.25 -18.05
N LEU C 150 -34.19 -77.48 -18.61
CA LEU C 150 -32.95 -77.99 -19.16
C LEU C 150 -31.79 -77.60 -18.25
N GLY C 151 -30.63 -78.20 -18.51
CA GLY C 151 -29.49 -77.97 -17.64
C GLY C 151 -28.17 -78.05 -18.38
N CYS C 152 -27.12 -77.61 -17.69
CA CYS C 152 -25.77 -77.59 -18.25
C CYS C 152 -24.78 -77.69 -17.09
N LEU C 153 -23.89 -78.68 -17.16
CA LEU C 153 -22.98 -79.00 -16.08
C LEU C 153 -21.55 -78.63 -16.48
N VAL C 154 -21.02 -77.60 -15.83
CA VAL C 154 -19.66 -77.12 -16.07
C VAL C 154 -18.79 -77.63 -14.92
N LYS C 155 -17.91 -78.60 -15.22
CA LYS C 155 -17.20 -79.32 -14.18
C LYS C 155 -15.70 -79.34 -14.45
N GLY C 156 -14.92 -79.12 -13.40
CA GLY C 156 -13.48 -79.32 -13.44
C GLY C 156 -12.67 -78.26 -14.15
N TYR C 157 -12.92 -76.98 -13.83
CA TYR C 157 -12.18 -75.89 -14.40
C TYR C 157 -11.46 -75.10 -13.31
N PHE C 158 -10.49 -74.30 -13.73
CA PHE C 158 -9.72 -73.45 -12.83
C PHE C 158 -8.92 -72.43 -13.64
N PRO C 159 -8.85 -71.17 -13.21
CA PRO C 159 -9.55 -70.64 -12.04
C PRO C 159 -10.87 -69.96 -12.40
N GLU C 160 -11.46 -69.28 -11.43
CA GLU C 160 -12.67 -68.51 -11.66
C GLU C 160 -12.37 -67.30 -12.55
N PRO C 161 -13.37 -66.78 -13.27
CA PRO C 161 -14.73 -67.32 -13.40
C PRO C 161 -15.03 -67.89 -14.78
N VAL C 162 -16.14 -68.61 -14.90
CA VAL C 162 -16.68 -69.00 -16.19
C VAL C 162 -18.02 -68.31 -16.38
N THR C 163 -18.32 -67.99 -17.63
CA THR C 163 -19.57 -67.34 -17.99
C THR C 163 -20.45 -68.34 -18.74
N VAL C 164 -21.70 -68.46 -18.30
CA VAL C 164 -22.66 -69.38 -18.91
C VAL C 164 -23.86 -68.56 -19.39
N THR C 165 -24.25 -68.78 -20.64
CA THR C 165 -25.43 -68.16 -21.21
C THR C 165 -26.09 -69.15 -22.17
N TRP C 166 -27.39 -69.00 -22.35
CA TRP C 166 -28.18 -69.92 -23.18
C TRP C 166 -28.61 -69.23 -24.47
N ASN C 167 -28.47 -69.95 -25.58
CA ASN C 167 -28.82 -69.45 -26.91
C ASN C 167 -28.07 -68.15 -27.21
N SER C 168 -26.80 -68.11 -26.83
CA SER C 168 -25.91 -66.98 -27.12
C SER C 168 -26.42 -65.68 -26.52
N GLY C 169 -27.17 -65.77 -25.43
CA GLY C 169 -27.71 -64.60 -24.77
C GLY C 169 -29.13 -64.22 -25.15
N SER C 170 -29.82 -65.08 -25.91
CA SER C 170 -31.20 -64.81 -26.29
C SER C 170 -32.21 -65.28 -25.25
N LEU C 171 -31.82 -66.22 -24.39
CA LEU C 171 -32.66 -66.68 -23.28
C LEU C 171 -32.06 -66.13 -21.99
N SER C 172 -32.49 -64.93 -21.61
CA SER C 172 -31.99 -64.31 -20.39
C SER C 172 -32.86 -64.61 -19.17
N SER C 173 -34.16 -64.80 -19.37
CA SER C 173 -35.10 -65.05 -18.28
C SER C 173 -35.34 -66.54 -18.12
N GLY C 174 -35.78 -66.93 -16.92
CA GLY C 174 -35.96 -68.32 -16.60
C GLY C 174 -34.66 -69.08 -16.45
N VAL C 175 -33.53 -68.40 -16.32
CA VAL C 175 -32.22 -69.01 -16.25
C VAL C 175 -31.68 -68.86 -14.84
N HIS C 176 -31.16 -69.94 -14.28
CA HIS C 176 -30.53 -69.94 -12.97
C HIS C 176 -29.11 -70.47 -13.11
N THR C 177 -28.13 -69.62 -12.78
CA THR C 177 -26.72 -70.00 -12.77
C THR C 177 -26.25 -70.05 -11.32
N PHE C 178 -25.78 -71.19 -10.91
CA PHE C 178 -25.46 -71.37 -9.50
C PHE C 178 -24.00 -71.06 -9.22
N PRO C 179 -23.70 -70.58 -8.02
CA PRO C 179 -22.31 -70.27 -7.67
C PRO C 179 -21.43 -71.51 -7.75
N ALA C 180 -20.20 -71.32 -8.21
CA ALA C 180 -19.26 -72.42 -8.30
C ALA C 180 -18.81 -72.86 -6.91
N VAL C 181 -18.48 -74.13 -6.79
CA VAL C 181 -17.97 -74.70 -5.55
C VAL C 181 -16.63 -75.35 -5.84
N LEU C 182 -15.60 -74.90 -5.11
CA LEU C 182 -14.26 -75.45 -5.26
C LEU C 182 -14.17 -76.79 -4.54
N GLN C 183 -13.74 -77.83 -5.25
CA GLN C 183 -13.70 -79.18 -4.69
C GLN C 183 -12.49 -79.92 -5.24
N SER C 184 -12.47 -81.23 -5.00
CA SER C 184 -11.29 -82.04 -5.33
C SER C 184 -11.05 -82.10 -6.83
N ASP C 185 -12.10 -82.29 -7.61
CA ASP C 185 -11.96 -82.31 -9.07
C ASP C 185 -11.44 -80.96 -9.57
N LEU C 186 -12.26 -79.92 -9.42
CA LEU C 186 -11.91 -78.49 -9.45
C LEU C 186 -13.21 -77.71 -9.28
N TYR C 187 -13.20 -76.40 -9.59
CA TYR C 187 -14.44 -75.63 -9.55
C TYR C 187 -15.53 -76.29 -10.37
N THR C 188 -16.76 -76.24 -9.88
CA THR C 188 -17.92 -76.83 -10.54
C THR C 188 -19.13 -75.96 -10.33
N LEU C 189 -19.89 -75.70 -11.39
CA LEU C 189 -21.19 -75.05 -11.28
C LEU C 189 -22.15 -75.67 -12.27
N SER C 190 -23.44 -75.39 -12.08
CA SER C 190 -24.49 -75.83 -12.97
C SER C 190 -25.33 -74.64 -13.38
N SER C 191 -26.02 -74.79 -14.51
CA SER C 191 -26.92 -73.76 -15.00
C SER C 191 -28.19 -74.42 -15.51
N SER C 192 -29.33 -73.88 -15.12
CA SER C 192 -30.63 -74.39 -15.53
C SER C 192 -31.38 -73.31 -16.30
N VAL C 193 -32.25 -73.77 -17.21
CA VAL C 193 -33.12 -72.88 -17.97
C VAL C 193 -34.48 -73.55 -18.08
N THR C 194 -35.54 -72.75 -17.99
CA THR C 194 -36.91 -73.23 -18.10
C THR C 194 -37.53 -72.64 -19.35
N VAL C 195 -38.01 -73.51 -20.25
CA VAL C 195 -38.64 -73.08 -21.49
C VAL C 195 -39.99 -73.76 -21.60
N PRO C 196 -40.95 -73.18 -22.33
CA PRO C 196 -42.23 -73.88 -22.52
C PRO C 196 -42.05 -75.20 -23.24
N SER C 197 -42.93 -76.16 -22.91
CA SER C 197 -42.82 -77.49 -23.49
C SER C 197 -43.08 -77.47 -25.00
N SER C 198 -43.82 -76.49 -25.49
CA SER C 198 -44.09 -76.39 -26.91
C SER C 198 -42.90 -75.84 -27.70
N THR C 199 -41.98 -75.13 -27.05
CA THR C 199 -40.82 -74.58 -27.76
C THR C 199 -39.76 -75.64 -27.99
N TRP C 200 -39.56 -76.53 -27.02
CA TRP C 200 -38.51 -77.53 -27.03
C TRP C 200 -39.09 -78.92 -27.23
N PRO C 201 -38.43 -79.80 -28.01
CA PRO C 201 -37.13 -79.60 -28.67
C PRO C 201 -37.22 -78.97 -30.06
N SER C 202 -38.39 -78.46 -30.43
CA SER C 202 -38.54 -77.83 -31.75
C SER C 202 -37.53 -76.71 -31.93
N GLU C 203 -37.54 -75.74 -31.03
CA GLU C 203 -36.50 -74.73 -30.97
C GLU C 203 -35.31 -75.30 -30.21
N THR C 204 -34.14 -75.33 -30.85
CA THR C 204 -32.95 -75.84 -30.20
C THR C 204 -32.49 -74.89 -29.10
N VAL C 205 -32.10 -75.45 -27.96
CA VAL C 205 -31.56 -74.70 -26.83
C VAL C 205 -30.11 -75.12 -26.64
N THR C 206 -29.22 -74.13 -26.58
CA THR C 206 -27.79 -74.37 -26.58
C THR C 206 -27.16 -73.72 -25.35
N CYS C 207 -26.21 -74.43 -24.75
CA CYS C 207 -25.44 -73.93 -23.61
C CYS C 207 -24.12 -73.36 -24.11
N ASN C 208 -23.76 -72.18 -23.61
CA ASN C 208 -22.54 -71.49 -24.03
C ASN C 208 -21.70 -71.20 -22.79
N VAL C 209 -20.53 -71.83 -22.70
CA VAL C 209 -19.64 -71.70 -21.56
C VAL C 209 -18.35 -71.05 -22.03
N ALA C 210 -17.88 -70.06 -21.28
CA ALA C 210 -16.66 -69.33 -21.60
C ALA C 210 -15.72 -69.36 -20.41
N HIS C 211 -14.45 -69.70 -20.66
CA HIS C 211 -13.41 -69.71 -19.63
C HIS C 211 -12.25 -68.85 -20.14
N PRO C 212 -12.27 -67.55 -19.85
CA PRO C 212 -11.24 -66.66 -20.40
C PRO C 212 -9.82 -67.00 -19.95
N ALA C 213 -9.66 -67.65 -18.80
CA ALA C 213 -8.33 -67.99 -18.33
C ALA C 213 -7.65 -69.00 -19.25
N SER C 214 -8.43 -69.84 -19.93
CA SER C 214 -7.89 -70.83 -20.86
C SER C 214 -8.33 -70.56 -22.30
N SER C 215 -8.96 -69.41 -22.56
CA SER C 215 -9.45 -69.05 -23.89
C SER C 215 -10.34 -70.16 -24.45
N THR C 216 -11.29 -70.59 -23.63
CA THR C 216 -12.16 -71.71 -23.95
C THR C 216 -13.59 -71.21 -24.10
N LYS C 217 -14.20 -71.45 -25.26
CA LYS C 217 -15.61 -71.18 -25.50
C LYS C 217 -16.24 -72.42 -26.09
N VAL C 218 -17.21 -72.99 -25.39
CA VAL C 218 -17.82 -74.27 -25.75
C VAL C 218 -19.30 -74.05 -26.01
N ASP C 219 -19.82 -74.74 -27.03
CA ASP C 219 -21.25 -74.78 -27.32
C ASP C 219 -21.74 -76.20 -27.16
N LYS C 220 -22.65 -76.42 -26.22
CA LYS C 220 -23.22 -77.73 -25.94
C LYS C 220 -24.73 -77.67 -26.15
N LYS C 221 -25.20 -78.27 -27.24
CA LYS C 221 -26.61 -78.29 -27.56
C LYS C 221 -27.33 -79.34 -26.72
N ILE C 222 -28.46 -78.95 -26.13
CA ILE C 222 -29.23 -79.83 -25.26
C ILE C 222 -30.23 -80.57 -26.14
N VAL C 223 -30.04 -81.89 -26.30
CA VAL C 223 -30.92 -82.71 -27.11
C VAL C 223 -31.65 -83.70 -26.21
N PRO C 224 -32.88 -84.09 -26.53
CA PRO C 224 -33.63 -85.01 -25.66
C PRO C 224 -32.94 -86.37 -25.56
N ARG C 225 -33.22 -87.06 -24.46
CA ARG C 225 -32.65 -88.37 -24.23
C ARG C 225 -33.40 -89.44 -25.01
N ASP C 226 -32.68 -90.50 -25.38
CA ASP C 226 -33.29 -91.66 -26.00
C ASP C 226 -33.97 -92.51 -24.93
N CYS C 227 -35.29 -92.62 -25.02
CA CYS C 227 -36.12 -93.30 -24.02
C CYS C 227 -35.94 -92.64 -22.65
N ASP C 228 -36.41 -91.40 -22.58
CA ASP C 228 -36.33 -90.60 -21.36
C ASP C 228 -37.11 -91.24 -20.21
N ASP D 1 -6.52 -54.69 18.31
CA ASP D 1 -7.41 -54.35 17.21
C ASP D 1 -8.86 -54.29 17.68
N ILE D 2 -9.61 -53.34 17.14
CA ILE D 2 -11.02 -53.17 17.50
C ILE D 2 -11.83 -54.17 16.69
N VAL D 3 -12.42 -55.15 17.38
CA VAL D 3 -13.21 -56.19 16.72
C VAL D 3 -14.67 -55.76 16.69
N LEU D 4 -15.29 -55.86 15.51
CA LEU D 4 -16.69 -55.51 15.31
C LEU D 4 -17.50 -56.80 15.16
N THR D 5 -18.52 -56.95 16.00
CA THR D 5 -19.40 -58.11 15.99
C THR D 5 -20.79 -57.66 15.59
N GLN D 6 -21.22 -58.04 14.39
CA GLN D 6 -22.57 -57.76 13.94
C GLN D 6 -23.51 -58.90 14.31
N SER D 7 -24.78 -58.55 14.50
CA SER D 7 -25.83 -59.52 14.71
C SER D 7 -27.10 -58.89 14.16
N PRO D 8 -27.99 -59.66 13.53
CA PRO D 8 -27.93 -61.12 13.35
C PRO D 8 -27.00 -61.57 12.21
N ASP D 9 -26.83 -62.88 12.07
CA ASP D 9 -26.09 -63.41 10.93
C ASP D 9 -26.83 -63.14 9.63
N SER D 10 -28.15 -63.36 9.64
CA SER D 10 -29.00 -63.03 8.51
C SER D 10 -30.36 -62.63 9.03
N LEU D 11 -31.14 -61.96 8.18
CA LEU D 11 -32.42 -61.43 8.60
C LEU D 11 -33.38 -61.38 7.42
N ALA D 12 -34.65 -61.68 7.69
CA ALA D 12 -35.70 -61.64 6.69
C ALA D 12 -36.84 -60.76 7.20
N VAL D 13 -37.12 -59.68 6.49
CA VAL D 13 -38.16 -58.73 6.86
C VAL D 13 -39.05 -58.48 5.65
N SER D 14 -40.36 -58.48 5.88
CA SER D 14 -41.31 -58.22 4.80
C SER D 14 -41.23 -56.77 4.36
N LEU D 15 -41.74 -56.51 3.16
CA LEU D 15 -41.76 -55.15 2.64
C LEU D 15 -42.63 -54.26 3.52
N GLY D 16 -42.11 -53.08 3.85
CA GLY D 16 -42.78 -52.17 4.74
C GLY D 16 -42.50 -52.36 6.21
N GLN D 17 -41.74 -53.39 6.56
CA GLN D 17 -41.40 -53.68 7.94
C GLN D 17 -40.06 -53.07 8.30
N ARG D 18 -39.68 -53.19 9.57
CA ARG D 18 -38.46 -52.60 10.10
C ARG D 18 -37.37 -53.66 10.16
N ALA D 19 -36.19 -53.34 9.64
CA ALA D 19 -35.02 -54.19 9.70
C ALA D 19 -33.98 -53.55 10.60
N THR D 20 -33.51 -54.30 11.60
CA THR D 20 -32.58 -53.78 12.60
C THR D 20 -31.33 -54.65 12.61
N ILE D 21 -30.18 -54.04 12.36
CA ILE D 21 -28.88 -54.69 12.42
C ILE D 21 -28.04 -53.99 13.47
N SER D 22 -27.45 -54.78 14.36
CA SER D 22 -26.64 -54.25 15.46
C SER D 22 -25.16 -54.51 15.21
N CYS D 23 -24.32 -53.60 15.70
CA CYS D 23 -22.87 -53.70 15.55
C CYS D 23 -22.23 -53.33 16.88
N ARG D 24 -21.49 -54.26 17.46
CA ARG D 24 -20.89 -54.08 18.78
C ARG D 24 -19.37 -54.10 18.65
N ALA D 25 -18.71 -53.09 19.22
CA ALA D 25 -17.26 -52.97 19.17
C ALA D 25 -16.64 -53.37 20.50
N SER D 26 -15.48 -54.03 20.43
CA SER D 26 -14.78 -54.44 21.65
C SER D 26 -14.22 -53.25 22.42
N GLU D 27 -13.95 -52.14 21.74
CA GLU D 27 -13.48 -50.92 22.37
C GLU D 27 -14.34 -49.76 21.91
N SER D 28 -14.24 -48.64 22.64
CA SER D 28 -14.98 -47.45 22.27
C SER D 28 -14.41 -46.86 20.98
N VAL D 29 -15.27 -46.63 20.00
CA VAL D 29 -14.87 -46.05 18.74
C VAL D 29 -15.19 -44.56 18.68
N ASP D 30 -15.38 -43.92 19.84
CA ASP D 30 -15.68 -42.50 19.89
C ASP D 30 -14.40 -41.69 20.10
N ASN D 31 -14.41 -40.48 19.54
CA ASN D 31 -13.28 -39.56 19.69
C ASN D 31 -13.70 -38.16 19.23
N TYR D 32 -13.41 -37.15 20.05
CA TYR D 32 -13.74 -35.76 19.75
C TYR D 32 -15.24 -35.58 19.55
N GLY D 33 -16.03 -36.29 20.36
CA GLY D 33 -17.48 -36.24 20.26
C GLY D 33 -18.07 -36.95 19.07
N ILE D 34 -17.24 -37.57 18.22
CA ILE D 34 -17.71 -38.29 17.04
C ILE D 34 -17.57 -39.78 17.29
N SER D 35 -18.52 -40.55 16.79
CA SER D 35 -18.40 -41.99 16.70
C SER D 35 -17.92 -42.35 15.30
N PHE D 36 -16.83 -43.12 15.21
CA PHE D 36 -16.18 -43.43 13.94
C PHE D 36 -16.74 -44.69 13.30
N MET D 37 -18.03 -44.96 13.46
CA MET D 37 -18.67 -46.14 12.88
C MET D 37 -19.26 -45.78 11.51
N ASN D 38 -19.03 -46.63 10.53
CA ASN D 38 -19.58 -46.48 9.19
C ASN D 38 -20.35 -47.72 8.80
N TRP D 39 -21.32 -47.55 7.90
CA TRP D 39 -22.15 -48.63 7.40
C TRP D 39 -22.04 -48.71 5.88
N PHE D 40 -21.88 -49.92 5.37
CA PHE D 40 -21.75 -50.17 3.94
C PHE D 40 -22.82 -51.15 3.48
N GLN D 41 -23.25 -50.98 2.22
CA GLN D 41 -24.20 -51.87 1.58
C GLN D 41 -23.53 -52.49 0.36
N GLN D 42 -23.69 -53.81 0.22
CA GLN D 42 -23.07 -54.53 -0.89
C GLN D 42 -24.06 -55.52 -1.48
N LYS D 43 -24.43 -55.31 -2.72
CA LYS D 43 -25.26 -56.21 -3.50
C LYS D 43 -24.38 -57.19 -4.28
N PRO D 44 -24.88 -58.40 -4.55
CA PRO D 44 -24.02 -59.42 -5.17
C PRO D 44 -23.51 -58.97 -6.53
N GLY D 45 -22.22 -59.19 -6.75
CA GLY D 45 -21.56 -58.77 -7.97
C GLY D 45 -21.15 -57.31 -8.02
N GLN D 46 -21.41 -56.55 -6.95
CA GLN D 46 -21.11 -55.13 -6.91
C GLN D 46 -20.24 -54.81 -5.71
N PRO D 47 -19.42 -53.77 -5.80
CA PRO D 47 -18.59 -53.37 -4.67
C PRO D 47 -19.45 -52.77 -3.57
N PRO D 48 -18.93 -52.70 -2.34
CA PRO D 48 -19.68 -52.05 -1.25
C PRO D 48 -19.88 -50.57 -1.53
N LYS D 49 -21.01 -50.06 -1.04
CA LYS D 49 -21.37 -48.65 -1.22
C LYS D 49 -21.54 -48.01 0.15
N LEU D 50 -20.95 -46.82 0.32
CA LEU D 50 -21.07 -46.09 1.57
C LEU D 50 -22.51 -45.72 1.86
N LEU D 51 -23.03 -46.18 3.00
CA LEU D 51 -24.42 -45.98 3.37
C LEU D 51 -24.58 -44.97 4.49
N ILE D 52 -23.84 -45.13 5.58
CA ILE D 52 -23.91 -44.23 6.73
C ILE D 52 -22.48 -43.93 7.17
N TYR D 53 -22.19 -42.65 7.41
CA TYR D 53 -20.91 -42.24 7.95
C TYR D 53 -21.12 -41.50 9.26
N ALA D 54 -20.11 -41.53 10.13
CA ALA D 54 -20.16 -40.94 11.46
C ALA D 54 -21.31 -41.48 12.29
N ALA D 55 -21.70 -42.73 12.00
CA ALA D 55 -22.63 -43.52 12.81
C ALA D 55 -24.07 -43.04 12.75
N SER D 56 -24.31 -41.86 12.19
CA SER D 56 -25.70 -41.37 12.11
C SER D 56 -26.00 -40.52 10.90
N ASN D 57 -25.06 -40.29 9.99
CA ASN D 57 -25.25 -39.34 8.89
C ASN D 57 -25.44 -40.08 7.57
N GLN D 58 -26.37 -39.59 6.76
CA GLN D 58 -26.67 -40.20 5.48
C GLN D 58 -25.57 -39.91 4.47
N GLY D 59 -25.22 -40.90 3.67
CA GLY D 59 -24.29 -40.71 2.58
C GLY D 59 -24.93 -39.94 1.43
N SER D 60 -24.14 -39.76 0.38
CA SER D 60 -24.61 -39.03 -0.80
C SER D 60 -25.70 -39.82 -1.51
N GLY D 61 -26.90 -39.25 -1.58
CA GLY D 61 -28.00 -39.89 -2.26
C GLY D 61 -28.67 -41.02 -1.50
N VAL D 62 -28.37 -41.19 -0.22
CA VAL D 62 -28.97 -42.23 0.60
C VAL D 62 -30.28 -41.69 1.17
N PRO D 63 -31.40 -42.34 0.90
CA PRO D 63 -32.68 -41.85 1.44
C PRO D 63 -32.74 -41.93 2.95
N ALA D 64 -33.70 -41.20 3.52
CA ALA D 64 -33.84 -41.12 4.96
C ALA D 64 -34.27 -42.44 5.60
N ARG D 65 -34.75 -43.40 4.80
CA ARG D 65 -35.22 -44.66 5.38
C ARG D 65 -34.06 -45.51 5.90
N PHE D 66 -32.83 -45.22 5.47
CA PHE D 66 -31.64 -45.76 6.10
C PHE D 66 -31.22 -44.82 7.21
N SER D 67 -31.07 -45.34 8.43
CA SER D 67 -30.72 -44.51 9.58
C SER D 67 -29.81 -45.27 10.51
N GLY D 68 -28.73 -44.62 10.94
CA GLY D 68 -27.79 -45.19 11.89
C GLY D 68 -27.87 -44.46 13.21
N SER D 69 -27.59 -45.19 14.29
CA SER D 69 -27.63 -44.62 15.64
C SER D 69 -26.60 -45.34 16.50
N GLY D 70 -26.46 -44.87 17.72
CA GLY D 70 -25.56 -45.48 18.69
C GLY D 70 -24.33 -44.62 18.95
N SER D 71 -23.60 -45.03 19.99
CA SER D 71 -22.39 -44.35 20.41
C SER D 71 -21.60 -45.28 21.30
N GLY D 72 -20.30 -44.99 21.42
CA GLY D 72 -19.44 -45.81 22.24
C GLY D 72 -19.11 -47.15 21.59
N THR D 73 -19.74 -48.22 22.09
CA THR D 73 -19.47 -49.57 21.61
C THR D 73 -20.69 -50.26 21.04
N ASP D 74 -21.85 -49.62 21.02
CA ASP D 74 -23.08 -50.24 20.54
C ASP D 74 -23.71 -49.35 19.48
N PHE D 75 -23.91 -49.89 18.28
CA PHE D 75 -24.47 -49.16 17.17
C PHE D 75 -25.53 -50.02 16.48
N SER D 76 -26.39 -49.35 15.72
CA SER D 76 -27.51 -50.03 15.06
C SER D 76 -27.83 -49.35 13.74
N LEU D 77 -28.17 -50.16 12.75
CA LEU D 77 -28.63 -49.68 11.44
C LEU D 77 -30.09 -50.10 11.28
N ASN D 78 -30.96 -49.13 11.03
CA ASN D 78 -32.38 -49.36 10.87
C ASN D 78 -32.82 -48.97 9.47
N ILE D 79 -33.58 -49.85 8.82
CA ILE D 79 -34.13 -49.59 7.49
C ILE D 79 -35.65 -49.63 7.63
N HIS D 80 -36.29 -48.47 7.45
CA HIS D 80 -37.73 -48.38 7.61
C HIS D 80 -38.30 -47.34 6.65
N PRO D 81 -39.21 -47.73 5.74
CA PRO D 81 -39.69 -49.11 5.58
C PRO D 81 -38.76 -49.98 4.72
N MET D 82 -38.90 -51.29 4.86
CA MET D 82 -38.16 -52.21 4.01
C MET D 82 -38.74 -52.19 2.59
N GLU D 83 -37.87 -52.08 1.59
CA GLU D 83 -38.28 -51.96 0.21
C GLU D 83 -37.56 -53.00 -0.65
N GLU D 84 -37.98 -53.08 -1.91
CA GLU D 84 -37.59 -54.20 -2.77
C GLU D 84 -36.10 -54.19 -3.12
N ASP D 85 -35.43 -53.05 -3.05
CA ASP D 85 -34.04 -52.94 -3.46
C ASP D 85 -33.06 -53.02 -2.30
N ASP D 86 -33.48 -53.55 -1.16
CA ASP D 86 -32.67 -53.56 0.05
C ASP D 86 -31.91 -54.86 0.28
N THR D 87 -32.20 -55.90 -0.50
CA THR D 87 -31.52 -57.18 -0.33
C THR D 87 -30.04 -57.04 -0.68
N ALA D 88 -29.18 -57.10 0.34
CA ALA D 88 -27.75 -56.92 0.14
C ALA D 88 -27.01 -57.31 1.42
N MET D 89 -25.69 -57.32 1.33
CA MET D 89 -24.85 -57.48 2.51
C MET D 89 -24.64 -56.13 3.18
N TYR D 90 -24.68 -56.13 4.51
CA TYR D 90 -24.51 -54.91 5.30
C TYR D 90 -23.35 -55.10 6.25
N PHE D 91 -22.34 -54.22 6.15
CA PHE D 91 -21.17 -54.25 6.99
C PHE D 91 -21.07 -52.96 7.80
N CYS D 92 -20.63 -53.08 9.04
CA CYS D 92 -20.19 -51.91 9.81
C CYS D 92 -18.67 -51.85 9.80
N GLN D 93 -18.14 -50.64 9.81
CA GLN D 93 -16.70 -50.41 9.71
C GLN D 93 -16.30 -49.26 10.61
N GLN D 94 -15.22 -49.44 11.34
CA GLN D 94 -14.68 -48.42 12.22
C GLN D 94 -13.38 -47.86 11.66
N SER D 95 -13.16 -46.56 11.84
CA SER D 95 -11.95 -45.90 11.38
C SER D 95 -11.27 -45.12 12.49
N LYS D 96 -11.62 -45.39 13.75
CA LYS D 96 -11.01 -44.68 14.87
C LYS D 96 -9.54 -45.05 15.00
N GLU D 97 -9.20 -46.32 14.85
CA GLU D 97 -7.84 -46.79 15.06
C GLU D 97 -7.40 -47.67 13.89
N VAL D 98 -6.09 -47.67 13.65
CA VAL D 98 -5.48 -48.58 12.69
C VAL D 98 -5.21 -49.90 13.41
N PRO D 99 -5.59 -51.05 12.84
CA PRO D 99 -6.19 -51.20 11.50
C PRO D 99 -7.70 -50.94 11.46
N TRP D 100 -8.18 -50.44 10.32
CA TRP D 100 -9.61 -50.35 10.08
C TRP D 100 -10.19 -51.74 9.95
N THR D 101 -11.25 -52.01 10.70
CA THR D 101 -11.83 -53.35 10.77
C THR D 101 -13.31 -53.31 10.40
N PHE D 102 -13.78 -54.42 9.85
CA PHE D 102 -15.17 -54.58 9.45
C PHE D 102 -15.86 -55.62 10.33
N GLY D 103 -17.18 -55.50 10.43
CA GLY D 103 -17.96 -56.54 11.04
C GLY D 103 -18.02 -57.78 10.17
N GLY D 104 -18.60 -58.85 10.75
CA GLY D 104 -18.68 -60.10 10.04
C GLY D 104 -19.57 -60.04 8.81
N GLY D 105 -20.54 -59.13 8.79
CA GLY D 105 -21.48 -59.03 7.69
C GLY D 105 -22.82 -59.63 8.03
N THR D 106 -23.89 -59.01 7.52
CA THR D 106 -25.25 -59.46 7.80
C THR D 106 -26.04 -59.53 6.50
N LYS D 107 -26.67 -60.66 6.24
CA LYS D 107 -27.45 -60.88 5.03
C LYS D 107 -28.89 -60.47 5.28
N LEU D 108 -29.33 -59.40 4.63
CA LEU D 108 -30.72 -58.95 4.70
C LEU D 108 -31.46 -59.39 3.45
N GLU D 109 -32.57 -60.09 3.64
CA GLU D 109 -33.38 -60.58 2.53
C GLU D 109 -34.82 -60.13 2.71
N ILE D 110 -35.58 -60.17 1.61
CA ILE D 110 -36.99 -59.82 1.62
C ILE D 110 -37.80 -61.05 1.98
N LYS D 111 -38.74 -60.90 2.91
CA LYS D 111 -39.62 -61.98 3.32
C LYS D 111 -40.90 -61.92 2.49
N ARG D 112 -41.12 -62.94 1.67
CA ARG D 112 -42.28 -63.03 0.79
C ARG D 112 -43.12 -64.24 1.19
N ALA D 113 -44.16 -64.50 0.41
CA ALA D 113 -45.00 -65.66 0.63
C ALA D 113 -44.23 -66.93 0.31
N ASP D 114 -44.53 -68.00 1.04
CA ASP D 114 -43.85 -69.26 0.84
C ASP D 114 -44.23 -69.86 -0.51
N ALA D 115 -43.26 -70.53 -1.14
CA ALA D 115 -43.46 -71.14 -2.44
C ALA D 115 -42.72 -72.48 -2.49
N ALA D 116 -43.39 -73.50 -3.01
CA ALA D 116 -42.79 -74.83 -3.11
C ALA D 116 -41.80 -74.88 -4.28
N PRO D 117 -40.74 -75.64 -4.15
CA PRO D 117 -39.74 -75.71 -5.23
C PRO D 117 -40.19 -76.59 -6.37
N THR D 118 -39.63 -76.31 -7.55
CA THR D 118 -39.83 -77.13 -8.74
C THR D 118 -38.63 -78.04 -8.90
N VAL D 119 -38.84 -79.33 -8.73
CA VAL D 119 -37.75 -80.32 -8.69
C VAL D 119 -37.58 -80.92 -10.08
N SER D 120 -36.32 -81.03 -10.51
CA SER D 120 -35.97 -81.68 -11.76
C SER D 120 -34.71 -82.49 -11.54
N ILE D 121 -34.74 -83.77 -11.90
CA ILE D 121 -33.61 -84.67 -11.74
C ILE D 121 -33.06 -85.03 -13.10
N PHE D 122 -31.74 -85.17 -13.18
CA PHE D 122 -31.06 -85.42 -14.45
C PHE D 122 -30.04 -86.55 -14.26
N PRO D 123 -30.08 -87.59 -15.08
CA PRO D 123 -29.07 -88.64 -14.99
C PRO D 123 -27.75 -88.18 -15.57
N PRO D 124 -26.65 -88.85 -15.25
CA PRO D 124 -25.35 -88.47 -15.83
C PRO D 124 -25.38 -88.57 -17.35
N SER D 125 -24.83 -87.55 -17.99
CA SER D 125 -24.76 -87.54 -19.45
C SER D 125 -23.83 -88.64 -19.94
N SER D 126 -24.05 -89.05 -21.19
CA SER D 126 -23.20 -90.08 -21.79
C SER D 126 -21.77 -89.58 -21.96
N GLU D 127 -21.58 -88.28 -22.16
CA GLU D 127 -20.24 -87.74 -22.29
C GLU D 127 -19.45 -87.88 -20.99
N GLN D 128 -20.10 -87.65 -19.85
CA GLN D 128 -19.39 -87.73 -18.58
C GLN D 128 -19.08 -89.17 -18.20
N LEU D 129 -19.99 -90.10 -18.50
CA LEU D 129 -19.75 -91.51 -18.19
C LEU D 129 -18.56 -92.05 -18.96
N THR D 130 -18.38 -91.60 -20.20
CA THR D 130 -17.20 -92.01 -20.97
C THR D 130 -15.92 -91.49 -20.34
N SER D 131 -16.00 -90.36 -19.62
CA SER D 131 -14.83 -89.79 -18.97
C SER D 131 -14.48 -90.48 -17.66
N GLY D 132 -15.38 -91.30 -17.11
CA GLY D 132 -15.11 -92.05 -15.89
C GLY D 132 -15.83 -91.54 -14.67
N GLY D 133 -16.55 -90.42 -14.77
CA GLY D 133 -17.29 -89.86 -13.65
C GLY D 133 -18.79 -90.04 -13.82
N ALA D 134 -19.51 -89.73 -12.75
CA ALA D 134 -20.97 -89.85 -12.75
C ALA D 134 -21.53 -88.85 -11.75
N SER D 135 -22.17 -87.80 -12.26
CA SER D 135 -22.79 -86.77 -11.44
C SER D 135 -24.27 -86.72 -11.73
N VAL D 136 -25.09 -86.92 -10.70
CA VAL D 136 -26.53 -86.79 -10.79
C VAL D 136 -26.91 -85.39 -10.31
N VAL D 137 -27.62 -84.65 -11.15
CA VAL D 137 -27.98 -83.26 -10.86
C VAL D 137 -29.46 -83.17 -10.56
N CYS D 138 -29.80 -82.40 -9.53
CA CYS D 138 -31.18 -82.15 -9.15
C CYS D 138 -31.38 -80.66 -8.97
N PHE D 139 -32.22 -80.06 -9.81
CA PHE D 139 -32.51 -78.64 -9.75
C PHE D 139 -33.77 -78.39 -8.93
N LEU D 140 -33.71 -77.38 -8.06
CA LEU D 140 -34.84 -76.96 -7.24
C LEU D 140 -34.95 -75.44 -7.40
N ASN D 141 -35.88 -75.00 -8.23
CA ASN D 141 -35.95 -73.61 -8.66
C ASN D 141 -37.15 -72.89 -8.06
N ASN D 142 -36.96 -71.61 -7.73
CA ASN D 142 -38.03 -70.68 -7.38
C ASN D 142 -38.84 -71.17 -6.17
N PHE D 143 -38.17 -71.18 -5.02
CA PHE D 143 -38.80 -71.53 -3.76
C PHE D 143 -38.44 -70.49 -2.70
N TYR D 144 -39.25 -70.48 -1.63
CA TYR D 144 -39.02 -69.61 -0.49
C TYR D 144 -39.75 -70.22 0.70
N PRO D 145 -39.15 -70.22 1.91
CA PRO D 145 -37.84 -69.66 2.27
C PRO D 145 -36.62 -70.43 1.76
N LYS D 146 -35.44 -69.89 2.05
CA LYS D 146 -34.20 -70.48 1.57
C LYS D 146 -33.91 -71.83 2.22
N ASP D 147 -34.39 -72.03 3.44
CA ASP D 147 -34.10 -73.27 4.16
C ASP D 147 -34.85 -74.44 3.53
N ILE D 148 -34.11 -75.49 3.17
CA ILE D 148 -34.69 -76.66 2.51
C ILE D 148 -33.73 -77.82 2.70
N ASN D 149 -34.28 -79.03 2.76
CA ASN D 149 -33.50 -80.25 2.96
C ASN D 149 -33.69 -81.17 1.76
N VAL D 150 -32.58 -81.59 1.16
CA VAL D 150 -32.59 -82.50 0.02
C VAL D 150 -32.03 -83.85 0.46
N LYS D 151 -32.74 -84.92 0.11
CA LYS D 151 -32.35 -86.28 0.48
C LYS D 151 -32.19 -87.11 -0.79
N TRP D 152 -30.98 -87.61 -1.02
CA TRP D 152 -30.70 -88.51 -2.12
C TRP D 152 -30.89 -89.95 -1.65
N LYS D 153 -31.66 -90.72 -2.41
CA LYS D 153 -31.93 -92.12 -2.10
C LYS D 153 -31.52 -92.98 -3.29
N ILE D 154 -30.46 -93.76 -3.12
CA ILE D 154 -29.96 -94.66 -4.16
C ILE D 154 -30.51 -96.04 -3.88
N ASP D 155 -31.44 -96.50 -4.72
CA ASP D 155 -32.12 -97.79 -4.54
C ASP D 155 -32.79 -97.89 -3.17
N GLY D 156 -33.39 -96.78 -2.73
CA GLY D 156 -34.06 -96.72 -1.44
C GLY D 156 -33.19 -96.26 -0.29
N SER D 157 -31.95 -96.75 -0.23
CA SER D 157 -31.02 -96.32 0.82
C SER D 157 -30.64 -94.86 0.62
N GLU D 158 -30.59 -94.12 1.72
CA GLU D 158 -30.23 -92.71 1.66
C GLU D 158 -28.73 -92.54 1.46
N ARG D 159 -28.36 -91.55 0.64
CA ARG D 159 -26.97 -91.24 0.35
C ARG D 159 -26.71 -89.80 0.77
N GLN D 160 -25.70 -89.61 1.62
CA GLN D 160 -25.30 -88.29 2.07
C GLN D 160 -23.87 -87.91 1.72
N ASN D 161 -22.99 -88.88 1.49
CA ASN D 161 -21.64 -88.59 1.06
C ASN D 161 -21.60 -88.37 -0.44
N GLY D 162 -20.84 -87.36 -0.86
CA GLY D 162 -20.79 -86.99 -2.26
C GLY D 162 -21.86 -86.03 -2.72
N VAL D 163 -22.61 -85.44 -1.80
CA VAL D 163 -23.69 -84.52 -2.12
C VAL D 163 -23.21 -83.10 -1.86
N LEU D 164 -23.37 -82.23 -2.86
CA LEU D 164 -22.97 -80.83 -2.76
C LEU D 164 -24.12 -79.95 -3.21
N ASN D 165 -24.51 -79.00 -2.36
CA ASN D 165 -25.63 -78.12 -2.63
C ASN D 165 -25.14 -76.70 -2.86
N SER D 166 -25.84 -75.97 -3.73
CA SER D 166 -25.44 -74.61 -4.10
C SER D 166 -26.70 -73.77 -4.29
N TRP D 167 -26.85 -72.74 -3.47
CA TRP D 167 -27.95 -71.80 -3.57
C TRP D 167 -27.56 -70.58 -4.38
N THR D 168 -28.53 -70.05 -5.13
CA THR D 168 -28.34 -68.77 -5.78
C THR D 168 -28.65 -67.64 -4.80
N ASP D 169 -28.33 -66.41 -5.21
CA ASP D 169 -28.80 -65.26 -4.47
C ASP D 169 -30.30 -65.10 -4.65
N GLN D 170 -30.92 -64.37 -3.72
CA GLN D 170 -32.35 -64.12 -3.82
C GLN D 170 -32.63 -63.31 -5.09
N ASP D 171 -33.58 -63.80 -5.89
CA ASP D 171 -33.88 -63.16 -7.17
C ASP D 171 -34.38 -61.74 -6.95
N SER D 172 -33.83 -60.81 -7.73
CA SER D 172 -34.13 -59.38 -7.57
C SER D 172 -35.50 -58.99 -8.11
N LYS D 173 -36.25 -59.92 -8.70
CA LYS D 173 -37.57 -59.62 -9.23
C LYS D 173 -38.70 -60.36 -8.51
N ASP D 174 -38.47 -61.61 -8.12
CA ASP D 174 -39.49 -62.42 -7.47
C ASP D 174 -39.14 -62.84 -6.06
N SER D 175 -37.92 -62.56 -5.59
CA SER D 175 -37.51 -62.80 -4.21
C SER D 175 -37.50 -64.28 -3.84
N THR D 176 -37.31 -65.16 -4.82
CA THR D 176 -37.22 -66.59 -4.57
C THR D 176 -35.76 -67.04 -4.56
N TYR D 177 -35.56 -68.28 -4.13
CA TYR D 177 -34.25 -68.93 -4.14
C TYR D 177 -34.29 -70.14 -5.06
N SER D 178 -33.11 -70.52 -5.53
CA SER D 178 -32.95 -71.71 -6.36
C SER D 178 -31.68 -72.43 -5.93
N MET D 179 -31.72 -73.77 -5.98
CA MET D 179 -30.62 -74.59 -5.51
C MET D 179 -30.44 -75.79 -6.42
N SER D 180 -29.19 -76.08 -6.77
CA SER D 180 -28.82 -77.28 -7.51
C SER D 180 -28.12 -78.24 -6.55
N SER D 181 -28.50 -79.51 -6.60
CA SER D 181 -27.93 -80.54 -5.76
C SER D 181 -27.28 -81.60 -6.65
N THR D 182 -25.96 -81.72 -6.54
CA THR D 182 -25.18 -82.63 -7.38
C THR D 182 -24.66 -83.79 -6.55
N LEU D 183 -25.10 -84.99 -6.89
CA LEU D 183 -24.61 -86.23 -6.28
C LEU D 183 -23.53 -86.80 -7.19
N THR D 184 -22.28 -86.73 -6.73
CA THR D 184 -21.14 -87.21 -7.52
C THR D 184 -20.75 -88.60 -7.05
N LEU D 185 -20.71 -89.54 -7.97
CA LEU D 185 -20.30 -90.91 -7.70
C LEU D 185 -19.23 -91.32 -8.70
N THR D 186 -18.63 -92.48 -8.46
CA THR D 186 -17.76 -93.08 -9.46
C THR D 186 -18.61 -93.83 -10.48
N LYS D 187 -18.04 -94.03 -11.67
CA LYS D 187 -18.75 -94.76 -12.71
C LYS D 187 -19.08 -96.18 -12.27
N ASP D 188 -18.20 -96.79 -11.47
CA ASP D 188 -18.48 -98.12 -10.94
C ASP D 188 -19.63 -98.09 -9.94
N GLU D 189 -19.68 -97.07 -9.09
CA GLU D 189 -20.74 -96.99 -8.09
C GLU D 189 -22.08 -96.67 -8.73
N TYR D 190 -22.09 -95.83 -9.77
CA TYR D 190 -23.33 -95.47 -10.42
C TYR D 190 -23.95 -96.66 -11.15
N GLU D 191 -23.12 -97.53 -11.71
CA GLU D 191 -23.61 -98.67 -12.49
C GLU D 191 -24.00 -99.85 -11.62
N ARG D 192 -23.75 -99.79 -10.32
CA ARG D 192 -24.18 -100.87 -9.43
C ARG D 192 -25.64 -100.73 -9.01
N HIS D 193 -26.23 -99.56 -9.19
CA HIS D 193 -27.61 -99.29 -8.80
C HIS D 193 -28.41 -98.84 -10.01
N ASN D 194 -29.73 -98.80 -9.83
CA ASN D 194 -30.64 -98.48 -10.93
C ASN D 194 -31.58 -97.31 -10.61
N SER D 195 -32.07 -97.22 -9.38
CA SER D 195 -33.05 -96.20 -9.01
C SER D 195 -32.36 -95.07 -8.26
N TYR D 196 -32.52 -93.85 -8.77
CA TYR D 196 -31.98 -92.66 -8.14
C TYR D 196 -33.11 -91.67 -7.89
N THR D 197 -33.17 -91.14 -6.67
CA THR D 197 -34.29 -90.33 -6.21
C THR D 197 -33.78 -89.05 -5.58
N CYS D 198 -34.47 -87.94 -5.87
CA CYS D 198 -34.18 -86.63 -5.29
C CYS D 198 -35.39 -86.21 -4.47
N GLU D 199 -35.28 -86.36 -3.15
CA GLU D 199 -36.37 -86.02 -2.23
C GLU D 199 -36.16 -84.62 -1.67
N ALA D 200 -37.17 -83.76 -1.83
CA ALA D 200 -37.10 -82.36 -1.42
C ALA D 200 -38.13 -82.10 -0.33
N THR D 201 -37.66 -81.84 0.89
CA THR D 201 -38.52 -81.50 2.01
C THR D 201 -38.43 -80.01 2.28
N HIS D 202 -39.56 -79.32 2.18
CA HIS D 202 -39.62 -77.87 2.37
C HIS D 202 -40.77 -77.54 3.30
N LYS D 203 -40.70 -76.37 3.93
CA LYS D 203 -41.73 -76.00 4.91
C LYS D 203 -43.08 -75.73 4.28
N THR D 204 -43.16 -75.58 2.95
CA THR D 204 -44.44 -75.33 2.30
C THR D 204 -45.40 -76.50 2.42
N SER D 205 -44.90 -77.71 2.60
CA SER D 205 -45.75 -78.89 2.75
C SER D 205 -44.98 -79.97 3.48
N THR D 206 -45.72 -80.82 4.19
CA THR D 206 -45.11 -81.93 4.92
C THR D 206 -44.81 -83.12 4.02
N SER D 207 -45.33 -83.14 2.79
CA SER D 207 -45.06 -84.23 1.86
C SER D 207 -43.87 -83.87 0.98
N PRO D 208 -42.78 -84.62 1.01
CA PRO D 208 -41.62 -84.28 0.18
C PRO D 208 -41.94 -84.44 -1.30
N ILE D 209 -41.28 -83.61 -2.11
CA ILE D 209 -41.40 -83.67 -3.56
C ILE D 209 -40.35 -84.62 -4.09
N VAL D 210 -40.77 -85.60 -4.89
CA VAL D 210 -39.92 -86.71 -5.32
C VAL D 210 -39.85 -86.72 -6.84
N LYS D 211 -38.62 -86.71 -7.37
CA LYS D 211 -38.36 -86.93 -8.78
C LYS D 211 -37.29 -88.02 -8.88
N SER D 212 -37.49 -88.96 -9.80
CA SER D 212 -36.62 -90.13 -9.88
C SER D 212 -36.46 -90.55 -11.34
N PHE D 213 -35.50 -91.45 -11.55
CA PHE D 213 -35.28 -92.07 -12.84
C PHE D 213 -34.64 -93.42 -12.64
N ASN D 214 -34.79 -94.30 -13.63
CA ASN D 214 -34.13 -95.59 -13.64
C ASN D 214 -32.96 -95.56 -14.60
N ARG D 215 -31.84 -96.17 -14.17
CA ARG D 215 -30.62 -96.09 -14.96
C ARG D 215 -30.74 -96.79 -16.30
N ASN D 216 -31.48 -97.90 -16.35
CA ASN D 216 -31.63 -98.65 -17.59
C ASN D 216 -32.87 -98.22 -18.38
N GLU D 217 -32.98 -96.92 -18.62
CA GLU D 217 -34.07 -96.37 -19.41
C GLU D 217 -33.57 -95.28 -20.35
N VAL E 2 20.80 37.00 10.16
CA VAL E 2 20.81 36.23 8.91
C VAL E 2 22.01 35.30 8.88
N GLN E 3 21.74 34.00 8.80
CA GLN E 3 22.80 33.00 8.76
C GLN E 3 22.33 31.81 7.92
N LEU E 4 23.25 31.30 7.09
CA LEU E 4 22.99 30.12 6.26
C LEU E 4 24.10 29.12 6.46
N VAL E 5 23.74 27.88 6.81
CA VAL E 5 24.70 26.83 7.11
C VAL E 5 24.43 25.66 6.19
N GLU E 6 25.42 25.34 5.34
CA GLU E 6 25.32 24.21 4.44
C GLU E 6 25.82 22.94 5.10
N SER E 7 25.32 21.80 4.63
CA SER E 7 25.73 20.50 5.15
C SER E 7 25.34 19.43 4.13
N GLY E 8 25.94 18.26 4.28
CA GLY E 8 25.63 17.11 3.45
C GLY E 8 26.67 16.77 2.40
N GLY E 9 27.66 17.62 2.19
CA GLY E 9 28.67 17.33 1.19
C GLY E 9 29.62 16.25 1.63
N GLY E 10 30.24 15.60 0.64
CA GLY E 10 31.17 14.52 0.93
C GLY E 10 31.68 13.90 -0.34
N LEU E 11 32.34 12.75 -0.17
CA LEU E 11 32.91 12.01 -1.29
C LEU E 11 31.90 10.97 -1.78
N VAL E 12 31.64 10.98 -3.09
CA VAL E 12 30.72 10.03 -3.71
C VAL E 12 31.34 9.51 -5.00
N LYS E 13 31.01 8.27 -5.34
CA LYS E 13 31.46 7.68 -6.59
C LYS E 13 30.65 8.23 -7.75
N PRO E 14 31.20 8.18 -8.97
CA PRO E 14 30.42 8.62 -10.14
C PRO E 14 29.13 7.83 -10.28
N GLY E 15 28.03 8.54 -10.52
CA GLY E 15 26.71 7.94 -10.59
C GLY E 15 25.99 7.84 -9.26
N GLY E 16 26.63 8.23 -8.17
CA GLY E 16 26.02 8.15 -6.86
C GLY E 16 25.05 9.29 -6.60
N SER E 17 24.49 9.28 -5.39
CA SER E 17 23.52 10.28 -4.96
C SER E 17 24.01 10.99 -3.72
N LEU E 18 23.47 12.19 -3.51
CA LEU E 18 23.84 13.02 -2.37
C LEU E 18 22.77 14.09 -2.19
N LYS E 19 22.41 14.35 -0.93
CA LYS E 19 21.39 15.34 -0.61
C LYS E 19 22.00 16.40 0.31
N LEU E 20 21.92 17.65 -0.11
CA LEU E 20 22.46 18.78 0.65
C LEU E 20 21.35 19.51 1.38
N SER E 21 21.69 20.04 2.56
CA SER E 21 20.76 20.80 3.37
C SER E 21 21.35 22.18 3.65
N CYS E 22 20.45 23.16 3.82
CA CYS E 22 20.82 24.55 4.05
C CYS E 22 19.96 25.09 5.18
N ALA E 23 20.52 25.12 6.39
CA ALA E 23 19.79 25.62 7.55
C ALA E 23 19.80 27.15 7.55
N ALA E 24 18.61 27.74 7.63
CA ALA E 24 18.45 29.19 7.61
C ALA E 24 17.98 29.68 8.97
N SER E 25 18.35 30.92 9.30
CA SER E 25 17.98 31.52 10.57
C SER E 25 18.13 33.03 10.47
N GLY E 26 17.46 33.72 11.38
CA GLY E 26 17.53 35.16 11.45
C GLY E 26 16.56 35.91 10.56
N PHE E 27 15.54 35.24 10.03
CA PHE E 27 14.58 35.85 9.12
C PHE E 27 13.43 34.88 8.90
N THR E 28 12.37 35.38 8.27
CA THR E 28 11.24 34.54 7.89
C THR E 28 11.62 33.78 6.63
N PHE E 29 12.03 32.52 6.80
CA PHE E 29 12.53 31.72 5.68
C PHE E 29 11.43 31.48 4.64
N SER E 30 10.19 31.33 5.08
CA SER E 30 9.09 31.05 4.17
C SER E 30 8.68 32.25 3.32
N SER E 31 9.36 33.39 3.44
CA SER E 31 8.99 34.59 2.71
C SER E 31 10.02 35.01 1.67
N TYR E 32 11.13 34.28 1.53
CA TYR E 32 12.21 34.68 0.64
C TYR E 32 12.51 33.58 -0.37
N THR E 33 12.93 34.02 -1.55
CA THR E 33 13.34 33.11 -2.62
C THR E 33 14.77 32.63 -2.36
N MET E 34 15.00 31.32 -2.48
CA MET E 34 16.28 30.72 -2.21
C MET E 34 16.90 30.18 -3.49
N SER E 35 18.23 30.11 -3.51
CA SER E 35 18.98 29.69 -4.68
C SER E 35 20.17 28.84 -4.28
N TRP E 36 20.63 28.03 -5.23
CA TRP E 36 21.85 27.23 -5.08
C TRP E 36 22.83 27.66 -6.16
N VAL E 37 24.08 27.90 -5.76
CA VAL E 37 25.15 28.25 -6.69
C VAL E 37 26.39 27.44 -6.31
N ARG E 38 27.05 26.85 -7.30
CA ARG E 38 28.24 26.03 -7.09
C ARG E 38 29.44 26.67 -7.68
N GLN E 39 30.60 26.41 -7.12
CA GLN E 39 31.86 26.99 -7.58
C GLN E 39 32.83 25.85 -7.87
N THR E 40 33.19 25.70 -9.14
CA THR E 40 34.10 24.65 -9.56
C THR E 40 35.49 24.88 -8.97
N PRO E 41 36.35 23.86 -8.99
CA PRO E 41 37.74 24.06 -8.53
C PRO E 41 38.47 25.17 -9.27
N GLU E 42 38.03 25.52 -10.48
CA GLU E 42 38.58 26.65 -11.21
C GLU E 42 38.01 27.98 -10.75
N LYS E 43 37.32 28.01 -9.60
CA LYS E 43 36.78 29.23 -9.02
C LYS E 43 35.78 29.92 -9.94
N ARG E 44 35.02 29.14 -10.71
CA ARG E 44 33.99 29.67 -11.60
C ARG E 44 32.62 29.43 -10.99
N LEU E 45 31.81 30.48 -10.93
CA LEU E 45 30.48 30.41 -10.35
C LEU E 45 29.48 29.97 -11.40
N GLU E 46 28.63 29.00 -11.04
CA GLU E 46 27.61 28.48 -11.95
C GLU E 46 26.30 28.35 -11.19
N TRP E 47 25.25 29.01 -11.70
CA TRP E 47 23.94 28.92 -11.08
C TRP E 47 23.38 27.51 -11.23
N VAL E 48 22.83 26.98 -10.14
CA VAL E 48 22.35 25.59 -10.09
C VAL E 48 20.83 25.53 -10.10
N ALA E 49 20.18 26.18 -9.14
CA ALA E 49 18.72 26.10 -9.04
C ALA E 49 18.20 27.27 -8.22
N THR E 50 16.91 27.53 -8.38
CA THR E 50 16.23 28.59 -7.65
C THR E 50 14.78 28.19 -7.43
N ILE E 51 14.29 28.37 -6.20
CA ILE E 51 12.94 27.99 -5.84
C ILE E 51 12.25 29.20 -5.23
N SER E 52 10.94 29.32 -5.48
CA SER E 52 10.18 30.47 -4.99
C SER E 52 10.00 30.37 -3.47
N SER E 53 9.31 31.37 -2.91
CA SER E 53 9.15 31.42 -1.46
C SER E 53 8.30 30.26 -0.96
N GLY E 54 7.21 29.94 -1.64
CA GLY E 54 6.34 28.85 -1.24
C GLY E 54 6.70 27.50 -1.79
N GLY E 55 7.65 27.43 -2.71
CA GLY E 55 8.02 26.18 -3.34
C GLY E 55 7.18 25.78 -4.54
N ASP E 56 6.28 26.65 -4.99
CA ASP E 56 5.40 26.31 -6.10
C ASP E 56 6.13 26.37 -7.44
N TYR E 57 7.23 27.10 -7.54
CA TYR E 57 7.98 27.24 -8.78
C TYR E 57 9.45 26.92 -8.54
N THR E 58 10.02 26.11 -9.43
CA THR E 58 11.44 25.79 -9.40
C THR E 58 12.08 26.17 -10.72
N TYR E 59 13.38 26.47 -10.68
CA TYR E 59 14.11 26.88 -11.87
C TYR E 59 15.47 26.22 -11.86
N SER E 60 15.96 25.84 -13.05
CA SER E 60 17.25 25.19 -13.20
C SER E 60 17.66 25.16 -14.67
N PRO E 61 18.96 25.21 -14.97
CA PRO E 61 19.39 25.11 -16.37
C PRO E 61 19.22 23.70 -16.90
N ASP E 62 19.32 23.57 -18.23
CA ASP E 62 19.13 22.29 -18.88
C ASP E 62 20.23 21.29 -18.55
N SER E 63 21.41 21.75 -18.14
CA SER E 63 22.50 20.84 -17.82
C SER E 63 22.24 20.04 -16.55
N VAL E 64 21.38 20.53 -15.66
CA VAL E 64 21.06 19.88 -14.40
C VAL E 64 19.57 19.61 -14.26
N LYS E 65 18.80 19.77 -15.34
CA LYS E 65 17.34 19.66 -15.23
C LYS E 65 16.91 18.25 -14.84
N GLY E 66 17.67 17.23 -15.24
CA GLY E 66 17.29 15.86 -14.92
C GLY E 66 17.95 15.31 -13.68
N ARG E 67 19.12 15.84 -13.33
CA ARG E 67 19.90 15.30 -12.22
C ARG E 67 19.61 15.99 -10.89
N PHE E 68 19.45 17.30 -10.91
CA PHE E 68 19.30 18.08 -9.68
C PHE E 68 17.87 18.56 -9.51
N THR E 69 17.36 18.50 -8.28
CA THR E 69 16.04 18.98 -7.93
C THR E 69 16.16 19.81 -6.65
N ILE E 70 15.61 21.02 -6.67
CA ILE E 70 15.63 21.91 -5.52
C ILE E 70 14.29 21.84 -4.81
N SER E 71 14.32 21.85 -3.49
CA SER E 71 13.11 21.81 -2.69
C SER E 71 13.38 22.50 -1.36
N ARG E 72 12.31 22.80 -0.63
CA ARG E 72 12.44 23.50 0.64
C ARG E 72 11.33 23.03 1.58
N ASP E 73 11.64 23.05 2.87
CA ASP E 73 10.69 22.71 3.94
C ASP E 73 10.60 23.93 4.84
N ASN E 74 9.62 24.80 4.57
CA ASN E 74 9.47 26.03 5.35
C ASN E 74 9.13 25.75 6.81
N ALA E 75 8.55 24.59 7.11
CA ALA E 75 8.25 24.25 8.49
C ALA E 75 9.53 24.04 9.30
N LYS E 76 10.58 23.53 8.66
CA LYS E 76 11.87 23.34 9.32
C LYS E 76 12.87 24.45 9.01
N SER E 77 12.50 25.41 8.15
CA SER E 77 13.37 26.50 7.75
C SER E 77 14.68 25.97 7.17
N THR E 78 14.55 25.03 6.22
CA THR E 78 15.69 24.37 5.62
C THR E 78 15.49 24.24 4.12
N LEU E 79 16.55 24.51 3.37
CA LEU E 79 16.57 24.34 1.92
C LEU E 79 17.29 23.04 1.58
N TYR E 80 16.78 22.33 0.58
CA TYR E 80 17.32 21.04 0.20
C TYR E 80 17.70 21.03 -1.28
N LEU E 81 18.71 20.21 -1.61
CA LEU E 81 19.13 19.99 -2.99
C LEU E 81 19.51 18.51 -3.11
N GLN E 82 18.62 17.72 -3.72
CA GLN E 82 18.85 16.30 -3.91
C GLN E 82 19.59 16.08 -5.22
N MET E 83 20.78 15.48 -5.14
CA MET E 83 21.62 15.23 -6.30
C MET E 83 21.61 13.73 -6.62
N SER E 84 21.45 13.41 -7.90
CA SER E 84 21.48 12.03 -8.37
C SER E 84 22.17 12.00 -9.73
N SER E 85 22.68 10.81 -10.07
CA SER E 85 23.44 10.61 -11.31
C SER E 85 24.60 11.60 -11.40
N LEU E 86 25.35 11.69 -10.30
CA LEU E 86 26.44 12.65 -10.22
C LEU E 86 27.59 12.25 -11.14
N LYS E 87 28.23 13.25 -11.74
CA LYS E 87 29.40 13.07 -12.58
C LYS E 87 30.60 13.71 -11.92
N SER E 88 31.79 13.33 -12.41
CA SER E 88 33.02 13.88 -11.84
C SER E 88 33.13 15.38 -12.06
N GLU E 89 32.56 15.88 -13.16
CA GLU E 89 32.61 17.32 -13.44
C GLU E 89 31.76 18.13 -12.46
N ASP E 90 30.83 17.49 -11.76
CA ASP E 90 29.98 18.17 -10.79
C ASP E 90 30.72 18.48 -9.49
N THR E 91 31.96 18.04 -9.34
CA THR E 91 32.73 18.34 -8.14
C THR E 91 32.93 19.84 -8.01
N ALA E 92 32.38 20.42 -6.94
CA ALA E 92 32.43 21.86 -6.74
C ALA E 92 32.07 22.16 -5.29
N MET E 93 32.16 23.44 -4.92
CA MET E 93 31.75 23.93 -3.62
C MET E 93 30.35 24.52 -3.76
N PHE E 94 29.38 23.89 -3.10
CA PHE E 94 27.97 24.26 -3.25
C PHE E 94 27.59 25.28 -2.17
N TYR E 95 27.13 26.44 -2.61
CA TYR E 95 26.63 27.48 -1.72
C TYR E 95 25.13 27.61 -1.86
N CYS E 96 24.45 27.86 -0.74
CA CYS E 96 23.06 28.28 -0.75
C CYS E 96 22.97 29.75 -0.38
N SER E 97 22.09 30.47 -1.07
CA SER E 97 21.96 31.91 -0.88
C SER E 97 20.49 32.30 -1.00
N ARG E 98 20.17 33.48 -0.47
CA ARG E 98 18.83 34.03 -0.52
C ARG E 98 18.72 35.04 -1.64
N ALA E 99 17.74 34.86 -2.52
CA ALA E 99 17.46 35.80 -3.60
C ALA E 99 16.42 36.80 -3.12
N GLU E 100 16.82 38.05 -2.97
CA GLU E 100 15.94 39.12 -2.53
C GLU E 100 15.66 40.06 -3.69
N PHE E 101 14.38 40.37 -3.90
CA PHE E 101 13.95 41.28 -4.96
C PHE E 101 14.04 42.71 -4.42
N ILE E 102 15.02 43.47 -4.92
CA ILE E 102 15.29 44.81 -4.44
C ILE E 102 14.70 45.81 -5.43
N THR E 103 13.79 46.66 -4.97
CA THR E 103 13.11 47.61 -5.84
C THR E 103 13.99 48.83 -6.09
N THR E 104 14.12 49.21 -7.35
CA THR E 104 14.94 50.37 -7.72
C THR E 104 14.12 51.48 -8.37
N ALA E 105 13.45 51.20 -9.50
CA ALA E 105 12.69 52.22 -10.22
C ALA E 105 11.56 51.54 -10.97
N THR E 106 10.37 51.54 -10.37
CA THR E 106 9.15 50.93 -10.89
C THR E 106 9.30 49.42 -11.11
N TRP E 107 10.42 48.83 -10.71
CA TRP E 107 10.66 47.40 -10.82
C TRP E 107 11.84 47.06 -9.92
N GLY E 108 12.38 45.86 -10.09
CA GLY E 108 13.52 45.46 -9.31
C GLY E 108 14.26 44.30 -9.95
N VAL E 109 15.27 43.81 -9.22
CA VAL E 109 16.08 42.69 -9.67
C VAL E 109 16.23 41.70 -8.54
N TYR E 110 16.41 40.43 -8.90
CA TYR E 110 16.74 39.40 -7.92
C TYR E 110 18.25 39.41 -7.68
N ALA E 111 18.64 39.64 -6.43
CA ALA E 111 20.05 39.69 -6.05
C ALA E 111 20.28 38.77 -4.87
N MET E 112 21.26 37.88 -5.00
CA MET E 112 21.62 36.95 -3.93
C MET E 112 22.50 37.71 -2.94
N ASP E 113 21.86 38.30 -1.93
CA ASP E 113 22.52 39.23 -1.03
C ASP E 113 23.21 38.55 0.15
N TYR E 114 22.70 37.42 0.62
CA TYR E 114 23.28 36.71 1.76
C TYR E 114 23.63 35.29 1.35
N TRP E 115 24.84 34.86 1.68
CA TRP E 115 25.36 33.56 1.28
C TRP E 115 25.85 32.81 2.51
N GLY E 116 25.94 31.48 2.37
CA GLY E 116 26.46 30.63 3.41
C GLY E 116 27.92 30.26 3.17
N GLN E 117 28.50 29.58 4.17
CA GLN E 117 29.91 29.20 4.08
C GLN E 117 30.17 28.14 3.03
N GLY E 118 29.16 27.36 2.65
CA GLY E 118 29.29 26.38 1.61
C GLY E 118 29.70 25.00 2.13
N THR E 119 29.39 23.99 1.33
CA THR E 119 29.74 22.61 1.64
C THR E 119 30.45 22.00 0.43
N SER E 120 31.48 21.20 0.70
CA SER E 120 32.33 20.65 -0.34
C SER E 120 31.78 19.31 -0.82
N VAL E 121 31.68 19.15 -2.14
CA VAL E 121 31.23 17.92 -2.76
C VAL E 121 32.32 17.42 -3.69
N THR E 122 32.75 16.17 -3.50
CA THR E 122 33.81 15.57 -4.29
C THR E 122 33.28 14.30 -4.95
N VAL E 123 33.33 14.25 -6.27
CA VAL E 123 32.88 13.10 -7.05
C VAL E 123 34.09 12.51 -7.75
N SER E 124 34.52 11.33 -7.30
CA SER E 124 35.68 10.68 -7.88
C SER E 124 35.63 9.19 -7.57
N SER E 125 36.39 8.42 -8.34
CA SER E 125 36.52 6.98 -8.14
C SER E 125 37.63 6.62 -7.17
N ALA E 126 38.32 7.60 -6.60
CA ALA E 126 39.39 7.33 -5.66
C ALA E 126 38.83 7.06 -4.27
N LYS E 127 39.51 6.21 -3.52
CA LYS E 127 39.10 5.83 -2.19
C LYS E 127 39.70 6.77 -1.15
N THR E 128 39.05 6.82 0.01
CA THR E 128 39.53 7.64 1.11
C THR E 128 40.87 7.10 1.62
N THR E 129 41.86 7.99 1.73
CA THR E 129 43.19 7.62 2.17
C THR E 129 43.70 8.65 3.17
N PRO E 130 44.20 8.22 4.32
CA PRO E 130 44.76 9.18 5.29
C PRO E 130 46.07 9.75 4.79
N PRO E 131 46.44 10.95 5.23
CA PRO E 131 47.68 11.57 4.74
C PRO E 131 48.91 11.08 5.49
N SER E 132 50.05 11.25 4.84
CA SER E 132 51.36 11.03 5.44
C SER E 132 51.98 12.37 5.78
N VAL E 133 52.40 12.52 7.04
CA VAL E 133 52.87 13.80 7.56
C VAL E 133 54.38 13.69 7.76
N TYR E 134 55.13 14.58 7.10
CA TYR E 134 56.58 14.60 7.20
C TYR E 134 57.05 16.01 7.51
N PRO E 135 57.88 16.20 8.53
CA PRO E 135 58.38 17.54 8.84
C PRO E 135 59.51 17.95 7.91
N LEU E 136 59.58 19.26 7.66
CA LEU E 136 60.62 19.84 6.83
C LEU E 136 61.48 20.75 7.71
N ALA E 137 62.67 20.27 8.08
CA ALA E 137 63.57 21.01 8.93
C ALA E 137 64.88 21.29 8.20
N PRO E 138 65.49 22.46 8.40
CA PRO E 138 66.76 22.81 7.75
C PRO E 138 67.94 21.99 8.28
N SER E 146 68.14 36.16 10.23
CA SER E 146 67.69 36.48 11.58
C SER E 146 66.57 35.53 12.01
N MET E 147 65.60 35.33 11.13
CA MET E 147 64.50 34.40 11.39
C MET E 147 64.69 33.13 10.57
N VAL E 148 64.10 32.04 11.05
CA VAL E 148 64.25 30.73 10.44
C VAL E 148 62.88 30.21 10.04
N THR E 149 62.84 29.46 8.94
CA THR E 149 61.60 28.96 8.36
C THR E 149 61.58 27.44 8.41
N LEU E 150 60.49 26.88 8.95
CA LEU E 150 60.26 25.45 9.01
C LEU E 150 59.16 25.07 8.01
N GLY E 151 58.95 23.77 7.85
CA GLY E 151 57.99 23.29 6.87
C GLY E 151 57.36 21.98 7.28
N CYS E 152 56.32 21.61 6.53
CA CYS E 152 55.55 20.40 6.79
C CYS E 152 54.95 19.91 5.48
N LEU E 153 55.07 18.61 5.21
CA LEU E 153 54.62 18.02 3.97
C LEU E 153 53.46 17.06 4.25
N VAL E 154 52.30 17.37 3.69
CA VAL E 154 51.12 16.52 3.78
C VAL E 154 50.89 15.91 2.41
N LYS E 155 51.18 14.61 2.27
CA LYS E 155 51.20 13.95 0.98
C LYS E 155 50.39 12.66 1.03
N GLY E 156 49.63 12.41 -0.04
CA GLY E 156 48.97 11.13 -0.22
C GLY E 156 47.65 10.97 0.50
N TYR E 157 46.79 11.97 0.43
CA TYR E 157 45.47 11.89 1.06
C TYR E 157 44.38 12.15 0.02
N PHE E 158 43.15 11.83 0.41
CA PHE E 158 41.98 12.04 -0.42
C PHE E 158 40.73 11.96 0.46
N PRO E 159 39.79 12.90 0.33
CA PRO E 159 39.91 14.04 -0.59
C PRO E 159 40.25 15.34 0.11
N GLU E 160 40.48 16.40 -0.66
CA GLU E 160 40.43 17.74 -0.12
C GLU E 160 39.03 17.98 0.44
N PRO E 161 38.90 18.75 1.54
CA PRO E 161 39.88 19.58 2.24
C PRO E 161 40.75 18.86 3.27
N VAL E 162 41.92 19.43 3.52
CA VAL E 162 42.76 19.11 4.67
C VAL E 162 43.07 20.41 5.38
N THR E 163 42.91 20.42 6.70
CA THR E 163 43.20 21.58 7.52
C THR E 163 44.52 21.37 8.23
N VAL E 164 45.40 22.36 8.15
CA VAL E 164 46.74 22.27 8.72
C VAL E 164 47.04 23.56 9.47
N THR E 165 47.53 23.43 10.70
CA THR E 165 47.98 24.57 11.50
C THR E 165 49.20 24.12 12.28
N TRP E 166 49.94 25.08 12.83
CA TRP E 166 51.28 24.78 13.35
C TRP E 166 51.31 24.60 14.87
N ASN E 167 50.83 25.55 15.64
CA ASN E 167 50.64 25.25 17.04
C ASN E 167 49.22 25.48 17.50
N SER E 168 48.56 26.52 17.01
CA SER E 168 47.14 26.70 17.21
C SER E 168 46.38 25.56 16.56
N LEU E 171 50.50 30.55 17.12
CA LEU E 171 51.37 30.85 15.98
C LEU E 171 50.56 31.36 14.79
N SER E 172 50.34 32.67 14.73
CA SER E 172 49.47 33.28 13.74
C SER E 172 50.22 33.83 12.53
N SER E 173 51.38 34.43 12.73
CA SER E 173 52.02 35.21 11.69
C SER E 173 52.93 34.37 10.81
N GLY E 174 53.09 34.81 9.56
CA GLY E 174 54.08 34.25 8.66
C GLY E 174 53.89 32.79 8.30
N VAL E 175 52.71 32.23 8.52
CA VAL E 175 52.42 30.84 8.18
C VAL E 175 51.74 30.80 6.82
N HIS E 176 52.28 29.99 5.92
CA HIS E 176 51.76 29.87 4.55
C HIS E 176 51.35 28.43 4.31
N THR E 177 50.08 28.24 3.96
CA THR E 177 49.55 26.93 3.58
C THR E 177 49.24 26.95 2.09
N PHE E 178 49.92 26.11 1.33
CA PHE E 178 49.78 26.19 -0.11
C PHE E 178 48.65 25.28 -0.59
N PRO E 179 47.94 25.69 -1.64
CA PRO E 179 46.87 24.86 -2.19
C PRO E 179 47.39 23.50 -2.64
N ALA E 180 46.63 22.46 -2.33
CA ALA E 180 47.03 21.11 -2.66
C ALA E 180 46.95 20.88 -4.17
N VAL E 181 47.82 19.98 -4.66
CA VAL E 181 47.85 19.60 -6.06
C VAL E 181 47.76 18.08 -6.14
N LEU E 182 46.84 17.59 -6.96
CA LEU E 182 46.64 16.15 -7.12
C LEU E 182 47.54 15.60 -8.21
N SER E 184 47.33 11.37 -10.05
CA SER E 184 47.73 10.21 -9.25
C SER E 184 46.66 9.87 -8.21
N ASP E 185 45.60 10.67 -8.19
CA ASP E 185 44.42 10.51 -7.35
C ASP E 185 44.68 10.78 -5.87
N LEU E 186 45.88 11.21 -5.48
CA LEU E 186 46.19 11.53 -4.10
C LEU E 186 46.68 12.97 -4.02
N TYR E 187 46.04 13.77 -3.18
CA TYR E 187 46.41 15.16 -3.02
C TYR E 187 47.70 15.30 -2.21
N THR E 188 48.38 16.43 -2.43
CA THR E 188 49.63 16.72 -1.74
C THR E 188 49.77 18.22 -1.60
N LEU E 189 50.05 18.68 -0.38
CA LEU E 189 50.31 20.09 -0.14
C LEU E 189 51.45 20.21 0.87
N SER E 190 51.92 21.45 1.04
CA SER E 190 52.97 21.76 2.01
C SER E 190 52.58 23.03 2.75
N SER E 191 53.19 23.21 3.92
CA SER E 191 52.94 24.37 4.76
C SER E 191 54.26 24.86 5.35
N SER E 192 54.44 26.18 5.36
CA SER E 192 55.66 26.80 5.86
C SER E 192 55.33 27.84 6.91
N VAL E 193 56.25 28.02 7.85
CA VAL E 193 56.14 29.03 8.89
C VAL E 193 57.54 29.56 9.20
N THR E 194 57.63 30.86 9.42
CA THR E 194 58.93 31.50 9.68
C THR E 194 59.10 31.83 11.16
N THR E 204 60.25 23.81 20.64
CA THR E 204 59.83 22.84 19.64
C THR E 204 58.62 23.33 18.85
N VAL E 205 58.68 23.14 17.53
CA VAL E 205 57.58 23.47 16.64
C VAL E 205 57.04 22.17 16.05
N THR E 206 55.71 22.11 15.92
CA THR E 206 55.03 20.89 15.53
C THR E 206 54.09 21.19 14.36
N CYS E 207 53.80 20.17 13.55
CA CYS E 207 52.82 20.28 12.49
C CYS E 207 51.52 19.60 12.93
N ASN E 208 50.40 20.27 12.72
CA ASN E 208 49.10 19.77 13.13
C ASN E 208 48.16 19.78 11.93
N VAL E 209 47.85 18.59 11.41
CA VAL E 209 47.08 18.43 10.18
C VAL E 209 45.81 17.66 10.49
N ALA E 210 44.71 18.06 9.84
CA ALA E 210 43.42 17.41 10.03
C ALA E 210 42.84 17.02 8.68
N HIS E 211 42.32 15.80 8.60
CA HIS E 211 41.59 15.30 7.45
C HIS E 211 40.19 14.93 7.89
N PRO E 212 39.15 15.51 7.30
CA PRO E 212 37.77 15.16 7.72
C PRO E 212 37.48 13.68 7.72
N ALA E 213 38.04 12.94 6.75
CA ALA E 213 37.76 11.51 6.61
C ALA E 213 38.70 10.69 7.47
N SER E 214 38.48 10.79 8.78
CA SER E 214 38.97 9.81 9.76
C SER E 214 40.51 9.70 9.76
N SER E 215 41.18 10.84 9.61
CA SER E 215 42.63 10.91 9.81
C SER E 215 42.92 11.87 10.95
N THR E 216 43.77 11.43 11.88
CA THR E 216 43.67 11.82 13.28
C THR E 216 44.66 12.93 13.64
N LYS E 217 44.25 14.17 13.35
CA LYS E 217 44.81 15.39 13.98
C LYS E 217 46.28 15.29 14.37
N VAL E 218 47.13 14.85 13.42
CA VAL E 218 48.46 14.40 13.76
C VAL E 218 49.31 15.56 14.30
N ASP E 219 50.25 15.21 15.16
CA ASP E 219 51.26 16.14 15.65
C ASP E 219 52.64 15.60 15.29
N LYS E 220 53.40 16.39 14.52
CA LYS E 220 54.76 16.03 14.14
C LYS E 220 55.67 17.21 14.46
N LYS E 221 56.52 17.04 15.46
CA LYS E 221 57.46 18.08 15.82
C LYS E 221 58.55 18.21 14.75
N ILE E 222 59.12 19.41 14.65
CA ILE E 222 60.20 19.68 13.72
C ILE E 222 61.50 19.69 14.51
N VAL E 223 62.31 18.65 14.35
CA VAL E 223 63.56 18.52 15.07
C VAL E 223 64.72 18.59 14.07
N PRO E 224 65.87 19.16 14.44
CA PRO E 224 67.04 19.28 13.55
C PRO E 224 67.57 17.92 13.09
N ASP F 1 21.41 31.04 -24.02
CA ASP F 1 21.87 31.58 -22.75
C ASP F 1 22.68 32.86 -22.97
N ILE F 2 22.37 33.89 -22.18
CA ILE F 2 23.12 35.14 -22.24
C ILE F 2 24.50 34.90 -21.63
N VAL F 3 25.53 34.91 -22.47
CA VAL F 3 26.90 34.66 -22.03
C VAL F 3 27.53 35.98 -21.60
N LEU F 4 28.13 35.99 -20.41
CA LEU F 4 28.79 37.18 -19.87
C LEU F 4 30.29 37.02 -20.01
N THR F 5 30.92 37.99 -20.68
CA THR F 5 32.37 38.01 -20.87
C THR F 5 32.95 39.20 -20.13
N GLN F 6 33.84 38.93 -19.19
CA GLN F 6 34.49 39.98 -18.42
C GLN F 6 35.83 40.36 -19.04
N SER F 7 36.26 41.58 -18.74
CA SER F 7 37.53 42.08 -19.23
C SER F 7 38.06 43.10 -18.22
N PRO F 8 39.31 42.96 -17.77
CA PRO F 8 40.23 41.89 -18.16
C PRO F 8 40.14 40.66 -17.25
N ASP F 9 41.01 39.68 -17.48
CA ASP F 9 41.06 38.51 -16.60
C ASP F 9 41.71 38.86 -15.26
N SER F 10 42.79 39.64 -15.30
CA SER F 10 43.48 40.07 -14.09
C SER F 10 43.79 41.54 -14.20
N LEU F 11 43.92 42.20 -13.03
CA LEU F 11 44.21 43.63 -12.98
C LEU F 11 45.04 43.93 -11.76
N ALA F 12 46.10 44.72 -11.95
CA ALA F 12 46.96 45.16 -10.87
C ALA F 12 46.79 46.67 -10.71
N VAL F 13 46.26 47.08 -9.56
CA VAL F 13 45.97 48.49 -9.28
C VAL F 13 46.70 48.90 -8.01
N SER F 14 47.40 50.02 -8.07
CA SER F 14 48.11 50.52 -6.90
C SER F 14 47.12 51.08 -5.89
N LEU F 15 47.58 51.19 -4.64
CA LEU F 15 46.73 51.70 -3.57
C LEU F 15 46.37 53.16 -3.83
N GLY F 16 45.08 53.46 -3.75
CA GLY F 16 44.58 54.80 -4.01
C GLY F 16 44.30 55.10 -5.46
N GLN F 17 44.52 54.16 -6.36
CA GLN F 17 44.31 54.35 -7.78
C GLN F 17 42.92 53.86 -8.19
N ARG F 18 42.64 53.91 -9.49
CA ARG F 18 41.32 53.55 -10.02
C ARG F 18 41.33 52.12 -10.53
N ALA F 19 40.30 51.36 -10.17
CA ALA F 19 40.11 49.99 -10.63
C ALA F 19 38.87 49.92 -11.49
N THR F 20 39.01 49.44 -12.72
CA THR F 20 37.92 49.39 -13.68
C THR F 20 37.80 47.97 -14.22
N ILE F 21 36.63 47.36 -14.04
CA ILE F 21 36.33 46.03 -14.55
C ILE F 21 35.11 46.14 -15.46
N SER F 22 35.21 45.58 -16.65
CA SER F 22 34.15 45.65 -17.64
C SER F 22 33.48 44.29 -17.81
N CYS F 23 32.20 44.33 -18.20
CA CYS F 23 31.39 43.13 -18.39
C CYS F 23 30.52 43.32 -19.62
N ARG F 24 30.70 42.46 -20.62
CA ARG F 24 29.96 42.53 -21.87
C ARG F 24 29.02 41.34 -21.98
N ALA F 25 27.75 41.62 -22.31
CA ALA F 25 26.73 40.59 -22.40
C ALA F 25 26.41 40.30 -23.87
N SER F 26 26.18 39.02 -24.17
CA SER F 26 25.85 38.62 -25.53
C SER F 26 24.49 39.13 -25.96
N GLU F 27 23.58 39.31 -25.01
CA GLU F 27 22.24 39.82 -25.28
C GLU F 27 21.95 40.97 -24.34
N SER F 28 20.90 41.73 -24.66
CA SER F 28 20.49 42.85 -23.81
C SER F 28 19.92 42.32 -22.50
N VAL F 29 20.43 42.84 -21.38
CA VAL F 29 19.96 42.44 -20.06
C VAL F 29 19.11 43.54 -19.43
N ASP F 30 18.65 44.49 -20.23
CA ASP F 30 17.78 45.56 -19.75
C ASP F 30 16.32 45.16 -19.95
N ASN F 31 15.47 45.62 -19.02
CA ASN F 31 14.05 45.37 -19.10
C ASN F 31 13.32 46.32 -18.16
N TYR F 32 12.27 46.97 -18.68
CA TYR F 32 11.48 47.93 -17.91
C TYR F 32 12.35 49.08 -17.39
N GLY F 33 13.23 49.58 -18.24
CA GLY F 33 14.05 50.73 -17.92
C GLY F 33 15.20 50.47 -16.96
N ILE F 34 15.28 49.30 -16.34
CA ILE F 34 16.34 48.98 -15.41
C ILE F 34 17.15 47.81 -15.95
N SER F 35 18.42 47.77 -15.56
CA SER F 35 19.35 46.75 -16.02
C SER F 35 19.50 45.66 -14.95
N PHE F 36 19.49 44.40 -15.39
CA PHE F 36 19.53 43.26 -14.49
C PHE F 36 20.94 42.75 -14.23
N MET F 37 21.94 43.63 -14.25
CA MET F 37 23.33 43.24 -14.04
C MET F 37 23.69 43.44 -12.57
N ASN F 38 24.32 42.41 -11.98
CA ASN F 38 24.78 42.45 -10.60
C ASN F 38 26.28 42.16 -10.54
N TRP F 39 26.93 42.70 -9.53
CA TRP F 39 28.36 42.50 -9.31
C TRP F 39 28.59 41.84 -7.95
N PHE F 40 29.48 40.86 -7.91
CA PHE F 40 29.79 40.13 -6.70
C PHE F 40 31.28 40.15 -6.44
N GLN F 41 31.65 40.18 -5.16
CA GLN F 41 33.03 40.15 -4.71
C GLN F 41 33.26 38.88 -3.90
N GLN F 42 34.33 38.16 -4.22
CA GLN F 42 34.64 36.91 -3.52
C GLN F 42 36.13 36.85 -3.23
N LYS F 43 36.48 36.85 -1.93
CA LYS F 43 37.82 36.63 -1.42
C LYS F 43 38.07 35.14 -1.22
N PRO F 44 39.32 34.69 -1.32
CA PRO F 44 39.60 33.25 -1.21
C PRO F 44 39.19 32.70 0.15
N GLY F 45 38.52 31.55 0.12
CA GLY F 45 38.03 30.92 1.32
C GLY F 45 36.73 31.48 1.87
N GLN F 46 36.18 32.51 1.24
CA GLN F 46 34.96 33.16 1.71
C GLN F 46 33.88 33.12 0.64
N PRO F 47 32.61 33.13 1.02
CA PRO F 47 31.54 33.13 0.03
C PRO F 47 31.45 34.47 -0.68
N PRO F 48 30.85 34.50 -1.87
CA PRO F 48 30.67 35.78 -2.56
C PRO F 48 29.74 36.71 -1.80
N LYS F 49 29.98 38.01 -1.95
CA LYS F 49 29.20 39.04 -1.29
C LYS F 49 28.59 39.96 -2.34
N LEU F 50 27.31 40.28 -2.18
CA LEU F 50 26.64 41.19 -3.10
C LEU F 50 27.26 42.57 -3.02
N LEU F 51 27.72 43.08 -4.15
CA LEU F 51 28.39 44.38 -4.21
C LEU F 51 27.51 45.44 -4.85
N ILE F 52 27.03 45.20 -6.07
CA ILE F 52 26.23 46.16 -6.82
C ILE F 52 25.02 45.43 -7.39
N TYR F 53 23.84 46.01 -7.21
CA TYR F 53 22.61 45.49 -7.83
C TYR F 53 22.03 46.55 -8.74
N ALA F 54 21.28 46.09 -9.74
CA ALA F 54 20.69 46.97 -10.77
C ALA F 54 21.77 47.75 -11.52
N ALA F 55 22.99 47.23 -11.52
CA ALA F 55 24.12 47.70 -12.33
C ALA F 55 24.66 49.05 -11.88
N SER F 56 23.96 49.73 -10.98
CA SER F 56 24.46 51.02 -10.51
C SER F 56 24.15 51.32 -9.04
N ASN F 57 23.51 50.43 -8.30
CA ASN F 57 23.10 50.69 -6.93
C ASN F 57 23.99 49.94 -5.96
N GLN F 58 24.40 50.62 -4.89
CA GLN F 58 25.23 49.99 -3.88
C GLN F 58 24.40 49.05 -3.01
N GLY F 59 24.98 47.90 -2.70
CA GLY F 59 24.31 46.92 -1.86
C GLY F 59 24.25 47.36 -0.41
N SER F 60 23.72 46.46 0.42
CA SER F 60 23.60 46.73 1.84
C SER F 60 24.97 46.81 2.49
N GLY F 61 25.30 47.95 3.08
CA GLY F 61 26.57 48.14 3.75
C GLY F 61 27.76 48.32 2.82
N VAL F 62 27.53 48.49 1.52
CA VAL F 62 28.62 48.69 0.58
C VAL F 62 29.00 50.17 0.58
N PRO F 63 30.26 50.51 0.82
CA PRO F 63 30.66 51.92 0.86
C PRO F 63 30.58 52.56 -0.53
N ALA F 64 30.64 53.89 -0.52
CA ALA F 64 30.51 54.66 -1.76
C ALA F 64 31.70 54.48 -2.69
N ARG F 65 32.79 53.85 -2.24
CA ARG F 65 33.95 53.69 -3.10
C ARG F 65 33.73 52.64 -4.18
N PHE F 66 32.76 51.75 -3.99
CA PHE F 66 32.34 50.83 -5.04
C PHE F 66 31.28 51.51 -5.89
N SER F 67 31.47 51.51 -7.20
CA SER F 67 30.56 52.19 -8.12
C SER F 67 30.35 51.33 -9.35
N GLY F 68 29.08 51.18 -9.75
CA GLY F 68 28.72 50.44 -10.95
C GLY F 68 28.13 51.38 -11.99
N SER F 69 28.33 51.02 -13.26
CA SER F 69 27.85 51.83 -14.37
C SER F 69 27.56 50.92 -15.55
N GLY F 70 27.02 51.50 -16.60
CA GLY F 70 26.73 50.78 -17.82
C GLY F 70 25.23 50.67 -18.08
N SER F 71 24.92 50.26 -19.31
CA SER F 71 23.54 50.06 -19.75
C SER F 71 23.56 49.20 -20.99
N GLY F 72 22.43 48.54 -21.25
CA GLY F 72 22.31 47.69 -22.41
C GLY F 72 23.13 46.41 -22.31
N THR F 73 24.24 46.35 -23.03
CA THR F 73 25.08 45.17 -23.06
C THR F 73 26.49 45.40 -22.56
N ASP F 74 26.82 46.63 -22.14
CA ASP F 74 28.16 46.96 -21.66
C ASP F 74 28.06 47.61 -20.29
N PHE F 75 28.74 47.04 -19.31
CA PHE F 75 28.70 47.53 -17.94
C PHE F 75 30.12 47.60 -17.38
N SER F 76 30.27 48.36 -16.30
CA SER F 76 31.57 48.58 -15.69
C SER F 76 31.43 48.70 -14.18
N LEU F 77 32.47 48.27 -13.47
CA LEU F 77 32.55 48.36 -12.02
C LEU F 77 33.78 49.18 -11.66
N ASN F 78 33.60 50.19 -10.81
CA ASN F 78 34.65 51.14 -10.49
C ASN F 78 34.89 51.15 -8.98
N ILE F 79 36.10 50.83 -8.58
CA ILE F 79 36.53 50.95 -7.20
C ILE F 79 37.55 52.07 -7.16
N HIS F 80 37.13 53.21 -6.64
CA HIS F 80 38.01 54.34 -6.37
C HIS F 80 38.71 54.05 -5.03
N PRO F 81 39.43 55.02 -4.40
CA PRO F 81 40.69 54.68 -3.71
C PRO F 81 40.87 53.21 -3.34
N MET F 82 41.81 52.56 -4.03
CA MET F 82 42.02 51.13 -3.88
C MET F 82 42.57 50.83 -2.50
N GLU F 83 41.82 50.06 -1.73
CA GLU F 83 42.19 49.71 -0.37
C GLU F 83 42.82 48.32 -0.34
N GLU F 84 43.42 47.99 0.80
CA GLU F 84 44.06 46.69 0.96
C GLU F 84 43.05 45.56 1.04
N ASP F 85 41.79 45.86 1.32
CA ASP F 85 40.80 44.81 1.52
C ASP F 85 40.10 44.40 0.22
N ASP F 86 40.49 44.96 -0.92
CA ASP F 86 39.78 44.75 -2.17
C ASP F 86 40.38 43.63 -3.02
N THR F 87 41.44 42.98 -2.56
CA THR F 87 42.02 41.85 -3.29
C THR F 87 41.06 40.67 -3.23
N ALA F 88 40.39 40.39 -4.34
CA ALA F 88 39.38 39.34 -4.38
C ALA F 88 39.03 39.05 -5.83
N MET F 89 38.15 38.06 -6.02
CA MET F 89 37.58 37.76 -7.33
C MET F 89 36.28 38.54 -7.50
N TYR F 90 36.08 39.08 -8.70
CA TYR F 90 34.90 39.89 -9.01
C TYR F 90 34.16 39.28 -10.19
N PHE F 91 32.86 39.06 -10.01
CA PHE F 91 32.00 38.47 -11.03
C PHE F 91 30.84 39.39 -11.34
N CYS F 92 30.45 39.45 -12.61
CA CYS F 92 29.20 40.08 -13.00
C CYS F 92 28.16 38.99 -13.27
N GLN F 93 26.92 39.28 -12.91
CA GLN F 93 25.83 38.30 -13.00
C GLN F 93 24.56 39.00 -13.46
N GLN F 94 23.88 38.37 -14.42
CA GLN F 94 22.64 38.91 -14.96
C GLN F 94 21.45 38.08 -14.47
N SER F 95 20.32 38.75 -14.27
CA SER F 95 19.09 38.10 -13.86
C SER F 95 17.91 38.49 -14.74
N LYS F 96 18.19 38.95 -15.97
CA LYS F 96 17.11 39.35 -16.87
C LYS F 96 16.40 38.14 -17.45
N GLU F 97 17.14 37.08 -17.77
CA GLU F 97 16.58 35.90 -18.40
C GLU F 97 17.13 34.65 -17.74
N VAL F 98 16.32 33.60 -17.75
CA VAL F 98 16.75 32.28 -17.28
C VAL F 98 17.46 31.56 -18.42
N PRO F 99 18.62 30.92 -18.17
CA PRO F 99 19.28 30.74 -16.87
C PRO F 99 20.12 31.93 -16.41
N TRP F 100 20.21 32.10 -15.09
CA TRP F 100 21.13 33.09 -14.53
C TRP F 100 22.56 32.66 -14.81
N THR F 101 23.36 33.60 -15.31
CA THR F 101 24.73 33.31 -15.70
C THR F 101 25.68 34.29 -15.01
N PHE F 102 26.90 33.82 -14.77
CA PHE F 102 27.96 34.62 -14.19
C PHE F 102 29.05 34.86 -15.23
N GLY F 103 29.79 35.95 -15.05
CA GLY F 103 30.96 36.20 -15.87
C GLY F 103 32.08 35.24 -15.53
N GLY F 104 33.12 35.27 -16.37
CA GLY F 104 34.25 34.39 -16.16
C GLY F 104 35.01 34.68 -14.88
N GLY F 105 34.94 35.91 -14.39
CA GLY F 105 35.64 36.29 -13.19
C GLY F 105 36.88 37.11 -13.48
N THR F 106 37.18 38.05 -12.59
CA THR F 106 38.33 38.93 -12.73
C THR F 106 39.08 38.98 -11.40
N LYS F 107 40.36 38.61 -11.43
CA LYS F 107 41.21 38.62 -10.25
C LYS F 107 41.84 39.99 -10.11
N LEU F 108 41.43 40.75 -9.09
CA LEU F 108 41.97 42.08 -8.83
C LEU F 108 42.99 41.98 -7.69
N GLU F 109 44.23 42.37 -7.97
CA GLU F 109 45.30 42.32 -7.00
C GLU F 109 45.92 43.70 -6.83
N ILE F 110 46.59 43.88 -5.70
CA ILE F 110 47.20 45.15 -5.35
C ILE F 110 48.59 45.23 -5.97
N LYS F 111 48.88 46.33 -6.64
CA LYS F 111 50.21 46.60 -7.19
C LYS F 111 51.01 47.38 -6.14
N ARG F 112 52.14 46.81 -5.74
CA ARG F 112 53.02 47.35 -4.71
C ARG F 112 54.45 47.25 -5.18
N ALA F 113 55.37 47.72 -4.32
CA ALA F 113 56.79 47.67 -4.64
C ALA F 113 57.28 46.23 -4.76
N ASP F 114 58.19 46.01 -5.71
CA ASP F 114 58.73 44.67 -5.95
C ASP F 114 59.57 44.22 -4.76
N ALA F 115 59.57 42.91 -4.53
CA ALA F 115 60.30 42.32 -3.41
C ALA F 115 60.82 40.95 -3.83
N ALA F 116 62.08 40.67 -3.49
CA ALA F 116 62.69 39.40 -3.84
C ALA F 116 62.25 38.32 -2.86
N PRO F 117 62.10 37.09 -3.33
CA PRO F 117 61.66 36.00 -2.44
C PRO F 117 62.78 35.48 -1.55
N THR F 118 62.38 34.93 -0.41
CA THR F 118 63.29 34.25 0.50
C THR F 118 63.18 32.76 0.23
N VAL F 119 64.24 32.17 -0.28
CA VAL F 119 64.23 30.78 -0.72
C VAL F 119 64.74 29.88 0.40
N SER F 120 64.03 28.77 0.63
CA SER F 120 64.43 27.77 1.60
C SER F 120 64.15 26.39 1.02
N ILE F 121 65.19 25.55 0.93
CA ILE F 121 65.07 24.20 0.41
C ILE F 121 65.21 23.23 1.57
N PHE F 122 64.46 22.12 1.50
CA PHE F 122 64.43 21.14 2.58
C PHE F 122 64.61 19.74 1.99
N PRO F 123 65.53 18.95 2.53
CA PRO F 123 65.72 17.59 2.03
C PRO F 123 64.59 16.68 2.52
N PRO F 124 64.39 15.54 1.86
CA PRO F 124 63.35 14.61 2.32
C PRO F 124 63.65 14.10 3.72
N SER F 125 62.60 14.05 4.55
CA SER F 125 62.75 13.57 5.92
C SER F 125 63.03 12.07 5.93
N SER F 126 63.53 11.60 7.07
CA SER F 126 63.84 10.17 7.20
C SER F 126 62.58 9.32 7.20
N GLU F 127 61.44 9.87 7.62
CA GLU F 127 60.20 9.11 7.61
C GLU F 127 59.73 8.83 6.19
N GLN F 128 59.87 9.81 5.29
CA GLN F 128 59.41 9.61 3.91
C GLN F 128 60.32 8.64 3.17
N LEU F 129 61.64 8.71 3.43
CA LEU F 129 62.56 7.79 2.78
C LEU F 129 62.31 6.35 3.21
N THR F 130 61.77 6.15 4.41
CA THR F 130 61.44 4.80 4.87
C THR F 130 60.31 4.19 4.04
N SER F 131 59.36 5.02 3.61
CA SER F 131 58.23 4.54 2.82
C SER F 131 58.59 4.28 1.37
N GLY F 132 59.77 4.70 0.92
CA GLY F 132 60.20 4.46 -0.44
C GLY F 132 60.14 5.66 -1.36
N GLY F 133 59.69 6.82 -0.86
CA GLY F 133 59.62 8.02 -1.66
C GLY F 133 60.65 9.05 -1.23
N ALA F 134 60.76 10.10 -2.05
CA ALA F 134 61.72 11.17 -1.77
C ALA F 134 61.22 12.44 -2.45
N SER F 135 60.80 13.41 -1.67
CA SER F 135 60.31 14.70 -2.17
C SER F 135 61.14 15.81 -1.55
N VAL F 136 61.77 16.62 -2.40
CA VAL F 136 62.52 17.79 -1.95
C VAL F 136 61.66 19.02 -2.15
N VAL F 137 61.55 19.84 -1.12
CA VAL F 137 60.67 21.00 -1.11
C VAL F 137 61.50 22.28 -1.15
N CYS F 138 61.04 23.25 -1.94
CA CYS F 138 61.70 24.53 -2.09
C CYS F 138 60.66 25.62 -1.86
N PHE F 139 60.80 26.35 -0.76
CA PHE F 139 59.84 27.39 -0.39
C PHE F 139 60.31 28.75 -0.89
N LEU F 140 59.39 29.51 -1.48
CA LEU F 140 59.65 30.86 -1.97
C LEU F 140 58.56 31.76 -1.39
N ASN F 141 58.90 32.50 -0.34
CA ASN F 141 57.92 33.23 0.46
C ASN F 141 58.07 34.73 0.31
N ASN F 142 56.94 35.43 0.31
CA ASN F 142 56.86 36.88 0.42
C ASN F 142 57.63 37.58 -0.70
N PHE F 143 57.11 37.42 -1.91
CA PHE F 143 57.66 38.08 -3.09
C PHE F 143 56.52 38.69 -3.91
N TYR F 144 56.90 39.65 -4.75
CA TYR F 144 55.96 40.32 -5.64
C TYR F 144 56.74 40.84 -6.84
N PRO F 145 56.21 40.73 -8.06
CA PRO F 145 54.89 40.19 -8.45
C PRO F 145 54.76 38.67 -8.35
N LYS F 146 53.58 38.16 -8.68
CA LYS F 146 53.31 36.74 -8.53
C LYS F 146 54.07 35.90 -9.55
N ASP F 147 54.40 36.47 -10.71
CA ASP F 147 55.10 35.72 -11.75
C ASP F 147 56.53 35.43 -11.32
N ILE F 148 56.91 34.15 -11.36
CA ILE F 148 58.25 33.73 -10.99
C ILE F 148 58.51 32.38 -11.63
N ASN F 149 59.76 32.14 -12.01
CA ASN F 149 60.16 30.91 -12.69
C ASN F 149 61.10 30.12 -11.78
N VAL F 150 60.74 28.87 -11.52
CA VAL F 150 61.55 27.97 -10.71
C VAL F 150 62.00 26.81 -11.60
N LYS F 151 63.31 26.53 -11.59
CA LYS F 151 63.88 25.47 -12.38
C LYS F 151 64.65 24.52 -11.48
N TRP F 152 64.22 23.26 -11.44
CA TRP F 152 64.91 22.22 -10.68
C TRP F 152 66.02 21.62 -11.53
N LYS F 153 67.23 21.59 -10.98
CA LYS F 153 68.40 21.03 -11.66
C LYS F 153 69.09 20.07 -10.70
N ILE F 154 68.81 18.77 -10.87
CA ILE F 154 69.44 17.74 -10.04
C ILE F 154 70.81 17.43 -10.65
N ASP F 155 71.87 17.93 -10.01
CA ASP F 155 73.24 17.77 -10.49
C ASP F 155 73.40 18.29 -11.92
N GLY F 156 72.72 19.40 -12.21
CA GLY F 156 72.76 20.00 -13.53
C GLY F 156 71.65 19.55 -14.44
N ARG F 159 66.01 18.61 -13.69
CA ARG F 159 64.79 17.86 -13.96
C ARG F 159 63.60 18.80 -14.17
N GLN F 160 62.78 18.49 -15.18
CA GLN F 160 61.58 19.25 -15.48
C GLN F 160 60.30 18.50 -15.16
N ASN F 161 60.30 17.17 -15.29
CA ASN F 161 59.14 16.36 -14.97
C ASN F 161 59.19 15.92 -13.52
N GLY F 162 58.01 15.77 -12.92
CA GLY F 162 57.90 15.42 -11.52
C GLY F 162 57.88 16.60 -10.57
N VAL F 163 57.77 17.82 -11.09
CA VAL F 163 57.73 19.03 -10.28
C VAL F 163 56.30 19.53 -10.22
N LEU F 164 55.81 19.79 -9.01
CA LEU F 164 54.47 20.31 -8.79
C LEU F 164 54.58 21.59 -8.00
N ASN F 165 54.04 22.68 -8.55
CA ASN F 165 54.12 24.00 -7.94
C ASN F 165 52.75 24.46 -7.48
N SER F 166 52.74 25.29 -6.43
CA SER F 166 51.49 25.77 -5.85
C SER F 166 51.70 27.17 -5.32
N TRP F 167 50.99 28.15 -5.87
CA TRP F 167 51.02 29.52 -5.40
C TRP F 167 49.91 29.76 -4.39
N THR F 168 50.21 30.56 -3.37
CA THR F 168 49.17 31.05 -2.50
C THR F 168 48.47 32.25 -3.14
N ASP F 169 47.26 32.53 -2.67
CA ASP F 169 46.62 33.78 -3.06
C ASP F 169 47.39 34.95 -2.46
N GLN F 170 47.18 36.14 -3.04
CA GLN F 170 47.81 37.32 -2.50
C GLN F 170 47.38 37.53 -1.05
N ASP F 171 48.35 37.88 -0.20
CA ASP F 171 48.10 37.95 1.23
C ASP F 171 46.97 38.92 1.57
N SER F 172 46.75 39.93 0.71
CA SER F 172 45.76 40.99 0.93
C SER F 172 46.15 41.86 2.12
N LYS F 173 47.23 41.47 2.81
CA LYS F 173 47.87 42.26 3.85
C LYS F 173 49.37 42.20 3.53
N ASP F 174 49.92 43.33 3.10
CA ASP F 174 51.22 43.62 2.51
C ASP F 174 51.29 43.13 1.06
N SER F 175 50.29 42.40 0.57
CA SER F 175 50.14 42.09 -0.85
C SER F 175 51.36 41.36 -1.42
N THR F 176 51.83 40.35 -0.70
CA THR F 176 52.93 39.51 -1.18
C THR F 176 52.40 38.13 -1.57
N TYR F 177 53.24 37.37 -2.27
CA TYR F 177 52.92 36.04 -2.73
C TYR F 177 53.91 35.04 -2.19
N SER F 178 53.49 33.77 -2.15
CA SER F 178 54.33 32.67 -1.70
C SER F 178 54.09 31.48 -2.60
N MET F 179 55.13 30.67 -2.78
CA MET F 179 55.09 29.55 -3.72
C MET F 179 55.94 28.41 -3.18
N SER F 180 55.40 27.19 -3.24
CA SER F 180 56.11 25.99 -2.85
C SER F 180 56.35 25.13 -4.07
N SER F 181 57.57 24.62 -4.23
CA SER F 181 57.94 23.75 -5.34
C SER F 181 58.38 22.42 -4.78
N THR F 182 57.70 21.35 -5.19
CA THR F 182 57.96 20.00 -4.70
C THR F 182 58.38 19.12 -5.86
N LEU F 183 59.60 18.59 -5.80
CA LEU F 183 60.12 17.65 -6.78
C LEU F 183 60.01 16.24 -6.21
N THR F 184 59.12 15.44 -6.78
CA THR F 184 58.87 14.08 -6.30
C THR F 184 59.61 13.09 -7.20
N LEU F 185 60.51 12.33 -6.59
CA LEU F 185 61.28 11.30 -7.28
C LEU F 185 61.15 9.98 -6.53
N THR F 186 61.57 8.90 -7.18
CA THR F 186 61.62 7.62 -6.52
C THR F 186 62.90 7.52 -5.69
N LYS F 187 62.88 6.62 -4.69
CA LYS F 187 64.05 6.42 -3.87
C LYS F 187 65.22 5.84 -4.66
N ASP F 188 64.96 5.29 -5.85
CA ASP F 188 66.03 4.83 -6.72
C ASP F 188 66.74 5.99 -7.40
N GLU F 189 65.97 6.96 -7.92
CA GLU F 189 66.57 8.13 -8.54
C GLU F 189 67.24 9.02 -7.49
N TYR F 190 66.59 9.22 -6.35
CA TYR F 190 67.20 9.93 -5.24
C TYR F 190 68.28 9.06 -4.60
N GLU F 191 69.19 9.72 -3.87
CA GLU F 191 70.32 9.09 -3.22
C GLU F 191 71.32 8.54 -4.24
N ARG F 192 70.99 8.62 -5.53
CA ARG F 192 71.95 8.36 -6.58
C ARG F 192 72.79 9.59 -6.90
N HIS F 193 72.31 10.77 -6.53
CA HIS F 193 73.04 12.02 -6.64
C HIS F 193 73.22 12.61 -5.24
N ASN F 194 73.89 13.76 -5.18
CA ASN F 194 74.14 14.39 -3.89
C ASN F 194 73.72 15.86 -3.91
N SER F 195 73.81 16.50 -5.07
CA SER F 195 73.54 17.93 -5.20
C SER F 195 72.18 18.13 -5.86
N TYR F 196 71.30 18.86 -5.17
CA TYR F 196 69.98 19.20 -5.68
C TYR F 196 69.78 20.71 -5.55
N THR F 197 69.21 21.32 -6.58
CA THR F 197 69.13 22.77 -6.67
C THR F 197 67.78 23.21 -7.21
N CYS F 198 67.19 24.23 -6.59
CA CYS F 198 66.04 24.94 -7.13
C CYS F 198 66.45 26.38 -7.41
N GLU F 199 66.40 26.78 -8.67
CA GLU F 199 66.79 28.11 -9.11
C GLU F 199 65.55 28.98 -9.28
N ALA F 200 65.58 30.18 -8.71
CA ALA F 200 64.45 31.09 -8.72
C ALA F 200 64.78 32.30 -9.58
N THR F 201 64.08 32.44 -10.70
CA THR F 201 64.22 33.58 -11.58
C THR F 201 63.04 34.53 -11.35
N HIS F 202 63.34 35.76 -10.95
CA HIS F 202 62.32 36.74 -10.60
C HIS F 202 62.61 38.05 -11.32
N LYS F 203 61.60 38.92 -11.36
CA LYS F 203 61.75 40.22 -11.99
C LYS F 203 62.90 41.01 -11.36
N THR F 204 63.00 40.98 -10.04
CA THR F 204 64.14 41.62 -9.38
C THR F 204 65.42 40.82 -9.58
N SER F 205 65.30 39.50 -9.75
CA SER F 205 66.46 38.66 -9.94
C SER F 205 67.07 38.88 -11.32
N THR F 206 68.34 38.53 -11.45
CA THR F 206 69.06 38.67 -12.71
C THR F 206 70.29 37.76 -12.74
N ILE F 209 67.68 33.58 -7.48
CA ILE F 209 67.98 33.11 -6.14
C ILE F 209 68.13 31.59 -6.14
N VAL F 210 69.25 31.11 -5.60
CA VAL F 210 69.60 29.69 -5.63
C VAL F 210 69.87 29.21 -4.21
N LYS F 211 69.19 28.15 -3.80
CA LYS F 211 69.46 27.45 -2.55
C LYS F 211 69.56 25.96 -2.84
N SER F 212 70.56 25.32 -2.23
CA SER F 212 70.86 23.92 -2.53
C SER F 212 71.32 23.22 -1.26
N PHE F 213 71.45 21.90 -1.35
CA PHE F 213 71.89 21.08 -0.23
C PHE F 213 72.65 19.87 -0.78
N ASN F 214 73.43 19.26 0.10
CA ASN F 214 74.20 18.07 -0.27
C ASN F 214 73.51 16.81 0.24
#